data_9MHF
#
_entry.id   9MHF
#
_cell.length_a   1.00
_cell.length_b   1.00
_cell.length_c   1.00
_cell.angle_alpha   90.00
_cell.angle_beta   90.00
_cell.angle_gamma   90.00
#
_symmetry.space_group_name_H-M   'P 1'
#
loop_
_entity.id
_entity.type
_entity.pdbx_description
1 polymer 'Phosphoinositide 3-kinase regulatory subunit 4'
2 polymer 'Phosphatidylinositol 3-kinase catalytic subunit type 3'
3 polymer 'Beclin 1-associated autophagy-related key regulator'
4 polymer Beclin-1
5 polymer 'Ras-related protein Rab-1A'
6 non-polymer "GUANOSINE-5'-TRIPHOSPHATE"
7 non-polymer 'MAGNESIUM ION'
8 non-polymer 'MYRISTIC ACID'
9 water water
#
loop_
_entity_poly.entity_id
_entity_poly.type
_entity_poly.pdbx_seq_one_letter_code
_entity_poly.pdbx_strand_id
1 'polypeptide(L)'
;MGNQLAGIAPSQILSVESYFSDIHDFEYDKSLGSTRFFKVARAKHREGLVVVKVFAIQDPTLPLTSYKQELEELKIRLNS
AQNCLPFQKASEKASEKAAMLFRQYVRDNLYDRISTRPFLNNIEKRWIAFQILTAVDQAHKSGVRHGDIKTENVMVTSWN
WVLLTDFASFKPTYLPEDNPADFNYFFDTSRRRTCYIAPERFVDGGMFATELEYMRDPSTPLVDLNSNQRTRGELKRAMD
IFSAGCVIAELFTEGVPLFDLSQLLAYRNGHFFPEQVLNKIEDHSIRELVTQMIHREPDKRLEAEDYLKQQRGNAFPEIF
YTFLQPYMAQFAKETFLSADERILVIRKDLGNIIHNLCGHDLPEKAEGEPKENGLVILVSVITSCLQTLKYCDSKLAALE
LILHLAPRLSVEILLDRITPYLLHFSNDSVPRVRAEALRTLTKVLALVKEVPRNDINIYPEYILPGIAHLAQDDATIVRL
AYAENIALLAETALRFLELVQLKNLNMENDPNNEEIDEVTHPNGNYDTELQALHEMVQQKVVTLLSDPENIVKQTLMENG
ITRLCVFFGRQKANDVLLSHMITFLNDKNDWHLRGAFFDSIVGVAAYVGWQSSSILKPLLQQGLSDAEEFVIVKALYALT
CMCQLGLLQKPHVYEFASDIAPFLCHPNLWIRYGAVGFITVVARQISTADVYCKLMPYLDPYITQPIIQIERKLVLLSVL
KEPVSRSIFDYALRSKDITSLFRHLHMRQKKRNGSLPDCPPPEDPAIAQLLKKLLSQGMTEEEEDKLLALKDFMMKSNKA
KANIVDQSHLHDSSQKGVIDLAALGITGRQVDLVKTKQEPDDKRARKHVKQDSNVNEEWKSMFGSLDPPNMPQALPKGSD
QEVIQTGKPPRSESSAGICVPLSTSSQVPEVTTVQNKKPVIPVLSSTILPSTYQIRITTCKTELQQLIQQKREQCNAERI
AKQMMENAEWESKPPPPGWRPKGLLVAHLHEHKSAVNRIRVSDEHSLFATCSNDGTVKIWNSQKMEGKTTTTRSILTYSR
IGGRVKTLTFCQGSHYLAIASDNGAVQLLGIEASKLPKSPKIHPLQSRILDQKEDGCVVDMHHFNSGAQSVLAYATVNGS
LVGWDLRSSSNAWTLKHDLKSGLITSFAVDIHQCWLCIGTSSGTMACWDMRFQLPISSHCHPSRARIRRLSMHPLYQSWV
IAAVQGNNEVSMWDMETGDRRFTLWASSAPPLSELQPSPHSVHGIYCSPADGNPILLTAGSDMKIRFWDLAYPERSYVVA
GSTSSPSVSYYRKIIEGTEVVQEIQNKQKVGPSDDTPRRGPESLPVGHHDIITDVATFQTTQGFIVTASRDGIVKVWKGT
ENLYFQSGMAAWSHPQFEKGGGARGGSGGGSWSHPQFEKGFDYKDDDDK
;
A
2 'polypeptide(L)'
;MGEAEKFHYIYSCDLDINVQLKIGSLEGKREQKSYKAVLEDPMLKFSGLYQETCSDLYVTCQVFAEGKPLALPVRTSYKA
FSTRWNWNEWLKLPVKYPDLPRNAQVALTIWDVYGPGKAVPVGGTTVSLFGKYGMFRQGMHDLKVWPNVEADGSEPTKTP
GRTSSTLSEDQMSRLAKLTKAHRQGHMVKVDWLDRLTFREIEMINESEKRSSNFMYLMVEFRCVKCDDKEYGIVYYEKDG
DESSPILTSFELVKVPDPQMSMENLVESKHHKLARSLRSGPSDHDLKPNAATRDQLNIIVSYPPTKQLTYEEQDLVWKFR
YYLTNQEKALTKFLKCVNWDLPQEAKQALELLGKWKPMDVEDSLELLSSHYTNPTVRRYAVARLRQADDEDLLMYLLQLV
QALKYENFDDIKNGLEPTKKDSQSSVSENVSNSGINSAEIDSSQIITSPLPSVSSPPPASKTKEVPDGENLEQDLCTFLI
SRACKNSTLANYLYWYVIVECEDQDTQQRDPKTHEMYLNVMRRFSQALLKGDKSVRVMRSLLAAQQTFVDRLVHLMKAVQ
RESGNRKKKNERLQALLGDNEKMNLSDVELIPLPLEPQVKIRGIIPETATLFKSALMPAQLFFKTEDGGKYPVIFKHGDD
LRQDQLILQIISLMDKLLRKENLDLKLTPYKVLATSTKHGFMQFIQSVPVAEVLDTEGSIQNFFRKYAPSENGPNGISAE
VMDTYVKSCAGYCVITYILGVGDRHLDNLLLTKTGKLFHIDFGYILGRDPKPLPPPMKLNKEMVEGMGGTQSEQYQEFRK
QCYTAFLHLRRYSNLILNLFSLMVDANIPDIALEPDKTVKKVQDKFRLDLSDEEAVHYMQSLIDESVHALFAAVVEQIHK
FAQYWRK
;
B
3 'polypeptide(L)'
;MASPSGKGARALEAPGCGPRPLARDLVDSVDDAEGLYVAVERCPLCNTTRRRLTCAKCVQSGDFVYFDGRDRERFIDKKE
RLSRLKSKQEEFQKEVLKAMEGKWITDQLRWKIMSCKMRIEQLKQTICKGNEEMEKNSEGLLKTKEKNQKLYSRAQRHQE
KKEKIQRHNRKLGDLVEKKTIDLRSHYERLANLRRSHILELTSVIFPIEEVKTGVRDPADVSSESDSAMTSSTVSKLAEA
RRTTYLSGRWVCDDHNGDTSISITGPWISLPNNGDYSAYYSWVEEKKTTQGPDMEQSNPAYTISAALCYATQLVNILSHI
LDVNLPKKLCNSEFCGENLSKQKFTRAVKKLNANILYLCFSQHVNLDQLQPLHTLRNLMYLVSPSSEHLGRSGPFEVRAD
LEESMEFVDPGVAGESDESGDERVSDEETDLGTDWENLPSPRFCDIPSQSVEVSQSQSTQASPPIASSSAGGMISSAAAS
VTSWFKAYTGHR
;
C
4 'polypeptide(L)'
;MEGSKTSNNSTMQVSFVCQRCSQPLKLDTSFKILDRVTIQELTAPLLTTAQAKPGETQEEETNSGEEPFIETPRQDGVSR
RFIPPARMMSTESANSFTLIGEASDGGTMENLSRRLKVTGDLFDIMSGQTDVDHPLCEECTDTLLDQLDTQLNVTENECQ
NYKRCLEILEQMNEDDSEQLQMELKELALEEERLIQELEDVEKNRKIVAENLEKVQAEAERLDQEEAQYQREYSEFKRQQ
LELDDELKSVENQMRYAQTQLDKLKKTNVFNATFHIWHSGQFGTINNFRLGRLPSVPVEWNEINAAWGQTVLLLHALANK
MGLKFQRYRLVPYGNHSYLESLTDKSKELPLYCSGGLRFFWDNKFDHAMVAFLDCVQQFKEEVEKGETRFCLPYRMDVEK
GKIEDTGGSGGSYSIKTQFNSEEQWTKALKFMLTNLKWGLAWVSSQFYNK
;
D
5 'polypeptide(L)'
;MKSSHHHHHHENLYFQSNAMGMSSMNPEYDYLFKLLLIGDSGVGKSCLLLRFADDTYTESYISTIGVDFKIRTIELDGKT
IKLQIWDTAGLERFRTITSSYYRGAHGIIVVYDVTDQESFNNVKQWLQEIDRYASENVNKLLVGNKCDLTTKKVVDYTTA
KEFADSLGIPFLETSAKNATNVEQSFMTMAAEIKKRMGPGATAGGAEKSNVKIQSTPVKQSGGGCC
;
E
#
loop_
_chem_comp.id
_chem_comp.type
_chem_comp.name
_chem_comp.formula
GTP non-polymer GUANOSINE-5'-TRIPHOSPHATE 'C10 H16 N5 O14 P3'
MG non-polymer 'MAGNESIUM ION' 'Mg 2'
MYR non-polymer 'MYRISTIC ACID' 'C14 H28 O2'
#
# COMPACT_ATOMS: atom_id res chain seq x y z
N LEU A 14 -72.34 8.15 22.00
CA LEU A 14 -71.25 7.59 21.21
C LEU A 14 -70.04 7.28 22.07
N SER A 15 -69.54 6.05 21.98
CA SER A 15 -68.33 5.68 22.68
C SER A 15 -67.13 6.41 22.10
N VAL A 16 -66.08 6.54 22.91
CA VAL A 16 -64.87 7.22 22.46
C VAL A 16 -64.31 6.56 21.21
N GLU A 17 -64.28 5.23 21.20
CA GLU A 17 -63.77 4.48 20.05
C GLU A 17 -64.60 4.69 18.79
N SER A 18 -65.92 4.83 18.92
CA SER A 18 -66.79 4.93 17.76
C SER A 18 -66.33 6.01 16.79
N TYR A 19 -65.84 7.11 17.32
CA TYR A 19 -65.37 8.22 16.50
C TYR A 19 -64.25 7.80 15.55
N PHE A 20 -63.40 6.88 15.97
CA PHE A 20 -62.26 6.50 15.13
C PHE A 20 -62.64 5.56 14.00
N SER A 21 -63.82 4.95 14.05
CA SER A 21 -64.26 4.10 12.96
C SER A 21 -64.32 4.85 11.64
N ASP A 22 -64.61 6.15 11.71
CA ASP A 22 -64.67 6.99 10.53
C ASP A 22 -63.31 7.51 10.08
N ILE A 23 -62.27 7.31 10.86
CA ILE A 23 -60.94 7.85 10.57
C ILE A 23 -60.02 6.70 10.19
N HIS A 24 -59.25 6.90 9.12
CA HIS A 24 -58.32 5.88 8.69
C HIS A 24 -56.94 6.11 9.25
N ASP A 25 -56.54 7.37 9.40
CA ASP A 25 -55.15 7.72 9.63
C ASP A 25 -54.73 7.46 11.06
N PHE A 26 -55.70 7.29 11.95
CA PHE A 26 -55.53 7.21 13.39
C PHE A 26 -56.35 6.03 13.86
N GLU A 27 -55.69 5.00 14.34
CA GLU A 27 -56.39 3.79 14.73
C GLU A 27 -56.52 3.82 16.24
N TYR A 28 -57.74 3.59 16.72
CA TYR A 28 -57.99 3.63 18.14
C TYR A 28 -57.01 2.72 18.87
N ASP A 29 -56.68 3.09 20.10
CA ASP A 29 -55.70 2.36 20.89
C ASP A 29 -56.20 2.13 22.30
N LYS A 30 -56.71 3.18 22.91
CA LYS A 30 -57.10 3.16 24.30
C LYS A 30 -57.98 4.36 24.55
N SER A 31 -58.67 4.34 25.66
CA SER A 31 -59.41 5.49 26.12
C SER A 31 -58.65 6.06 27.31
N LEU A 32 -58.45 7.37 27.30
CA LEU A 32 -57.79 8.03 28.41
C LEU A 32 -58.79 8.55 29.41
N GLY A 33 -60.03 8.76 28.99
CA GLY A 33 -61.08 9.14 29.89
C GLY A 33 -62.16 9.96 29.25
N SER A 34 -63.39 9.53 29.47
CA SER A 34 -64.57 10.21 28.98
C SER A 34 -65.10 11.18 30.02
N THR A 35 -65.40 12.38 29.57
CA THR A 35 -66.05 13.38 30.39
C THR A 35 -67.01 14.07 29.45
N ARG A 36 -68.05 14.68 30.00
CA ARG A 36 -68.98 15.37 29.12
C ARG A 36 -68.33 16.46 28.28
N PHE A 37 -67.15 16.97 28.68
CA PHE A 37 -66.47 17.98 27.88
C PHE A 37 -65.72 17.41 26.69
N PHE A 38 -64.75 16.55 26.93
CA PHE A 38 -64.10 15.80 25.86
C PHE A 38 -64.07 14.34 26.23
N LYS A 39 -64.06 13.52 25.20
CA LYS A 39 -63.81 12.12 25.33
C LYS A 39 -62.39 12.00 24.81
N VAL A 40 -61.50 11.41 25.58
CA VAL A 40 -60.11 11.36 25.21
C VAL A 40 -59.74 9.92 24.96
N ALA A 41 -59.08 9.70 23.84
CA ALA A 41 -58.62 8.39 23.44
C ALA A 41 -57.15 8.44 23.08
N ARG A 42 -56.51 7.30 23.20
CA ARG A 42 -55.18 7.12 22.70
C ARG A 42 -55.34 6.47 21.34
N ALA A 43 -54.56 6.93 20.39
CA ALA A 43 -54.62 6.44 19.04
C ALA A 43 -53.21 6.11 18.59
N LYS A 44 -53.12 5.14 17.70
CA LYS A 44 -51.86 4.81 17.06
C LYS A 44 -51.82 5.54 15.73
N HIS A 45 -50.66 6.06 15.40
CA HIS A 45 -50.48 6.83 14.19
C HIS A 45 -49.18 6.40 13.53
N ARG A 46 -49.02 6.80 12.27
CA ARG A 46 -47.77 6.55 11.56
C ARG A 46 -46.57 7.02 12.36
N GLU A 47 -46.72 8.12 13.08
CA GLU A 47 -45.65 8.79 13.78
C GLU A 47 -45.41 8.26 15.18
N GLY A 48 -46.36 7.54 15.74
CA GLY A 48 -46.35 7.20 17.14
C GLY A 48 -47.75 7.26 17.69
N LEU A 49 -47.84 7.27 19.01
CA LEU A 49 -49.10 7.33 19.73
C LEU A 49 -49.50 8.77 19.96
N VAL A 50 -50.80 9.01 19.96
CA VAL A 50 -51.33 10.36 19.89
C VAL A 50 -52.58 10.35 20.76
N VAL A 51 -52.83 11.49 21.38
CA VAL A 51 -54.02 11.70 22.18
C VAL A 51 -55.01 12.46 21.32
N VAL A 52 -56.21 11.93 21.19
CA VAL A 52 -57.26 12.60 20.44
C VAL A 52 -58.34 13.01 21.43
N LYS A 53 -58.48 14.31 21.62
CA LYS A 53 -59.54 14.86 22.45
C LYS A 53 -60.69 15.11 21.50
N VAL A 54 -61.74 14.30 21.62
CA VAL A 54 -62.90 14.38 20.72
C VAL A 54 -64.01 15.14 21.41
N PHE A 55 -64.45 16.24 20.79
CA PHE A 55 -65.52 17.08 21.31
C PHE A 55 -66.81 16.84 20.53
N ALA A 56 -67.76 16.14 21.14
CA ALA A 56 -69.05 15.91 20.50
C ALA A 56 -69.77 17.24 20.39
N ILE A 57 -69.98 17.70 19.16
CA ILE A 57 -70.46 19.08 18.93
C ILE A 57 -71.98 18.98 18.81
N GLN A 58 -72.62 18.90 19.97
CA GLN A 58 -74.06 18.63 20.03
C GLN A 58 -74.86 19.75 19.38
N ASP A 59 -74.46 21.00 19.61
CA ASP A 59 -75.17 22.13 19.01
C ASP A 59 -74.36 22.70 17.86
N PRO A 60 -74.71 22.39 16.61
CA PRO A 60 -73.96 22.94 15.47
C PRO A 60 -74.01 24.46 15.36
N THR A 61 -74.89 25.12 16.10
CA THR A 61 -74.94 26.58 16.07
C THR A 61 -73.66 27.20 16.63
N LEU A 62 -73.03 26.53 17.58
CA LEU A 62 -71.83 27.10 18.20
C LEU A 62 -70.73 27.27 17.16
N PRO A 63 -70.12 28.44 17.06
CA PRO A 63 -68.97 28.63 16.14
C PRO A 63 -67.67 28.13 16.74
N LEU A 64 -67.20 26.99 16.25
CA LEU A 64 -65.89 26.47 16.59
C LEU A 64 -64.76 27.19 15.87
N THR A 65 -65.08 28.05 14.91
CA THR A 65 -64.07 28.84 14.23
C THR A 65 -63.30 29.76 15.16
N SER A 66 -63.89 30.15 16.29
CA SER A 66 -63.17 30.97 17.26
C SER A 66 -62.10 30.16 17.98
N TYR A 67 -62.42 28.91 18.30
CA TYR A 67 -61.48 28.01 18.95
C TYR A 67 -60.41 27.50 18.01
N LYS A 68 -60.76 27.28 16.75
CA LYS A 68 -59.78 26.81 15.76
C LYS A 68 -58.72 27.85 15.49
N GLN A 69 -59.12 29.12 15.42
CA GLN A 69 -58.14 30.18 15.24
C GLN A 69 -57.17 30.22 16.41
N GLU A 70 -57.69 30.42 17.62
CA GLU A 70 -56.89 30.34 18.85
C GLU A 70 -55.89 29.21 18.88
N LEU A 71 -56.35 27.99 18.61
CA LEU A 71 -55.45 26.85 18.67
C LEU A 71 -54.37 26.90 17.59
N GLU A 72 -54.72 27.32 16.38
CA GLU A 72 -53.70 27.59 15.37
C GLU A 72 -52.72 28.71 15.71
N GLU A 73 -53.06 29.65 16.57
CA GLU A 73 -52.03 30.60 17.01
C GLU A 73 -51.26 30.14 18.25
N LEU A 74 -51.87 29.29 19.08
CA LEU A 74 -51.11 28.58 20.10
C LEU A 74 -50.10 27.62 19.50
N LYS A 75 -50.51 26.92 18.44
CA LYS A 75 -49.62 26.00 17.74
C LYS A 75 -48.40 26.69 17.14
N ILE A 76 -48.58 27.90 16.61
CA ILE A 76 -47.47 28.67 16.06
C ILE A 76 -46.58 29.24 17.15
N ARG A 77 -47.17 29.88 18.16
CA ARG A 77 -46.39 30.48 19.23
C ARG A 77 -45.58 29.46 20.02
N LEU A 78 -46.18 28.33 20.34
CA LEU A 78 -45.51 27.29 21.12
C LEU A 78 -44.74 26.33 20.25
N ASN A 79 -44.48 26.67 19.00
CA ASN A 79 -43.72 25.81 18.12
C ASN A 79 -42.32 25.56 18.63
N SER A 80 -41.65 26.60 19.12
CA SER A 80 -40.30 26.48 19.63
C SER A 80 -40.21 26.36 21.15
N ALA A 81 -41.34 26.43 21.86
CA ALA A 81 -41.37 26.24 23.31
C ALA A 81 -41.12 24.79 23.67
N GLN A 82 -39.89 24.46 24.08
CA GLN A 82 -39.47 23.07 24.20
C GLN A 82 -40.21 22.29 25.26
N ASN A 83 -40.77 22.95 26.26
CA ASN A 83 -41.49 22.26 27.32
C ASN A 83 -42.99 22.45 27.22
N CYS A 84 -43.46 23.06 26.14
CA CYS A 84 -44.89 23.19 25.91
C CYS A 84 -45.22 22.29 24.75
N LEU A 85 -46.36 21.62 24.83
CA LEU A 85 -46.88 20.77 23.77
C LEU A 85 -48.27 21.25 23.38
N PRO A 86 -48.39 22.15 22.42
CA PRO A 86 -49.72 22.55 21.96
C PRO A 86 -50.44 21.44 21.22
N PHE A 87 -51.74 21.63 21.02
CA PHE A 87 -52.44 20.75 20.10
C PHE A 87 -51.92 20.99 18.70
N GLN A 88 -51.39 19.93 18.10
CA GLN A 88 -50.77 20.01 16.80
C GLN A 88 -51.77 19.95 15.67
N LYS A 89 -52.96 19.42 15.89
CA LYS A 89 -53.97 19.44 14.84
C LYS A 89 -55.33 19.62 15.48
N ALA A 90 -56.29 19.98 14.64
CA ALA A 90 -57.63 20.35 15.04
C ALA A 90 -58.51 20.20 13.81
N SER A 91 -59.68 19.59 13.96
CA SER A 91 -60.48 19.24 12.79
C SER A 91 -61.96 19.39 13.13
N GLU A 92 -62.56 20.46 12.61
CA GLU A 92 -63.90 20.88 13.03
C GLU A 92 -64.97 19.83 12.71
N LYS A 93 -64.73 18.98 11.71
CA LYS A 93 -65.81 18.12 11.22
C LYS A 93 -65.35 16.69 10.94
N ALA A 94 -64.27 16.25 11.57
CA ALA A 94 -63.71 14.93 11.34
C ALA A 94 -64.75 13.81 11.40
N SER A 95 -65.71 13.87 12.33
CA SER A 95 -66.82 12.94 12.31
C SER A 95 -68.18 13.63 12.23
N GLU A 96 -68.22 14.86 11.71
CA GLU A 96 -69.42 15.62 11.39
C GLU A 96 -70.19 16.08 12.62
N LYS A 97 -70.31 15.23 13.64
CA LYS A 97 -70.81 15.64 14.95
C LYS A 97 -69.72 15.57 16.01
N ALA A 98 -68.47 15.72 15.61
CA ALA A 98 -67.37 15.72 16.55
C ALA A 98 -66.22 16.53 15.98
N ALA A 99 -65.57 17.28 16.85
CA ALA A 99 -64.27 17.88 16.57
C ALA A 99 -63.20 17.10 17.31
N MET A 100 -61.94 17.36 16.97
CA MET A 100 -60.87 16.56 17.51
C MET A 100 -59.60 17.38 17.57
N LEU A 101 -58.91 17.26 18.70
CA LEU A 101 -57.64 17.91 18.94
C LEU A 101 -56.57 16.83 19.05
N PHE A 102 -55.49 17.01 18.32
CA PHE A 102 -54.46 16.00 18.20
C PHE A 102 -53.20 16.53 18.84
N ARG A 103 -52.59 15.70 19.65
CA ARG A 103 -51.23 15.93 20.11
C ARG A 103 -50.61 14.58 20.39
N GLN A 104 -49.30 14.54 20.39
CA GLN A 104 -48.57 13.36 20.83
C GLN A 104 -49.01 12.88 22.20
N TYR A 105 -48.80 11.60 22.46
CA TYR A 105 -49.01 11.01 23.77
C TYR A 105 -47.66 10.87 24.44
N VAL A 106 -47.59 11.24 25.68
CA VAL A 106 -46.36 11.19 26.46
C VAL A 106 -46.38 9.99 27.38
N ARG A 107 -45.21 9.43 27.64
CA ARG A 107 -45.04 8.35 28.60
C ARG A 107 -45.88 8.49 29.84
N ASP A 108 -45.61 9.53 30.64
CA ASP A 108 -46.38 9.77 31.84
C ASP A 108 -47.00 11.14 31.84
N ASN A 109 -47.94 11.29 32.77
CA ASN A 109 -48.46 12.55 33.25
C ASN A 109 -48.06 12.60 34.70
N LEU A 110 -47.82 13.81 35.19
CA LEU A 110 -47.12 13.94 36.46
C LEU A 110 -47.92 13.34 37.60
N TYR A 111 -49.23 13.49 37.59
CA TYR A 111 -50.08 12.86 38.59
C TYR A 111 -49.87 11.36 38.68
N ASP A 112 -49.73 10.67 37.56
CA ASP A 112 -49.43 9.26 37.61
C ASP A 112 -47.95 9.00 37.89
N ARG A 113 -47.07 9.74 37.23
CA ARG A 113 -45.63 9.59 37.45
C ARG A 113 -45.26 9.66 38.93
N ILE A 114 -45.92 10.52 39.70
CA ILE A 114 -45.66 10.61 41.13
C ILE A 114 -45.78 9.26 41.83
N SER A 115 -46.62 8.38 41.30
CA SER A 115 -46.83 7.06 41.88
C SER A 115 -46.06 5.96 41.17
N THR A 116 -45.77 6.09 39.89
CA THR A 116 -45.00 5.06 39.20
C THR A 116 -43.56 5.04 39.69
N ARG A 117 -42.96 3.89 39.59
CA ARG A 117 -41.56 3.65 39.91
C ARG A 117 -40.67 3.81 38.68
N PRO A 118 -39.42 4.23 38.88
CA PRO A 118 -38.79 4.61 40.14
C PRO A 118 -39.38 5.88 40.71
N PHE A 119 -39.61 5.95 42.02
CA PHE A 119 -40.11 7.18 42.61
C PHE A 119 -39.15 8.34 42.36
N LEU A 120 -39.73 9.51 42.13
CA LEU A 120 -38.98 10.73 41.87
C LEU A 120 -38.19 11.13 43.11
N ASN A 121 -36.88 11.29 42.93
CA ASN A 121 -36.04 11.86 43.97
C ASN A 121 -36.42 13.31 44.22
N ASN A 122 -35.84 13.87 45.27
CA ASN A 122 -35.91 15.31 45.46
C ASN A 122 -35.34 16.05 44.26
N ILE A 123 -34.17 15.63 43.77
CA ILE A 123 -33.54 16.31 42.64
C ILE A 123 -34.33 16.12 41.36
N GLU A 124 -35.08 15.03 41.23
CA GLU A 124 -35.95 14.86 40.07
C GLU A 124 -37.22 15.69 40.19
N LYS A 125 -37.79 15.79 41.40
CA LYS A 125 -38.90 16.70 41.60
C LYS A 125 -38.48 18.13 41.34
N ARG A 126 -37.30 18.52 41.82
CA ARG A 126 -36.74 19.84 41.57
C ARG A 126 -36.60 20.09 40.07
N TRP A 127 -36.06 19.12 39.34
CA TRP A 127 -35.99 19.16 37.90
C TRP A 127 -37.35 19.23 37.21
N ILE A 128 -38.38 18.63 37.78
CA ILE A 128 -39.71 18.76 37.20
C ILE A 128 -40.32 20.12 37.49
N ALA A 129 -40.22 20.59 38.73
CA ALA A 129 -40.66 21.95 39.06
C ALA A 129 -39.89 23.02 38.31
N PHE A 130 -38.59 22.82 38.12
CA PHE A 130 -37.81 23.72 37.29
C PHE A 130 -38.36 23.77 35.87
N GLN A 131 -38.72 22.63 35.31
CA GLN A 131 -39.19 22.63 33.93
C GLN A 131 -40.63 23.06 33.80
N ILE A 132 -41.44 22.90 34.83
CA ILE A 132 -42.76 23.51 34.86
C ILE A 132 -42.65 25.03 34.78
N LEU A 133 -41.79 25.61 35.61
CA LEU A 133 -41.53 27.03 35.52
C LEU A 133 -40.87 27.45 34.21
N THR A 134 -40.04 26.59 33.63
CA THR A 134 -39.50 26.85 32.30
C THR A 134 -40.58 26.80 31.23
N ALA A 135 -41.51 25.84 31.33
CA ALA A 135 -42.60 25.77 30.37
C ALA A 135 -43.53 26.96 30.45
N VAL A 136 -43.90 27.35 31.66
CA VAL A 136 -44.75 28.53 31.84
C VAL A 136 -44.05 29.77 31.32
N ASP A 137 -42.77 29.90 31.63
CA ASP A 137 -41.99 31.01 31.14
C ASP A 137 -41.89 31.01 29.62
N GLN A 138 -41.68 29.82 29.02
CA GLN A 138 -41.67 29.71 27.57
C GLN A 138 -42.98 30.14 26.90
N ALA A 139 -44.11 29.61 27.37
CA ALA A 139 -45.40 30.03 26.83
C ALA A 139 -45.71 31.49 27.09
N HIS A 140 -45.38 31.98 28.28
CA HIS A 140 -45.66 33.36 28.63
C HIS A 140 -44.84 34.34 27.82
N LYS A 141 -43.58 34.05 27.59
CA LYS A 141 -42.81 34.81 26.62
C LYS A 141 -43.40 34.75 25.23
N SER A 142 -43.90 33.58 24.82
CA SER A 142 -44.45 33.44 23.48
C SER A 142 -45.76 34.18 23.30
N GLY A 143 -46.48 34.44 24.37
CA GLY A 143 -47.71 35.19 24.32
C GLY A 143 -48.88 34.31 24.60
N VAL A 144 -48.65 33.17 25.22
CA VAL A 144 -49.63 32.13 25.44
C VAL A 144 -49.83 32.01 26.95
N ARG A 145 -51.07 31.78 27.37
CA ARG A 145 -51.35 31.32 28.72
C ARG A 145 -51.93 29.93 28.67
N HIS A 146 -51.57 29.10 29.64
CA HIS A 146 -52.19 27.81 29.89
C HIS A 146 -53.27 27.95 30.95
N GLY A 147 -54.50 28.22 30.54
CA GLY A 147 -55.53 28.41 31.54
C GLY A 147 -56.02 27.28 32.41
N ASP A 148 -55.34 26.12 32.43
CA ASP A 148 -55.38 25.26 33.61
C ASP A 148 -54.17 24.33 33.58
N ILE A 149 -53.16 24.73 34.32
CA ILE A 149 -52.10 23.85 34.76
C ILE A 149 -52.61 23.00 35.92
N LYS A 150 -52.30 21.71 35.83
CA LYS A 150 -52.64 20.66 36.77
C LYS A 150 -51.63 19.56 36.53
N THR A 151 -51.53 18.66 37.49
CA THR A 151 -50.53 17.60 37.38
C THR A 151 -50.87 16.63 36.27
N GLU A 152 -52.16 16.41 36.03
CA GLU A 152 -52.59 15.72 34.83
C GLU A 152 -52.09 16.36 33.54
N ASN A 153 -52.04 17.68 33.46
CA ASN A 153 -51.58 18.31 32.24
C ASN A 153 -50.08 18.50 32.15
N VAL A 154 -49.33 18.29 33.21
CA VAL A 154 -47.88 18.27 33.11
C VAL A 154 -47.48 16.86 32.72
N MET A 155 -46.82 16.73 31.59
CA MET A 155 -46.47 15.44 31.01
C MET A 155 -44.96 15.21 31.12
N VAL A 156 -44.58 13.96 31.32
CA VAL A 156 -43.20 13.59 31.62
C VAL A 156 -42.80 12.50 30.64
N THR A 157 -41.80 12.79 29.82
CA THR A 157 -41.18 11.74 29.02
C THR A 157 -40.44 10.78 29.94
N SER A 158 -40.08 9.63 29.40
CA SER A 158 -39.40 8.67 30.25
C SER A 158 -37.98 9.07 30.61
N TRP A 159 -37.50 10.19 30.07
CA TRP A 159 -36.25 10.83 30.47
C TRP A 159 -36.50 12.08 31.31
N ASN A 160 -37.73 12.25 31.80
CA ASN A 160 -38.17 13.35 32.66
C ASN A 160 -38.11 14.70 31.98
N TRP A 161 -38.20 14.74 30.67
CA TRP A 161 -38.53 15.99 30.02
C TRP A 161 -40.00 16.32 30.30
N VAL A 162 -40.25 17.48 30.86
CA VAL A 162 -41.61 17.96 31.06
C VAL A 162 -42.15 18.56 29.77
N LEU A 163 -43.35 18.15 29.38
CA LEU A 163 -44.16 18.82 28.39
C LEU A 163 -45.46 19.26 29.05
N LEU A 164 -45.70 20.55 29.07
CA LEU A 164 -46.98 21.11 29.47
C LEU A 164 -47.95 21.05 28.30
N THR A 165 -49.13 20.48 28.51
CA THR A 165 -50.02 20.06 27.43
C THR A 165 -51.43 20.45 27.77
N ASP A 166 -52.29 20.41 26.76
CA ASP A 166 -53.73 20.66 26.90
C ASP A 166 -53.99 22.11 27.29
N PHE A 167 -53.38 23.02 26.55
CA PHE A 167 -53.53 24.44 26.84
C PHE A 167 -55.00 24.81 26.78
N ALA A 168 -55.49 25.37 27.89
CA ALA A 168 -56.92 25.55 28.11
C ALA A 168 -57.46 26.84 27.48
N SER A 169 -57.31 26.91 26.17
CA SER A 169 -57.66 28.12 25.44
C SER A 169 -59.15 28.19 25.16
N PHE A 170 -59.82 27.05 25.12
CA PHE A 170 -61.25 26.90 24.96
C PHE A 170 -62.05 26.91 26.26
N LYS A 171 -61.38 26.92 27.42
CA LYS A 171 -61.99 27.00 28.75
C LYS A 171 -62.17 28.45 29.18
N PRO A 172 -63.17 28.71 30.03
CA PRO A 172 -63.43 30.08 30.45
C PRO A 172 -62.36 30.59 31.39
N THR A 173 -61.95 31.84 31.19
CA THR A 173 -61.00 32.44 32.11
C THR A 173 -61.66 32.78 33.44
N TYR A 174 -62.87 33.30 33.43
CA TYR A 174 -63.61 33.64 34.63
C TYR A 174 -64.77 32.69 34.82
N LEU A 175 -64.92 32.20 36.05
CA LEU A 175 -65.90 31.29 36.56
C LEU A 175 -66.72 31.99 37.63
N PRO A 176 -68.03 31.76 37.69
CA PRO A 176 -68.78 32.26 38.84
C PRO A 176 -68.51 31.38 40.05
N GLU A 177 -68.39 32.01 41.21
CA GLU A 177 -68.30 31.22 42.43
C GLU A 177 -69.65 30.62 42.80
N ASP A 178 -70.73 31.25 42.35
CA ASP A 178 -72.06 30.85 42.78
C ASP A 178 -72.43 29.47 42.24
N ASN A 179 -72.23 29.27 40.93
CA ASN A 179 -72.59 28.05 40.23
C ASN A 179 -71.36 27.20 39.94
N PRO A 180 -71.10 26.14 40.70
CA PRO A 180 -70.03 25.21 40.35
C PRO A 180 -70.20 24.46 39.03
N ALA A 181 -71.28 24.71 38.28
CA ALA A 181 -71.49 23.96 37.05
C ALA A 181 -70.41 24.25 36.02
N ASP A 182 -69.83 25.44 36.03
CA ASP A 182 -68.85 25.79 35.00
C ASP A 182 -67.51 25.14 35.28
N PHE A 183 -67.14 25.09 36.55
CA PHE A 183 -65.98 24.34 37.00
C PHE A 183 -66.12 22.86 36.71
N ASN A 184 -67.27 22.28 37.06
CA ASN A 184 -67.46 20.86 36.88
C ASN A 184 -67.35 20.43 35.42
N TYR A 185 -67.78 21.29 34.50
CA TYR A 185 -67.69 20.98 33.07
C TYR A 185 -66.28 21.05 32.53
N PHE A 186 -65.66 22.21 32.60
CA PHE A 186 -64.40 22.44 31.92
C PHE A 186 -63.19 22.03 32.72
N PHE A 187 -63.26 22.17 34.02
CA PHE A 187 -62.11 21.94 34.86
C PHE A 187 -62.41 20.75 35.74
N ASP A 188 -61.36 20.14 36.29
CA ASP A 188 -61.57 18.96 37.10
C ASP A 188 -62.25 17.86 36.28
N THR A 189 -61.54 17.41 35.25
CA THR A 189 -62.02 16.30 34.45
C THR A 189 -61.51 14.98 35.02
N SER A 190 -60.60 15.05 35.98
CA SER A 190 -60.16 13.88 36.71
C SER A 190 -61.17 13.51 37.77
N ARG A 191 -62.04 14.46 38.13
CA ARG A 191 -63.07 14.27 39.13
C ARG A 191 -62.44 13.96 40.48
N ARG A 192 -61.41 14.75 40.77
CA ARG A 192 -60.68 14.76 42.02
C ARG A 192 -61.08 15.94 42.87
N ARG A 193 -61.86 16.85 42.30
CA ARG A 193 -62.38 18.08 42.86
C ARG A 193 -61.27 19.08 43.16
N THR A 194 -60.06 18.78 42.73
CA THR A 194 -58.90 19.65 42.92
C THR A 194 -59.08 20.95 42.17
N CYS A 195 -58.60 22.04 42.76
CA CYS A 195 -58.85 23.37 42.20
C CYS A 195 -57.58 24.20 42.29
N TYR A 196 -56.90 24.36 41.16
CA TYR A 196 -55.74 25.23 41.05
C TYR A 196 -56.06 26.46 40.23
N ILE A 197 -57.34 26.71 39.96
CA ILE A 197 -57.79 27.89 39.23
C ILE A 197 -57.58 29.11 40.10
N ALA A 198 -56.79 30.06 39.60
CA ALA A 198 -56.37 31.18 40.43
C ALA A 198 -57.59 31.85 41.06
N PRO A 199 -57.51 32.26 42.32
CA PRO A 199 -58.73 32.70 43.00
C PRO A 199 -59.45 33.89 42.36
N GLU A 200 -58.73 34.90 41.88
CA GLU A 200 -59.35 35.96 41.08
C GLU A 200 -60.03 35.51 39.80
N ARG A 201 -59.86 34.27 39.38
CA ARG A 201 -60.69 33.82 38.26
C ARG A 201 -62.12 33.56 38.65
N PHE A 202 -62.46 33.72 39.92
CA PHE A 202 -63.81 33.54 40.42
C PHE A 202 -64.52 34.88 40.61
N VAL A 203 -65.71 34.99 40.03
CA VAL A 203 -66.52 36.20 39.96
C VAL A 203 -67.95 35.83 40.32
N ASP A 204 -68.90 36.70 40.01
CA ASP A 204 -70.30 36.46 40.42
C ASP A 204 -71.30 37.11 39.48
N ARG A 232 -65.98 36.94 28.18
CA ARG A 232 -64.83 36.17 27.74
C ARG A 232 -63.55 36.98 27.98
N GLY A 233 -63.10 36.99 29.23
CA GLY A 233 -61.95 37.80 29.62
C GLY A 233 -60.68 37.26 29.00
N GLU A 234 -59.58 37.96 29.25
CA GLU A 234 -58.28 37.44 28.86
C GLU A 234 -57.59 36.85 30.07
N LEU A 235 -56.91 35.75 29.82
CA LEU A 235 -56.15 35.05 30.83
C LEU A 235 -54.85 35.76 31.10
N LYS A 236 -54.43 35.74 32.35
CA LYS A 236 -53.32 36.54 32.82
C LYS A 236 -52.21 35.63 33.32
N ARG A 237 -50.98 36.09 33.17
CA ARG A 237 -49.83 35.27 33.49
C ARG A 237 -49.78 34.87 34.96
N ALA A 238 -50.31 35.70 35.85
CA ALA A 238 -50.45 35.32 37.25
C ALA A 238 -51.53 34.28 37.48
N MET A 239 -52.43 34.09 36.52
CA MET A 239 -53.43 33.04 36.65
C MET A 239 -52.83 31.68 36.40
N ASP A 240 -51.77 31.62 35.60
CA ASP A 240 -50.91 30.45 35.49
C ASP A 240 -49.95 30.25 36.65
N ILE A 241 -49.59 31.31 37.36
CA ILE A 241 -48.56 31.15 38.39
C ILE A 241 -49.17 30.51 39.62
N PHE A 242 -50.41 30.86 39.93
CA PHE A 242 -51.15 30.12 40.96
C PHE A 242 -51.32 28.66 40.56
N SER A 243 -51.75 28.40 39.32
CA SER A 243 -51.92 27.05 38.82
C SER A 243 -50.62 26.26 38.87
N ALA A 244 -49.51 26.85 38.40
CA ALA A 244 -48.21 26.20 38.44
C ALA A 244 -47.72 25.99 39.86
N GLY A 245 -47.92 26.97 40.74
CA GLY A 245 -47.46 26.83 42.11
C GLY A 245 -48.12 25.69 42.82
N CYS A 246 -49.43 25.54 42.63
CA CYS A 246 -50.17 24.42 43.17
C CYS A 246 -49.75 23.07 42.60
N VAL A 247 -49.33 23.02 41.34
CA VAL A 247 -48.82 21.77 40.77
C VAL A 247 -47.47 21.40 41.37
N ILE A 248 -46.60 22.38 41.62
CA ILE A 248 -45.35 22.13 42.33
C ILE A 248 -45.60 21.74 43.79
N ALA A 249 -46.65 22.27 44.42
CA ALA A 249 -47.04 21.78 45.73
C ALA A 249 -47.40 20.31 45.69
N GLU A 250 -48.38 19.95 44.87
CA GLU A 250 -48.82 18.56 44.72
C GLU A 250 -47.69 17.62 44.32
N LEU A 251 -46.77 18.10 43.49
CA LEU A 251 -45.58 17.33 43.15
C LEU A 251 -44.76 17.00 44.38
N PHE A 252 -44.57 17.97 45.27
CA PHE A 252 -43.73 17.82 46.43
C PHE A 252 -44.46 17.33 47.67
N THR A 253 -45.77 17.23 47.65
CA THR A 253 -46.54 16.53 48.67
C THR A 253 -46.83 15.08 48.30
N GLU A 254 -46.22 14.56 47.25
CA GLU A 254 -46.57 13.27 46.66
C GLU A 254 -48.07 13.15 46.38
N GLY A 255 -48.60 14.15 45.70
CA GLY A 255 -49.95 14.07 45.19
C GLY A 255 -51.07 14.52 46.10
N VAL A 256 -50.77 15.10 47.25
CA VAL A 256 -51.83 15.71 48.03
C VAL A 256 -52.22 17.03 47.38
N PRO A 257 -53.45 17.21 46.94
CA PRO A 257 -53.82 18.48 46.31
C PRO A 257 -53.85 19.61 47.33
N LEU A 258 -53.30 20.75 46.91
CA LEU A 258 -53.19 21.90 47.79
C LEU A 258 -54.56 22.52 48.06
N PHE A 259 -55.43 22.57 47.05
CA PHE A 259 -56.81 23.01 47.21
C PHE A 259 -57.73 22.10 46.42
N ASP A 260 -58.97 22.07 46.88
CA ASP A 260 -60.13 21.60 46.15
C ASP A 260 -61.09 22.77 46.08
N LEU A 261 -62.26 22.59 45.49
CA LEU A 261 -63.02 23.77 45.09
C LEU A 261 -63.45 24.59 46.30
N SER A 262 -63.90 23.94 47.37
CA SER A 262 -64.29 24.69 48.55
C SER A 262 -63.10 25.35 49.21
N GLN A 263 -61.95 24.66 49.28
CA GLN A 263 -60.76 25.25 49.87
C GLN A 263 -60.23 26.43 49.05
N LEU A 264 -60.27 26.33 47.73
CA LEU A 264 -59.94 27.49 46.92
C LEU A 264 -60.95 28.61 47.07
N LEU A 265 -62.21 28.30 47.31
CA LEU A 265 -63.17 29.37 47.49
C LEU A 265 -63.04 30.00 48.86
N ALA A 266 -62.56 29.23 49.83
CA ALA A 266 -62.26 29.79 51.14
C ALA A 266 -61.00 30.65 51.09
N TYR A 267 -59.94 30.14 50.47
CA TYR A 267 -58.74 30.93 50.20
C TYR A 267 -59.05 32.20 49.42
N ARG A 268 -60.00 32.12 48.48
CA ARG A 268 -60.46 33.30 47.77
C ARG A 268 -61.10 34.33 48.70
N ASN A 269 -61.77 33.87 49.76
CA ASN A 269 -62.39 34.74 50.76
C ASN A 269 -61.53 34.96 52.00
N GLY A 270 -60.38 34.31 52.11
CA GLY A 270 -59.47 34.49 53.22
C GLY A 270 -59.79 33.67 54.45
N HIS A 271 -60.72 32.72 54.35
CA HIS A 271 -61.11 31.88 55.47
C HIS A 271 -60.32 30.58 55.55
N PHE A 272 -59.36 30.36 54.65
CA PHE A 272 -58.55 29.16 54.69
C PHE A 272 -57.19 29.45 54.07
N PHE A 273 -56.15 28.82 54.62
CA PHE A 273 -54.82 28.83 54.07
C PHE A 273 -54.34 27.39 54.20
N PRO A 274 -53.79 26.80 53.14
CA PRO A 274 -53.44 25.38 53.12
C PRO A 274 -52.15 25.04 53.87
N GLU A 275 -52.03 25.54 55.10
CA GLU A 275 -50.79 25.38 55.86
C GLU A 275 -50.45 23.90 56.08
N GLN A 276 -51.46 23.07 56.28
CA GLN A 276 -51.22 21.65 56.55
C GLN A 276 -50.59 20.95 55.36
N VAL A 277 -51.15 21.13 54.16
CA VAL A 277 -50.57 20.53 52.96
C VAL A 277 -49.22 21.15 52.62
N LEU A 278 -49.07 22.46 52.80
CA LEU A 278 -47.77 23.07 52.57
C LEU A 278 -46.72 22.54 53.52
N ASN A 279 -47.12 22.13 54.72
CA ASN A 279 -46.16 21.51 55.62
C ASN A 279 -45.81 20.09 55.24
N LYS A 280 -46.56 19.48 54.31
CA LYS A 280 -46.13 18.21 53.75
C LYS A 280 -44.99 18.36 52.76
N ILE A 281 -44.80 19.55 52.19
CA ILE A 281 -43.62 19.79 51.38
C ILE A 281 -42.40 19.70 52.24
N GLU A 282 -41.51 18.79 51.89
CA GLU A 282 -40.34 18.45 52.69
C GLU A 282 -39.19 19.45 52.52
N ASP A 283 -39.20 20.26 51.48
CA ASP A 283 -38.10 21.19 51.21
C ASP A 283 -38.59 22.61 51.50
N HIS A 284 -37.88 23.29 52.41
CA HIS A 284 -38.24 24.63 52.82
C HIS A 284 -38.28 25.62 51.65
N SER A 285 -37.37 25.48 50.69
CA SER A 285 -37.26 26.48 49.64
C SER A 285 -38.31 26.29 48.55
N ILE A 286 -38.58 25.04 48.17
CA ILE A 286 -39.78 24.77 47.38
C ILE A 286 -41.05 25.11 48.15
N ARG A 287 -41.02 25.06 49.48
CA ARG A 287 -42.23 25.43 50.22
C ARG A 287 -42.53 26.90 50.08
N GLU A 288 -41.49 27.72 50.04
CA GLU A 288 -41.65 29.16 49.98
C GLU A 288 -41.96 29.61 48.57
N LEU A 289 -41.32 29.00 47.58
CA LEU A 289 -41.72 29.20 46.21
C LEU A 289 -43.21 28.95 46.02
N VAL A 290 -43.71 27.82 46.50
CA VAL A 290 -45.13 27.54 46.40
C VAL A 290 -45.95 28.58 47.13
N THR A 291 -45.55 28.92 48.36
CA THR A 291 -46.26 29.91 49.15
C THR A 291 -46.24 31.29 48.49
N GLN A 292 -45.15 31.60 47.81
CA GLN A 292 -45.08 32.79 46.97
C GLN A 292 -46.07 32.71 45.81
N MET A 293 -45.96 31.64 45.01
CA MET A 293 -46.71 31.51 43.77
C MET A 293 -48.21 31.45 43.97
N ILE A 294 -48.67 30.72 44.97
CA ILE A 294 -50.10 30.61 45.27
C ILE A 294 -50.64 31.86 45.94
N HIS A 295 -49.88 32.95 45.92
CA HIS A 295 -50.28 34.13 46.67
C HIS A 295 -51.66 34.59 46.22
N ARG A 296 -52.43 35.13 47.16
CA ARG A 296 -53.83 35.40 46.90
C ARG A 296 -53.99 36.52 45.91
N GLU A 297 -53.34 37.59 46.14
CA GLU A 297 -53.49 38.73 45.26
C GLU A 297 -52.53 38.58 44.12
N PRO A 298 -53.01 38.65 42.87
CA PRO A 298 -52.14 38.29 41.74
C PRO A 298 -50.98 39.22 41.58
N ASP A 299 -51.13 40.48 41.96
CA ASP A 299 -50.04 41.44 41.86
C ASP A 299 -48.78 40.98 42.58
N LYS A 300 -48.90 40.12 43.59
CA LYS A 300 -47.74 39.65 44.32
C LYS A 300 -47.15 38.38 43.76
N ARG A 301 -47.59 37.95 42.58
CA ARG A 301 -47.10 36.74 41.93
C ARG A 301 -46.22 37.19 40.79
N LEU A 302 -44.96 36.81 40.85
CA LEU A 302 -43.99 37.21 39.86
C LEU A 302 -44.19 36.46 38.55
N GLU A 303 -43.29 36.75 37.63
CA GLU A 303 -43.20 36.01 36.39
C GLU A 303 -42.52 34.68 36.65
N ALA A 304 -42.71 33.74 35.74
CA ALA A 304 -42.01 32.47 35.88
C ALA A 304 -40.51 32.68 35.83
N GLU A 305 -40.06 33.60 34.98
CA GLU A 305 -38.65 33.95 34.89
C GLU A 305 -38.10 34.53 36.19
N ASP A 306 -38.92 35.29 36.93
CA ASP A 306 -38.47 35.80 38.22
C ASP A 306 -38.34 34.69 39.25
N TYR A 307 -39.32 33.80 39.33
CA TYR A 307 -39.18 32.68 40.23
C TYR A 307 -37.97 31.84 39.88
N LEU A 308 -37.67 31.71 38.58
CA LEU A 308 -36.47 31.01 38.15
C LEU A 308 -35.20 31.80 38.39
N LYS A 309 -35.30 33.11 38.57
CA LYS A 309 -34.13 33.91 38.92
C LYS A 309 -33.86 33.83 40.40
N GLN A 310 -34.91 34.07 41.19
CA GLN A 310 -34.88 33.92 42.62
C GLN A 310 -34.48 32.52 43.05
N GLN A 311 -34.95 31.50 42.33
CA GLN A 311 -34.71 30.12 42.70
C GLN A 311 -33.41 29.57 42.15
N ARG A 312 -32.66 30.33 41.36
CA ARG A 312 -31.38 29.82 40.88
C ARG A 312 -30.57 29.41 42.08
N GLY A 313 -29.87 28.30 41.96
CA GLY A 313 -29.03 27.94 43.09
C GLY A 313 -29.75 27.35 44.26
N ASN A 314 -30.79 28.04 44.77
CA ASN A 314 -31.39 27.72 46.05
C ASN A 314 -32.46 26.63 45.99
N ALA A 315 -33.52 26.84 45.22
CA ALA A 315 -34.38 25.73 44.83
C ALA A 315 -33.82 24.93 43.67
N PHE A 316 -33.46 25.59 42.58
CA PHE A 316 -33.07 24.85 41.40
C PHE A 316 -31.56 24.86 41.26
N PRO A 317 -30.89 23.74 41.40
CA PRO A 317 -29.44 23.68 41.18
C PRO A 317 -28.93 24.53 40.04
N GLU A 318 -27.80 25.18 40.27
CA GLU A 318 -27.12 25.93 39.23
C GLU A 318 -26.95 25.11 37.96
N ILE A 319 -26.66 23.82 38.12
CA ILE A 319 -26.46 22.93 36.98
C ILE A 319 -27.69 22.79 36.09
N PHE A 320 -28.87 23.15 36.59
CA PHE A 320 -30.07 23.10 35.77
C PHE A 320 -30.10 24.19 34.72
N TYR A 321 -29.46 25.32 35.01
CA TYR A 321 -29.43 26.48 34.15
C TYR A 321 -28.27 26.43 33.18
N THR A 322 -27.21 25.76 33.59
CA THR A 322 -25.93 25.80 32.90
C THR A 322 -25.68 24.57 32.07
N PHE A 323 -26.14 23.41 32.53
CA PHE A 323 -25.90 22.19 31.77
C PHE A 323 -27.17 21.44 31.40
N LEU A 324 -28.08 21.17 32.34
CA LEU A 324 -29.09 20.16 32.06
C LEU A 324 -30.20 20.66 31.17
N GLN A 325 -30.67 21.88 31.36
CA GLN A 325 -31.63 22.43 30.40
C GLN A 325 -31.05 22.51 29.00
N PRO A 326 -29.87 23.10 28.76
CA PRO A 326 -29.38 23.14 27.37
C PRO A 326 -28.93 21.79 26.84
N TYR A 327 -28.33 20.93 27.66
CA TYR A 327 -27.89 19.63 27.14
C TYR A 327 -29.09 18.76 26.81
N MET A 328 -30.03 18.65 27.74
CA MET A 328 -31.18 17.79 27.55
C MET A 328 -32.11 18.29 26.45
N ALA A 329 -32.05 19.57 26.13
CA ALA A 329 -32.84 20.12 25.03
C ALA A 329 -32.48 19.53 23.66
N GLN A 330 -31.33 18.89 23.51
CA GLN A 330 -31.00 18.27 22.23
C GLN A 330 -31.82 17.02 21.94
N PHE A 331 -32.47 16.46 22.96
CA PHE A 331 -33.37 15.33 22.82
C PHE A 331 -34.82 15.75 22.72
N ALA A 332 -35.11 17.04 22.82
CA ALA A 332 -36.43 17.50 23.22
C ALA A 332 -37.49 17.69 22.12
N LYS A 333 -37.25 18.50 21.10
CA LYS A 333 -38.43 18.87 20.30
C LYS A 333 -38.13 19.11 18.84
N GLU A 334 -38.88 18.40 17.97
CA GLU A 334 -38.57 18.20 16.56
C GLU A 334 -37.19 17.63 16.37
N THR A 335 -36.62 17.09 17.44
CA THR A 335 -35.33 16.43 17.37
C THR A 335 -35.53 15.02 16.84
N PHE A 336 -34.42 14.43 16.44
CA PHE A 336 -34.41 13.37 15.44
C PHE A 336 -33.41 12.31 15.85
N LEU A 337 -33.04 12.28 17.13
CA LEU A 337 -31.96 11.47 17.65
C LEU A 337 -32.51 10.11 18.11
N SER A 338 -32.06 9.04 17.46
CA SER A 338 -32.58 7.70 17.71
C SER A 338 -32.12 7.18 19.06
N ALA A 339 -32.79 6.12 19.53
CA ALA A 339 -32.35 5.47 20.77
C ALA A 339 -30.92 4.99 20.65
N ASP A 340 -30.54 4.52 19.47
CA ASP A 340 -29.18 4.06 19.23
C ASP A 340 -28.21 5.22 19.17
N GLU A 341 -28.66 6.37 18.69
CA GLU A 341 -27.82 7.54 18.55
C GLU A 341 -27.80 8.36 19.82
N ARG A 342 -28.88 8.35 20.59
CA ARG A 342 -28.90 8.92 21.93
C ARG A 342 -27.79 8.33 22.80
N ILE A 343 -27.69 7.01 22.84
CA ILE A 343 -26.64 6.35 23.61
C ILE A 343 -25.26 6.68 23.11
N LEU A 344 -25.10 6.86 21.80
CA LEU A 344 -23.80 7.24 21.28
C LEU A 344 -23.48 8.72 21.49
N VAL A 345 -24.49 9.58 21.50
CA VAL A 345 -24.31 10.98 21.87
C VAL A 345 -23.91 11.11 23.34
N ILE A 346 -24.51 10.30 24.22
CA ILE A 346 -24.17 10.36 25.63
C ILE A 346 -22.85 9.66 25.92
N ARG A 347 -22.48 8.65 25.14
CA ARG A 347 -21.19 8.00 25.35
C ARG A 347 -20.07 8.93 24.91
N LYS A 348 -20.22 9.52 23.72
CA LYS A 348 -19.25 10.48 23.20
C LYS A 348 -19.13 11.73 24.05
N ASP A 349 -20.16 12.09 24.81
CA ASP A 349 -20.13 13.26 25.68
C ASP A 349 -19.97 12.93 27.15
N LEU A 350 -19.71 11.67 27.51
CA LEU A 350 -19.66 11.29 28.92
C LEU A 350 -18.70 12.15 29.71
N GLY A 351 -17.47 12.31 29.22
CA GLY A 351 -16.49 13.09 29.95
C GLY A 351 -16.94 14.52 30.21
N ASN A 352 -17.47 15.17 29.19
CA ASN A 352 -18.02 16.51 29.36
C ASN A 352 -19.17 16.54 30.36
N ILE A 353 -20.08 15.56 30.28
CA ILE A 353 -21.20 15.49 31.22
C ILE A 353 -20.73 15.34 32.66
N ILE A 354 -19.78 14.43 32.89
CA ILE A 354 -19.26 14.20 34.23
C ILE A 354 -18.66 15.47 34.82
N HIS A 355 -17.87 16.18 34.04
CA HIS A 355 -17.29 17.44 34.50
C HIS A 355 -18.35 18.45 34.93
N ASN A 356 -19.35 18.71 34.09
CA ASN A 356 -20.36 19.69 34.44
C ASN A 356 -21.14 19.29 35.69
N LEU A 357 -21.75 18.11 35.68
CA LEU A 357 -22.56 17.68 36.82
C LEU A 357 -21.70 17.48 38.06
N CYS A 358 -20.62 16.71 37.96
CA CYS A 358 -19.82 16.39 39.12
C CYS A 358 -18.65 17.35 39.35
N GLY A 359 -17.73 17.43 38.39
CA GLY A 359 -16.56 18.28 38.53
C GLY A 359 -15.29 17.55 38.18
N GLU A 372 -23.02 14.65 41.12
CA GLU A 372 -23.69 13.36 41.03
C GLU A 372 -25.13 13.49 41.46
N ASN A 373 -25.48 14.68 41.94
CA ASN A 373 -26.89 14.92 42.29
C ASN A 373 -27.73 15.07 41.03
N GLY A 374 -27.19 15.69 39.99
CA GLY A 374 -27.90 15.76 38.74
C GLY A 374 -27.71 14.56 37.85
N LEU A 375 -26.82 13.63 38.23
CA LEU A 375 -26.54 12.48 37.38
C LEU A 375 -27.77 11.60 37.18
N VAL A 376 -28.61 11.50 38.20
CA VAL A 376 -29.81 10.68 38.12
C VAL A 376 -30.77 11.21 37.09
N ILE A 377 -30.60 12.46 36.69
CA ILE A 377 -31.39 13.05 35.61
C ILE A 377 -30.86 12.57 34.26
N LEU A 378 -29.54 12.49 34.12
CA LEU A 378 -28.95 11.92 32.92
C LEU A 378 -29.14 10.41 32.83
N VAL A 379 -29.18 9.71 33.95
CA VAL A 379 -29.36 8.26 33.95
C VAL A 379 -30.66 7.88 33.26
N SER A 380 -31.75 8.57 33.58
CA SER A 380 -32.99 8.24 32.89
C SER A 380 -32.99 8.67 31.44
N VAL A 381 -31.98 9.38 30.97
CA VAL A 381 -31.82 9.57 29.53
C VAL A 381 -31.26 8.32 28.92
N ILE A 382 -30.28 7.73 29.58
CA ILE A 382 -29.64 6.51 29.11
C ILE A 382 -30.60 5.34 29.23
N THR A 383 -31.10 5.08 30.44
CA THR A 383 -32.00 3.96 30.64
C THR A 383 -33.27 4.02 29.83
N SER A 384 -33.67 5.19 29.34
CA SER A 384 -34.86 5.22 28.50
C SER A 384 -34.58 4.76 27.09
N CYS A 385 -33.31 4.69 26.70
CA CYS A 385 -32.90 4.14 25.42
C CYS A 385 -32.77 2.62 25.42
N LEU A 386 -32.44 2.02 26.56
CA LEU A 386 -31.82 0.70 26.57
C LEU A 386 -32.76 -0.41 26.11
N GLN A 387 -34.06 -0.28 26.33
CA GLN A 387 -34.97 -1.30 25.86
C GLN A 387 -35.29 -1.24 24.38
N THR A 388 -34.76 -0.28 23.64
CA THR A 388 -35.04 -0.18 22.21
C THR A 388 -33.78 -0.03 21.38
N LEU A 389 -32.62 -0.41 21.91
CA LEU A 389 -31.40 -0.36 21.14
C LEU A 389 -31.42 -1.47 20.11
N LYS A 390 -30.83 -1.20 18.95
CA LYS A 390 -30.79 -2.16 17.86
C LYS A 390 -29.42 -2.80 17.66
N TYR A 391 -28.37 -2.00 17.60
CA TYR A 391 -27.07 -2.52 17.23
C TYR A 391 -26.25 -2.94 18.45
N CYS A 392 -25.39 -3.92 18.21
CA CYS A 392 -24.45 -4.39 19.23
C CYS A 392 -23.57 -3.28 19.76
N ASP A 393 -23.09 -2.39 18.90
CA ASP A 393 -22.23 -1.31 19.36
C ASP A 393 -22.95 -0.35 20.30
N SER A 394 -24.21 -0.07 20.02
CA SER A 394 -24.95 0.84 20.90
C SER A 394 -25.39 0.16 22.19
N LYS A 395 -25.62 -1.15 22.17
CA LYS A 395 -25.84 -1.89 23.41
C LYS A 395 -24.55 -2.02 24.22
N LEU A 396 -23.41 -2.16 23.54
CA LEU A 396 -22.14 -2.20 24.26
C LEU A 396 -21.77 -0.83 24.81
N ALA A 397 -21.94 0.23 24.01
CA ALA A 397 -21.70 1.57 24.51
C ALA A 397 -22.62 1.90 25.68
N ALA A 398 -23.88 1.46 25.59
CA ALA A 398 -24.82 1.61 26.69
C ALA A 398 -24.28 0.97 27.95
N LEU A 399 -23.65 -0.19 27.81
CA LEU A 399 -23.06 -0.89 28.94
C LEU A 399 -21.83 -0.17 29.47
N GLU A 400 -20.99 0.37 28.59
CA GLU A 400 -19.85 1.16 29.03
C GLU A 400 -20.29 2.38 29.84
N LEU A 401 -21.31 3.09 29.37
CA LEU A 401 -21.82 4.24 30.12
C LEU A 401 -22.25 3.84 31.52
N ILE A 402 -23.06 2.80 31.63
CA ILE A 402 -23.49 2.33 32.95
C ILE A 402 -22.29 2.02 33.82
N LEU A 403 -21.29 1.34 33.27
CA LEU A 403 -20.12 1.01 34.06
C LEU A 403 -19.39 2.26 34.55
N HIS A 404 -19.20 3.25 33.68
CA HIS A 404 -18.55 4.50 34.09
C HIS A 404 -19.35 5.31 35.09
N LEU A 405 -20.66 5.37 34.93
CA LEU A 405 -21.49 6.12 35.88
C LEU A 405 -21.74 5.38 37.18
N ALA A 406 -21.67 4.06 37.18
CA ALA A 406 -22.05 3.27 38.35
C ALA A 406 -21.33 3.72 39.63
N PRO A 407 -20.02 3.95 39.65
CA PRO A 407 -19.39 4.39 40.90
C PRO A 407 -19.84 5.75 41.37
N ARG A 408 -20.51 6.51 40.52
CA ARG A 408 -20.89 7.87 40.85
C ARG A 408 -22.35 7.99 41.26
N LEU A 409 -23.09 6.89 41.26
CA LEU A 409 -24.50 6.87 41.64
C LEU A 409 -24.68 6.16 42.97
N SER A 410 -25.74 6.55 43.68
CA SER A 410 -26.08 5.90 44.93
C SER A 410 -26.49 4.44 44.70
N VAL A 411 -26.29 3.62 45.72
CA VAL A 411 -26.72 2.22 45.69
C VAL A 411 -28.21 2.10 45.38
N GLU A 412 -29.00 3.07 45.85
CA GLU A 412 -30.42 3.07 45.52
C GLU A 412 -30.64 3.19 44.03
N ILE A 413 -29.87 4.05 43.35
CA ILE A 413 -29.98 4.15 41.91
C ILE A 413 -29.45 2.90 41.22
N LEU A 414 -28.34 2.35 41.70
CA LEU A 414 -27.81 1.14 41.09
C LEU A 414 -28.78 -0.03 41.15
N LEU A 415 -29.20 -0.40 42.36
CA LEU A 415 -30.05 -1.58 42.51
C LEU A 415 -31.45 -1.36 41.96
N ASP A 416 -32.05 -0.21 42.23
CA ASP A 416 -33.43 -0.01 41.80
C ASP A 416 -33.54 0.38 40.34
N ARG A 417 -32.62 1.18 39.82
CA ARG A 417 -32.75 1.68 38.47
C ARG A 417 -31.89 0.97 37.42
N ILE A 418 -30.63 0.72 37.71
CA ILE A 418 -29.73 0.18 36.68
C ILE A 418 -29.73 -1.34 36.62
N THR A 419 -29.80 -2.04 37.73
CA THR A 419 -29.88 -3.50 37.67
C THR A 419 -31.03 -4.02 36.82
N PRO A 420 -32.24 -3.45 36.86
CA PRO A 420 -33.29 -3.95 35.95
C PRO A 420 -32.92 -3.93 34.49
N TYR A 421 -31.92 -3.14 34.10
CA TYR A 421 -31.58 -2.95 32.71
C TYR A 421 -30.31 -3.68 32.33
N LEU A 422 -29.63 -4.26 33.29
CA LEU A 422 -28.52 -5.15 33.07
C LEU A 422 -29.01 -6.57 32.96
N LEU A 423 -30.02 -6.91 33.75
CA LEU A 423 -30.70 -8.17 33.57
C LEU A 423 -31.48 -8.20 32.27
N HIS A 424 -31.80 -7.04 31.72
CA HIS A 424 -32.42 -7.00 30.40
C HIS A 424 -31.41 -7.36 29.32
N PHE A 425 -30.26 -6.71 29.29
CA PHE A 425 -29.24 -7.06 28.32
C PHE A 425 -28.72 -8.48 28.50
N SER A 426 -28.81 -9.04 29.70
CA SER A 426 -28.45 -10.44 29.88
C SER A 426 -29.30 -11.34 29.00
N ASN A 427 -30.52 -10.93 28.68
CA ASN A 427 -31.43 -11.65 27.80
C ASN A 427 -31.35 -11.14 26.36
N ASP A 428 -30.31 -10.41 26.02
CA ASP A 428 -30.18 -9.85 24.69
C ASP A 428 -29.95 -10.92 23.64
N SER A 429 -30.24 -10.56 22.39
CA SER A 429 -30.05 -11.48 21.29
C SER A 429 -28.59 -11.70 20.95
N VAL A 430 -27.75 -10.70 21.14
CA VAL A 430 -26.32 -10.81 20.82
C VAL A 430 -25.55 -11.47 21.96
N PRO A 431 -24.85 -12.56 21.71
CA PRO A 431 -24.05 -13.16 22.78
C PRO A 431 -23.01 -12.25 23.40
N ARG A 432 -22.36 -11.39 22.61
CA ARG A 432 -21.44 -10.42 23.18
C ARG A 432 -22.15 -9.45 24.11
N VAL A 433 -23.37 -9.06 23.77
CA VAL A 433 -24.12 -8.18 24.65
C VAL A 433 -24.50 -8.90 25.94
N ARG A 434 -25.02 -10.13 25.83
CA ARG A 434 -25.29 -10.91 27.03
C ARG A 434 -24.05 -11.10 27.88
N ALA A 435 -22.94 -11.45 27.25
CA ALA A 435 -21.68 -11.64 27.96
C ALA A 435 -21.23 -10.38 28.67
N GLU A 436 -21.35 -9.23 28.03
CA GLU A 436 -20.97 -7.96 28.64
C GLU A 436 -21.95 -7.50 29.70
N ALA A 437 -23.24 -7.78 29.52
CA ALA A 437 -24.22 -7.43 30.54
C ALA A 437 -23.91 -8.07 31.87
N LEU A 438 -23.56 -9.34 31.86
CA LEU A 438 -23.16 -10.02 33.09
C LEU A 438 -21.87 -9.45 33.65
N ARG A 439 -20.89 -9.22 32.80
CA ARG A 439 -19.63 -8.63 33.22
C ARG A 439 -19.83 -7.25 33.85
N THR A 440 -20.66 -6.42 33.23
CA THR A 440 -21.01 -5.13 33.81
C THR A 440 -21.76 -5.29 35.12
N LEU A 441 -22.79 -6.14 35.15
CA LEU A 441 -23.56 -6.37 36.36
C LEU A 441 -22.67 -6.79 37.52
N THR A 442 -21.76 -7.72 37.26
CA THR A 442 -20.84 -8.15 38.29
C THR A 442 -20.02 -7.00 38.85
N LYS A 443 -19.49 -6.17 37.97
CA LYS A 443 -18.67 -5.04 38.40
C LYS A 443 -19.48 -3.96 39.10
N VAL A 444 -20.70 -3.71 38.64
CA VAL A 444 -21.57 -2.74 39.29
C VAL A 444 -21.97 -3.20 40.68
N LEU A 445 -22.45 -4.44 40.80
CA LEU A 445 -22.85 -4.94 42.12
C LEU A 445 -21.68 -5.03 43.09
N ALA A 446 -20.46 -5.19 42.58
CA ALA A 446 -19.29 -5.09 43.43
C ALA A 446 -19.14 -3.72 44.07
N LEU A 447 -19.58 -2.67 43.39
CA LEU A 447 -19.55 -1.33 43.96
C LEU A 447 -20.57 -1.10 45.06
N VAL A 448 -21.51 -2.02 45.27
CA VAL A 448 -22.58 -1.82 46.24
C VAL A 448 -22.04 -2.15 47.63
N LYS A 449 -21.77 -1.11 48.42
CA LYS A 449 -21.33 -1.24 49.80
C LYS A 449 -22.45 -1.00 50.80
N GLU A 450 -23.66 -0.77 50.31
CA GLU A 450 -24.81 -0.43 51.14
C GLU A 450 -25.99 -1.29 50.72
N VAL A 451 -26.97 -1.42 51.59
CA VAL A 451 -28.10 -2.29 51.31
C VAL A 451 -29.38 -1.53 51.60
N PRO A 452 -30.05 -0.99 50.59
CA PRO A 452 -31.34 -0.34 50.85
C PRO A 452 -32.35 -1.34 51.36
N ARG A 453 -33.19 -0.90 52.29
CA ARG A 453 -34.11 -1.78 53.01
C ARG A 453 -35.09 -2.50 52.11
N ASN A 454 -35.36 -2.00 50.91
CA ASN A 454 -36.22 -2.74 49.97
C ASN A 454 -35.46 -3.81 49.21
N ASP A 455 -34.13 -3.70 49.11
CA ASP A 455 -33.31 -4.61 48.32
C ASP A 455 -32.66 -5.70 49.15
N ILE A 456 -33.25 -6.07 50.28
CA ILE A 456 -32.66 -7.09 51.15
C ILE A 456 -32.54 -8.42 50.43
N ASN A 457 -33.51 -8.76 49.58
CA ASN A 457 -33.56 -10.05 48.91
C ASN A 457 -33.27 -9.98 47.42
N ILE A 458 -32.47 -9.01 46.99
CA ILE A 458 -32.26 -8.82 45.56
C ILE A 458 -31.53 -10.00 44.92
N TYR A 459 -30.49 -10.52 45.55
CA TYR A 459 -29.78 -11.64 44.93
C TYR A 459 -30.63 -12.92 44.92
N PRO A 460 -31.17 -13.40 46.04
CA PRO A 460 -31.93 -14.65 45.99
C PRO A 460 -33.11 -14.60 45.05
N GLU A 461 -33.73 -13.45 44.90
CA GLU A 461 -35.00 -13.34 44.21
C GLU A 461 -34.94 -12.63 42.88
N TYR A 462 -33.91 -11.83 42.62
CA TYR A 462 -33.80 -11.10 41.37
C TYR A 462 -32.55 -11.39 40.56
N ILE A 463 -31.36 -11.14 41.12
CA ILE A 463 -30.14 -11.14 40.33
C ILE A 463 -29.69 -12.55 40.00
N LEU A 464 -29.64 -13.44 40.98
CA LEU A 464 -29.24 -14.82 40.68
C LEU A 464 -30.26 -15.52 39.81
N PRO A 465 -31.56 -15.46 40.07
CA PRO A 465 -32.51 -15.99 39.11
C PRO A 465 -32.46 -15.30 37.76
N GLY A 466 -32.13 -14.01 37.74
CA GLY A 466 -32.08 -13.27 36.50
C GLY A 466 -30.98 -13.70 35.55
N ILE A 467 -29.78 -13.93 36.06
CA ILE A 467 -28.67 -14.39 35.23
C ILE A 467 -28.51 -15.88 35.16
N ALA A 468 -29.34 -16.65 35.87
CA ALA A 468 -29.18 -18.11 35.90
C ALA A 468 -29.23 -18.72 34.51
N HIS A 469 -29.97 -18.10 33.58
CA HIS A 469 -30.07 -18.64 32.23
C HIS A 469 -28.76 -18.59 31.47
N LEU A 470 -27.82 -17.75 31.89
CA LEU A 470 -26.54 -17.60 31.21
C LEU A 470 -25.60 -18.78 31.46
N ALA A 471 -25.81 -19.53 32.54
CA ALA A 471 -24.95 -20.67 32.82
C ALA A 471 -25.17 -21.80 31.82
N GLN A 472 -26.34 -21.86 31.20
CA GLN A 472 -26.68 -22.85 30.18
C GLN A 472 -26.81 -22.20 28.81
N ASP A 473 -26.19 -21.05 28.63
CA ASP A 473 -26.36 -20.27 27.41
C ASP A 473 -25.88 -21.05 26.19
N ASP A 474 -26.51 -20.79 25.05
CA ASP A 474 -26.10 -21.44 23.82
C ASP A 474 -24.70 -21.03 23.40
N ALA A 475 -24.38 -19.74 23.49
CA ALA A 475 -23.07 -19.27 23.12
C ALA A 475 -22.05 -19.58 24.20
N THR A 476 -20.91 -20.12 23.79
CA THR A 476 -19.85 -20.40 24.74
C THR A 476 -19.27 -19.13 25.32
N ILE A 477 -19.28 -18.03 24.56
CA ILE A 477 -18.74 -16.77 25.04
C ILE A 477 -19.47 -16.30 26.29
N VAL A 478 -20.77 -16.57 26.37
CA VAL A 478 -21.59 -16.16 27.50
C VAL A 478 -21.35 -17.06 28.70
N ARG A 479 -21.27 -18.37 28.49
CA ARG A 479 -20.92 -19.27 29.57
C ARG A 479 -19.52 -19.01 30.07
N LEU A 480 -18.60 -18.63 29.19
CA LEU A 480 -17.30 -18.17 29.63
C LEU A 480 -17.43 -16.94 30.49
N ALA A 481 -18.38 -16.08 30.18
CA ALA A 481 -18.59 -14.89 30.99
C ALA A 481 -19.10 -15.26 32.37
N TYR A 482 -19.99 -16.24 32.44
CA TYR A 482 -20.52 -16.67 33.72
C TYR A 482 -19.46 -17.39 34.52
N ALA A 483 -18.66 -18.21 33.86
CA ALA A 483 -17.56 -18.87 34.54
C ALA A 483 -16.57 -17.87 35.12
N GLU A 484 -16.30 -16.79 34.41
CA GLU A 484 -15.39 -15.77 34.92
C GLU A 484 -15.97 -15.01 36.10
N ASN A 485 -17.25 -14.70 36.07
CA ASN A 485 -17.82 -13.83 37.08
C ASN A 485 -18.57 -14.51 38.20
N ILE A 486 -18.82 -15.82 38.14
CA ILE A 486 -19.60 -16.47 39.19
C ILE A 486 -18.91 -16.37 40.55
N ALA A 487 -17.59 -16.50 40.58
CA ALA A 487 -16.89 -16.43 41.85
C ALA A 487 -17.09 -15.07 42.51
N LEU A 488 -16.93 -14.01 41.74
CA LEU A 488 -17.15 -12.67 42.28
C LEU A 488 -18.62 -12.36 42.51
N LEU A 489 -19.53 -12.89 41.69
CA LEU A 489 -20.96 -12.70 41.93
C LEU A 489 -21.40 -13.36 43.21
N ALA A 490 -20.97 -14.60 43.42
CA ALA A 490 -21.29 -15.31 44.65
C ALA A 490 -20.71 -14.63 45.87
N GLU A 491 -19.47 -14.15 45.76
CA GLU A 491 -18.87 -13.42 46.87
C GLU A 491 -19.61 -12.14 47.16
N THR A 492 -20.03 -11.42 46.13
CA THR A 492 -20.76 -10.18 46.34
C THR A 492 -22.14 -10.43 46.93
N ALA A 493 -22.81 -11.50 46.52
CA ALA A 493 -24.08 -11.84 47.13
C ALA A 493 -23.89 -12.16 48.60
N LEU A 494 -22.79 -12.82 48.92
CA LEU A 494 -22.49 -13.19 50.29
C LEU A 494 -22.20 -11.96 51.13
N ARG A 495 -21.42 -11.01 50.58
CA ARG A 495 -21.18 -9.76 51.27
C ARG A 495 -22.49 -9.00 51.46
N PHE A 496 -23.36 -9.05 50.46
CA PHE A 496 -24.67 -8.42 50.55
C PHE A 496 -25.47 -8.99 51.70
N LEU A 497 -25.41 -10.30 51.90
CA LEU A 497 -26.17 -10.92 52.97
C LEU A 497 -25.64 -10.51 54.32
N GLU A 498 -24.32 -10.35 54.44
CA GLU A 498 -23.71 -9.88 55.66
C GLU A 498 -24.19 -8.48 56.01
N LEU A 499 -24.24 -7.59 55.02
CA LEU A 499 -24.70 -6.24 55.26
C LEU A 499 -26.14 -6.22 55.72
N VAL A 500 -26.95 -7.16 55.25
CA VAL A 500 -28.33 -7.29 55.71
C VAL A 500 -28.37 -7.61 57.20
N GLN A 501 -27.44 -8.44 57.66
CA GLN A 501 -27.44 -8.81 59.07
C GLN A 501 -26.96 -7.67 59.96
N LEU A 502 -25.97 -6.91 59.48
CA LEU A 502 -25.56 -5.74 60.25
C LEU A 502 -26.71 -4.75 60.37
N LYS A 503 -27.52 -4.60 59.32
CA LYS A 503 -28.71 -3.78 59.40
C LYS A 503 -29.73 -4.37 60.37
N ASN A 504 -30.04 -5.65 60.21
CA ASN A 504 -31.04 -6.28 61.06
C ASN A 504 -30.65 -6.24 62.53
N LEU A 505 -29.37 -6.46 62.83
CA LEU A 505 -28.92 -6.43 64.22
C LEU A 505 -29.20 -5.08 64.87
N ASN A 506 -28.96 -4.00 64.13
CA ASN A 506 -29.29 -2.67 64.65
C ASN A 506 -30.79 -2.54 64.87
N MET A 507 -31.60 -3.06 63.95
CA MET A 507 -33.06 -2.95 64.08
C MET A 507 -33.56 -3.67 65.32
N GLU A 508 -33.00 -4.84 65.63
CA GLU A 508 -33.34 -5.52 66.87
C GLU A 508 -32.82 -4.76 68.09
N ASN A 509 -31.61 -4.24 68.02
CA ASN A 509 -31.02 -3.50 69.12
C ASN A 509 -31.72 -2.16 69.34
N TYR A 526 -30.98 -15.74 58.79
CA TYR A 526 -29.63 -15.80 58.26
C TYR A 526 -29.17 -17.20 57.92
N ASP A 527 -29.43 -18.16 58.80
CA ASP A 527 -29.03 -19.53 58.52
C ASP A 527 -29.74 -20.09 57.30
N THR A 528 -31.00 -19.72 57.10
CA THR A 528 -31.73 -20.15 55.91
C THR A 528 -31.27 -19.40 54.67
N GLU A 529 -31.15 -18.07 54.75
CA GLU A 529 -30.71 -17.30 53.59
C GLU A 529 -29.28 -17.65 53.20
N LEU A 530 -28.41 -17.87 54.18
CA LEU A 530 -27.04 -18.22 53.91
C LEU A 530 -26.93 -19.58 53.24
N GLN A 531 -27.74 -20.54 53.69
CA GLN A 531 -27.72 -21.85 53.07
C GLN A 531 -28.37 -21.84 51.70
N ALA A 532 -29.39 -21.02 51.51
CA ALA A 532 -29.97 -20.89 50.19
C ALA A 532 -28.94 -20.34 49.21
N LEU A 533 -28.22 -19.30 49.62
CA LEU A 533 -27.19 -18.73 48.77
C LEU A 533 -26.08 -19.74 48.48
N HIS A 534 -25.75 -20.58 49.46
CA HIS A 534 -24.77 -21.63 49.23
C HIS A 534 -25.25 -22.64 48.23
N GLU A 535 -26.52 -23.03 48.32
CA GLU A 535 -27.08 -23.96 47.35
C GLU A 535 -27.19 -23.34 45.97
N MET A 536 -27.52 -22.05 45.87
CA MET A 536 -27.65 -21.43 44.56
C MET A 536 -26.32 -21.45 43.83
N VAL A 537 -25.26 -21.05 44.51
CA VAL A 537 -23.93 -21.00 43.92
C VAL A 537 -23.42 -22.40 43.65
N GLN A 538 -23.70 -23.30 44.56
CA GLN A 538 -23.22 -24.66 44.48
C GLN A 538 -23.75 -25.35 43.24
N GLN A 539 -25.01 -25.10 42.90
CA GLN A 539 -25.61 -25.67 41.70
C GLN A 539 -25.03 -25.09 40.43
N LYS A 540 -24.70 -23.80 40.43
CA LYS A 540 -24.12 -23.16 39.26
C LYS A 540 -22.69 -23.58 39.01
N VAL A 541 -21.93 -23.88 40.06
CA VAL A 541 -20.59 -24.38 39.88
C VAL A 541 -20.62 -25.80 39.32
N VAL A 542 -21.53 -26.64 39.79
CA VAL A 542 -21.63 -27.98 39.24
C VAL A 542 -22.10 -27.93 37.79
N THR A 543 -22.98 -26.99 37.48
CA THR A 543 -23.44 -26.80 36.12
C THR A 543 -22.32 -26.40 35.19
N LEU A 544 -21.42 -25.54 35.68
CA LEU A 544 -20.29 -25.10 34.89
C LEU A 544 -19.17 -26.11 34.83
N LEU A 545 -19.00 -26.93 35.87
CA LEU A 545 -17.99 -27.98 35.82
C LEU A 545 -18.42 -29.16 34.97
N SER A 546 -19.68 -29.24 34.60
CA SER A 546 -20.17 -30.26 33.68
C SER A 546 -20.51 -29.66 32.33
N ASP A 547 -19.90 -28.54 32.00
CA ASP A 547 -20.18 -27.89 30.74
C ASP A 547 -19.72 -28.77 29.58
N PRO A 548 -20.38 -28.69 28.43
CA PRO A 548 -19.90 -29.45 27.27
C PRO A 548 -18.58 -28.95 26.73
N GLU A 549 -18.21 -27.71 27.01
CA GLU A 549 -16.97 -27.14 26.53
C GLU A 549 -15.94 -27.17 27.64
N ASN A 550 -14.76 -27.66 27.33
CA ASN A 550 -13.70 -27.71 28.32
C ASN A 550 -13.23 -26.31 28.68
N ILE A 551 -13.33 -25.37 27.74
CA ILE A 551 -12.89 -24.02 28.04
C ILE A 551 -13.73 -23.40 29.13
N VAL A 552 -14.99 -23.79 29.26
CA VAL A 552 -15.81 -23.28 30.36
C VAL A 552 -15.33 -23.87 31.68
N LYS A 553 -15.09 -25.18 31.71
CA LYS A 553 -14.56 -25.82 32.92
C LYS A 553 -13.21 -25.25 33.27
N GLN A 554 -12.38 -25.08 32.25
CA GLN A 554 -11.07 -24.47 32.40
C GLN A 554 -11.20 -23.05 32.94
N THR A 555 -11.98 -22.21 32.27
CA THR A 555 -12.19 -20.84 32.73
C THR A 555 -12.66 -20.77 34.18
N LEU A 556 -13.54 -21.67 34.60
CA LEU A 556 -14.03 -21.60 35.97
C LEU A 556 -12.92 -21.90 36.98
N MET A 557 -12.01 -22.79 36.61
CA MET A 557 -10.91 -23.15 37.50
C MET A 557 -9.90 -22.02 37.66
N GLU A 558 -9.50 -21.35 36.57
CA GLU A 558 -8.55 -20.26 36.72
C GLU A 558 -9.10 -19.00 37.33
N ASN A 559 -10.42 -18.83 37.40
CA ASN A 559 -10.90 -17.59 38.00
C ASN A 559 -11.08 -17.65 39.50
N GLY A 560 -11.94 -18.51 40.01
CA GLY A 560 -12.15 -18.51 41.44
C GLY A 560 -12.60 -19.78 42.10
N ILE A 561 -12.23 -20.94 41.55
CA ILE A 561 -12.73 -22.20 42.09
C ILE A 561 -12.41 -22.34 43.57
N THR A 562 -11.22 -21.89 43.98
CA THR A 562 -10.83 -21.91 45.40
C THR A 562 -11.68 -20.96 46.24
N ARG A 563 -12.09 -19.84 45.65
CA ARG A 563 -12.95 -18.91 46.35
C ARG A 563 -14.37 -19.43 46.49
N LEU A 564 -14.81 -20.26 45.55
CA LEU A 564 -16.14 -20.85 45.58
C LEU A 564 -16.23 -22.02 46.55
N CYS A 565 -15.10 -22.57 46.98
CA CYS A 565 -15.09 -23.66 47.96
C CYS A 565 -15.76 -23.28 49.27
N VAL A 566 -15.78 -21.99 49.61
CA VAL A 566 -16.44 -21.56 50.84
C VAL A 566 -17.94 -21.81 50.77
N PHE A 567 -18.53 -21.76 49.57
CA PHE A 567 -19.95 -22.03 49.45
C PHE A 567 -20.28 -23.49 49.59
N PHE A 568 -19.44 -24.36 49.04
CA PHE A 568 -19.70 -25.78 49.21
C PHE A 568 -19.51 -26.21 50.64
N GLY A 569 -18.46 -25.74 51.28
CA GLY A 569 -18.12 -26.18 52.61
C GLY A 569 -17.06 -27.27 52.55
N ARG A 570 -16.38 -27.45 53.68
CA ARG A 570 -15.23 -28.35 53.71
C ARG A 570 -15.61 -29.77 53.29
N GLN A 571 -16.84 -30.19 53.55
CA GLN A 571 -17.26 -31.55 53.22
C GLN A 571 -17.79 -31.69 51.81
N LYS A 572 -18.73 -30.83 51.38
CA LYS A 572 -19.24 -30.93 50.02
C LYS A 572 -18.19 -30.53 49.01
N ALA A 573 -17.20 -29.73 49.38
CA ALA A 573 -16.13 -29.42 48.45
C ALA A 573 -15.41 -30.70 48.07
N ASN A 574 -15.29 -31.63 49.02
CA ASN A 574 -14.72 -32.93 48.74
C ASN A 574 -15.70 -33.82 47.98
N ASP A 575 -16.91 -33.97 48.49
CA ASP A 575 -17.87 -34.89 47.90
C ASP A 575 -18.31 -34.47 46.51
N VAL A 576 -18.58 -33.19 46.31
CA VAL A 576 -19.10 -32.71 45.04
C VAL A 576 -18.04 -32.07 44.15
N LEU A 577 -17.59 -30.89 44.57
CA LEU A 577 -16.68 -30.09 43.75
C LEU A 577 -15.43 -30.84 43.33
N LEU A 578 -14.74 -31.44 44.29
CA LEU A 578 -13.49 -32.13 44.00
C LEU A 578 -13.70 -33.35 43.12
N SER A 579 -14.74 -34.14 43.39
CA SER A 579 -15.04 -35.26 42.52
C SER A 579 -15.30 -34.83 41.08
N HIS A 580 -15.97 -33.69 40.89
CA HIS A 580 -16.15 -33.16 39.55
C HIS A 580 -14.84 -32.83 38.88
N MET A 581 -13.97 -32.14 39.60
CA MET A 581 -12.67 -31.80 39.03
C MET A 581 -11.85 -33.03 38.71
N ILE A 582 -11.97 -34.09 39.51
CA ILE A 582 -11.17 -35.29 39.28
C ILE A 582 -11.49 -35.93 37.95
N THR A 583 -12.72 -35.78 37.47
CA THR A 583 -13.09 -36.35 36.18
C THR A 583 -12.42 -35.64 35.02
N PHE A 584 -11.87 -34.46 35.25
CA PHE A 584 -11.20 -33.72 34.18
C PHE A 584 -9.96 -34.46 33.71
N LEU A 585 -9.38 -35.29 34.56
CA LEU A 585 -8.21 -36.06 34.20
C LEU A 585 -8.52 -37.21 33.27
N ASN A 586 -9.77 -37.57 33.14
CA ASN A 586 -10.18 -38.66 32.27
C ASN A 586 -10.23 -38.22 30.82
N ASP A 587 -10.24 -36.92 30.59
CA ASP A 587 -10.27 -36.32 29.26
C ASP A 587 -8.88 -36.44 28.69
N LYS A 588 -8.66 -37.49 27.93
CA LYS A 588 -7.32 -37.75 27.43
C LYS A 588 -7.07 -37.09 26.09
N ASN A 589 -8.09 -36.48 25.49
CA ASN A 589 -7.93 -35.75 24.25
C ASN A 589 -7.77 -34.26 24.43
N ASP A 590 -7.74 -33.76 25.65
CA ASP A 590 -7.55 -32.33 25.88
C ASP A 590 -6.62 -32.15 27.06
N TRP A 591 -5.35 -31.86 26.78
CA TRP A 591 -4.36 -31.69 27.81
C TRP A 591 -4.51 -30.37 28.51
N HIS A 592 -5.15 -29.41 27.87
CA HIS A 592 -5.35 -28.11 28.50
C HIS A 592 -6.26 -28.22 29.70
N LEU A 593 -7.31 -29.05 29.59
CA LEU A 593 -8.15 -29.33 30.75
C LEU A 593 -7.40 -30.14 31.82
N ARG A 594 -6.59 -31.10 31.40
CA ARG A 594 -5.80 -31.84 32.39
C ARG A 594 -4.79 -30.93 33.08
N GLY A 595 -4.22 -29.99 32.34
CA GLY A 595 -3.30 -29.05 32.94
C GLY A 595 -4.00 -28.05 33.85
N ALA A 596 -5.18 -27.62 33.45
CA ALA A 596 -5.97 -26.70 34.26
C ALA A 596 -6.42 -27.32 35.56
N PHE A 597 -6.59 -28.64 35.58
CA PHE A 597 -6.89 -29.32 36.82
C PHE A 597 -5.75 -29.20 37.82
N PHE A 598 -4.52 -29.38 37.35
CA PHE A 598 -3.37 -29.30 38.24
C PHE A 598 -3.06 -27.88 38.67
N ASP A 599 -3.36 -26.89 37.83
CA ASP A 599 -3.17 -25.51 38.24
C ASP A 599 -4.13 -25.09 39.35
N SER A 600 -5.29 -25.73 39.45
CA SER A 600 -6.27 -25.34 40.45
C SER A 600 -6.50 -26.36 41.54
N ILE A 601 -5.87 -27.52 41.49
CA ILE A 601 -6.15 -28.54 42.50
C ILE A 601 -5.58 -28.15 43.85
N VAL A 602 -4.54 -27.33 43.89
CA VAL A 602 -3.90 -27.00 45.16
C VAL A 602 -4.82 -26.16 46.03
N GLY A 603 -5.55 -25.22 45.44
CA GLY A 603 -6.50 -24.44 46.22
C GLY A 603 -7.64 -25.25 46.79
N VAL A 604 -8.19 -26.17 46.00
CA VAL A 604 -9.27 -27.03 46.49
C VAL A 604 -8.76 -28.04 47.50
N ALA A 605 -7.60 -28.64 47.24
CA ALA A 605 -7.02 -29.60 48.17
C ALA A 605 -6.66 -28.97 49.50
N ALA A 606 -6.12 -27.77 49.47
CA ALA A 606 -5.87 -27.06 50.70
C ALA A 606 -7.16 -26.83 51.47
N TYR A 607 -8.19 -26.33 50.77
CA TYR A 607 -9.47 -26.10 51.43
C TYR A 607 -10.10 -27.37 51.96
N VAL A 608 -10.19 -28.41 51.15
CA VAL A 608 -10.79 -29.65 51.64
C VAL A 608 -10.02 -30.19 52.83
N GLY A 609 -8.70 -30.09 52.79
CA GLY A 609 -7.88 -30.54 53.88
C GLY A 609 -7.34 -31.94 53.67
N TRP A 610 -6.85 -32.53 54.76
CA TRP A 610 -6.12 -33.78 54.67
C TRP A 610 -6.95 -34.92 54.11
N GLN A 611 -8.28 -34.82 54.17
CA GLN A 611 -9.09 -35.89 53.63
C GLN A 611 -9.01 -35.98 52.11
N SER A 612 -8.43 -34.98 51.43
CA SER A 612 -8.28 -35.01 49.99
C SER A 612 -6.94 -35.57 49.54
N SER A 613 -6.00 -35.79 50.45
CA SER A 613 -4.68 -36.24 50.06
C SER A 613 -4.72 -37.66 49.56
N SER A 614 -5.60 -38.48 50.12
CA SER A 614 -5.71 -39.86 49.67
C SER A 614 -6.26 -39.94 48.25
N ILE A 615 -7.31 -39.19 47.95
CA ILE A 615 -7.91 -39.23 46.63
C ILE A 615 -7.01 -38.60 45.58
N LEU A 616 -6.25 -37.57 45.94
CA LEU A 616 -5.38 -36.88 44.99
C LEU A 616 -4.01 -37.52 44.79
N LYS A 617 -3.54 -38.32 45.73
CA LYS A 617 -2.22 -38.94 45.58
C LYS A 617 -2.11 -39.79 44.33
N PRO A 618 -3.01 -40.74 44.05
CA PRO A 618 -2.92 -41.45 42.77
C PRO A 618 -3.10 -40.58 41.55
N LEU A 619 -3.93 -39.53 41.64
CA LEU A 619 -4.14 -38.67 40.49
C LEU A 619 -2.90 -37.85 40.17
N LEU A 620 -2.17 -37.41 41.19
CA LEU A 620 -0.94 -36.67 40.99
C LEU A 620 0.14 -37.53 40.35
N GLN A 621 0.20 -38.81 40.72
CA GLN A 621 1.11 -39.74 40.05
C GLN A 621 0.71 -39.98 38.60
N GLN A 622 -0.59 -40.06 38.34
CA GLN A 622 -1.08 -40.12 36.96
C GLN A 622 -0.66 -38.90 36.16
N GLY A 623 -0.55 -37.74 36.81
CA GLY A 623 -0.19 -36.51 36.13
C GLY A 623 1.27 -36.45 35.75
N LEU A 624 2.11 -37.22 36.42
CA LEU A 624 3.52 -37.31 36.13
C LEU A 624 3.86 -38.24 34.99
N SER A 625 2.92 -39.07 34.54
CA SER A 625 3.13 -39.95 33.40
C SER A 625 2.24 -39.52 32.23
N ASP A 626 1.87 -38.26 32.21
CA ASP A 626 0.98 -37.74 31.20
C ASP A 626 1.56 -37.87 29.79
N ALA A 627 0.65 -37.91 28.81
CA ALA A 627 1.06 -37.92 27.41
C ALA A 627 1.60 -36.58 26.95
N GLU A 628 1.17 -35.49 27.57
CA GLU A 628 1.68 -34.17 27.25
C GLU A 628 2.62 -33.78 28.38
N GLU A 629 3.88 -33.52 28.01
CA GLU A 629 4.88 -33.10 28.98
C GLU A 629 4.56 -31.78 29.64
N PHE A 630 3.79 -30.91 28.99
CA PHE A 630 3.34 -29.72 29.71
C PHE A 630 2.31 -30.02 30.78
N VAL A 631 1.69 -31.19 30.78
CA VAL A 631 0.82 -31.54 31.90
C VAL A 631 1.64 -32.15 33.03
N ILE A 632 2.79 -32.73 32.71
CA ILE A 632 3.71 -33.22 33.73
C ILE A 632 4.28 -32.07 34.51
N VAL A 633 4.67 -31.00 33.82
CA VAL A 633 5.21 -29.82 34.47
C VAL A 633 4.16 -29.20 35.39
N LYS A 634 2.91 -29.13 34.92
CA LYS A 634 1.83 -28.64 35.77
C LYS A 634 1.57 -29.54 36.96
N ALA A 635 1.67 -30.86 36.79
CA ALA A 635 1.52 -31.79 37.90
C ALA A 635 2.67 -31.67 38.87
N LEU A 636 3.88 -31.49 38.36
CA LEU A 636 5.04 -31.27 39.22
C LEU A 636 4.86 -30.03 40.05
N TYR A 637 4.41 -28.95 39.42
CA TYR A 637 4.20 -27.72 40.14
C TYR A 637 3.17 -27.88 41.24
N ALA A 638 2.03 -28.49 40.90
CA ALA A 638 0.99 -28.75 41.90
C ALA A 638 1.54 -29.55 43.07
N LEU A 639 2.34 -30.56 42.81
CA LEU A 639 3.00 -31.30 43.88
C LEU A 639 3.89 -30.40 44.71
N THR A 640 4.63 -29.51 44.06
CA THR A 640 5.47 -28.55 44.76
C THR A 640 4.65 -27.66 45.68
N CYS A 641 3.58 -27.08 45.16
CA CYS A 641 2.77 -26.18 45.97
C CYS A 641 2.10 -26.92 47.12
N MET A 642 1.57 -28.10 46.85
CA MET A 642 0.96 -28.90 47.91
C MET A 642 1.96 -29.35 48.94
N CYS A 643 3.23 -29.48 48.57
CA CYS A 643 4.26 -29.77 49.57
C CYS A 643 4.61 -28.53 50.39
N GLN A 644 4.69 -27.37 49.73
CA GLN A 644 4.89 -26.10 50.44
C GLN A 644 3.81 -25.86 51.47
N LEU A 645 2.57 -26.18 51.14
CA LEU A 645 1.44 -26.02 52.05
C LEU A 645 1.32 -27.15 53.05
N GLY A 646 2.18 -28.15 53.03
CA GLY A 646 2.03 -29.22 53.99
C GLY A 646 0.86 -30.13 53.74
N LEU A 647 0.32 -30.14 52.51
CA LEU A 647 -0.80 -31.00 52.20
C LEU A 647 -0.37 -32.43 51.95
N LEU A 648 0.83 -32.63 51.41
CA LEU A 648 1.34 -33.97 51.19
C LEU A 648 1.68 -34.61 52.51
N GLN A 649 1.21 -35.84 52.72
CA GLN A 649 1.51 -36.52 53.96
C GLN A 649 3.01 -36.80 54.03
N LYS A 650 3.52 -36.94 55.26
CA LYS A 650 4.96 -37.15 55.43
C LYS A 650 5.50 -38.32 54.62
N PRO A 651 4.94 -39.54 54.68
CA PRO A 651 5.50 -40.61 53.86
C PRO A 651 5.30 -40.36 52.37
N HIS A 652 4.20 -39.74 51.97
CA HIS A 652 3.94 -39.49 50.57
C HIS A 652 4.89 -38.47 49.97
N VAL A 653 5.47 -37.59 50.78
CA VAL A 653 6.46 -36.65 50.28
C VAL A 653 7.67 -37.40 49.75
N TYR A 654 8.08 -38.45 50.45
CA TYR A 654 9.23 -39.23 50.03
C TYR A 654 8.92 -40.15 48.85
N GLU A 655 7.68 -40.58 48.71
CA GLU A 655 7.31 -41.39 47.57
C GLU A 655 7.29 -40.57 46.30
N PHE A 656 6.83 -39.33 46.38
CA PHE A 656 6.89 -38.45 45.23
C PHE A 656 8.33 -38.05 44.94
N ALA A 657 9.15 -37.86 45.97
CA ALA A 657 10.55 -37.54 45.73
C ALA A 657 11.24 -38.66 45.00
N SER A 658 10.96 -39.90 45.37
CA SER A 658 11.51 -41.06 44.68
C SER A 658 11.09 -41.12 43.22
N ASP A 659 9.83 -40.78 42.92
CA ASP A 659 9.37 -40.81 41.53
C ASP A 659 9.81 -39.59 40.73
N ILE A 660 10.01 -38.45 41.38
CA ILE A 660 10.42 -37.25 40.68
C ILE A 660 11.93 -37.11 40.53
N ALA A 661 12.71 -37.78 41.36
CA ALA A 661 14.16 -37.75 41.21
C ALA A 661 14.63 -38.09 39.80
N PRO A 662 14.18 -39.18 39.15
CA PRO A 662 14.69 -39.46 37.80
C PRO A 662 14.47 -38.34 36.79
N PHE A 663 13.49 -37.46 37.00
CA PHE A 663 13.29 -36.32 36.11
C PHE A 663 14.45 -35.35 36.16
N LEU A 664 15.30 -35.41 37.16
CA LEU A 664 16.46 -34.55 37.20
C LEU A 664 17.37 -34.78 36.01
N CYS A 665 17.21 -35.88 35.30
CA CYS A 665 17.94 -36.13 34.07
C CYS A 665 17.03 -36.19 32.85
N HIS A 666 15.80 -35.72 32.96
CA HIS A 666 14.87 -35.70 31.84
C HIS A 666 15.37 -34.69 30.81
N PRO A 667 15.38 -35.04 29.53
CA PRO A 667 15.77 -34.06 28.51
C PRO A 667 14.97 -32.76 28.49
N ASN A 668 13.66 -32.82 28.71
CA ASN A 668 12.85 -31.61 28.82
C ASN A 668 13.26 -30.78 30.03
N LEU A 669 13.68 -29.53 29.78
CA LEU A 669 14.07 -28.63 30.87
C LEU A 669 12.90 -28.19 31.72
N TRP A 670 11.71 -28.08 31.15
CA TRP A 670 10.54 -27.77 31.96
C TRP A 670 10.30 -28.85 33.01
N ILE A 671 10.38 -30.11 32.60
CA ILE A 671 10.22 -31.21 33.54
C ILE A 671 11.41 -31.27 34.47
N ARG A 672 12.62 -31.18 33.92
CA ARG A 672 13.82 -31.26 34.74
C ARG A 672 13.82 -30.17 35.80
N TYR A 673 13.49 -28.94 35.43
CA TYR A 673 13.46 -27.87 36.41
C TYR A 673 12.22 -27.90 37.28
N GLY A 674 11.12 -28.46 36.80
CA GLY A 674 9.99 -28.68 37.67
C GLY A 674 10.31 -29.69 38.75
N ALA A 675 11.07 -30.71 38.40
CA ALA A 675 11.55 -31.66 39.37
C ALA A 675 12.47 -31.00 40.39
N VAL A 676 13.34 -30.10 39.94
CA VAL A 676 14.19 -29.34 40.86
C VAL A 676 13.34 -28.48 41.79
N GLY A 677 12.26 -27.92 41.28
CA GLY A 677 11.36 -27.16 42.13
C GLY A 677 10.76 -27.98 43.24
N PHE A 678 10.32 -29.19 42.94
CA PHE A 678 9.80 -30.10 43.96
C PHE A 678 10.88 -30.50 44.98
N ILE A 679 12.05 -30.90 44.50
CA ILE A 679 13.05 -31.47 45.40
C ILE A 679 13.59 -30.43 46.37
N THR A 680 13.84 -29.21 45.89
CA THR A 680 14.24 -28.13 46.77
C THR A 680 13.20 -27.85 47.83
N VAL A 681 11.93 -27.83 47.45
CA VAL A 681 10.85 -27.58 48.41
C VAL A 681 10.78 -28.70 49.44
N VAL A 682 10.86 -29.95 48.99
CA VAL A 682 10.86 -31.09 49.90
C VAL A 682 12.00 -30.98 50.90
N ALA A 683 13.20 -30.63 50.44
CA ALA A 683 14.35 -30.52 51.33
C ALA A 683 14.15 -29.44 52.37
N ARG A 684 13.49 -28.35 52.01
CA ARG A 684 13.16 -27.32 52.98
C ARG A 684 12.14 -27.80 53.99
N GLN A 685 11.12 -28.54 53.54
CA GLN A 685 10.11 -29.05 54.45
C GLN A 685 10.68 -30.05 55.45
N ILE A 686 11.56 -30.91 55.04
CA ILE A 686 12.06 -31.95 55.92
C ILE A 686 13.32 -31.45 56.63
N SER A 687 13.63 -32.07 57.76
CA SER A 687 14.80 -31.69 58.52
C SER A 687 16.09 -32.11 57.82
N THR A 688 17.19 -31.51 58.26
CA THR A 688 18.48 -31.80 57.66
C THR A 688 18.87 -33.26 57.84
N ALA A 689 18.38 -33.90 58.90
CA ALA A 689 18.58 -35.33 59.06
C ALA A 689 17.87 -36.09 57.95
N ASP A 690 16.63 -35.73 57.69
CA ASP A 690 15.88 -36.38 56.62
C ASP A 690 16.45 -36.07 55.26
N VAL A 691 17.16 -34.96 55.12
CA VAL A 691 17.77 -34.63 53.84
C VAL A 691 18.88 -35.61 53.53
N TYR A 692 19.75 -35.86 54.49
CA TYR A 692 20.80 -36.83 54.28
C TYR A 692 20.30 -38.26 54.39
N CYS A 693 19.31 -38.53 55.23
CA CYS A 693 18.89 -39.89 55.49
C CYS A 693 17.77 -40.39 54.60
N LYS A 694 16.95 -39.53 54.04
CA LYS A 694 15.87 -39.99 53.18
C LYS A 694 15.92 -39.40 51.78
N LEU A 695 16.00 -38.08 51.64
CA LEU A 695 15.95 -37.47 50.32
C LEU A 695 17.23 -37.63 49.52
N MET A 696 18.37 -37.56 50.17
CA MET A 696 19.62 -37.60 49.43
C MET A 696 19.82 -38.94 48.72
N PRO A 697 19.55 -40.08 49.37
CA PRO A 697 19.63 -41.36 48.66
C PRO A 697 18.93 -41.37 47.32
N TYR A 698 17.78 -40.73 47.21
CA TYR A 698 17.08 -40.67 45.93
C TYR A 698 17.82 -39.83 44.90
N LEU A 699 18.50 -38.77 45.34
CA LEU A 699 19.13 -37.82 44.44
C LEU A 699 20.54 -38.19 44.01
N ASP A 700 21.23 -39.04 44.77
CA ASP A 700 22.60 -39.43 44.46
C ASP A 700 22.85 -39.89 43.03
N PRO A 701 21.97 -40.65 42.37
CA PRO A 701 22.25 -41.01 40.98
C PRO A 701 22.23 -39.85 40.01
N TYR A 702 21.58 -38.74 40.33
CA TYR A 702 21.38 -37.66 39.37
C TYR A 702 22.20 -36.44 39.70
N ILE A 703 23.11 -36.55 40.64
CA ILE A 703 23.89 -35.44 41.17
C ILE A 703 25.36 -35.75 41.01
N THR A 704 26.13 -34.75 40.62
CA THR A 704 27.57 -34.93 40.47
C THR A 704 28.27 -34.93 41.82
N GLN A 705 27.71 -34.25 42.81
CA GLN A 705 28.34 -34.13 44.12
C GLN A 705 27.26 -33.92 45.17
N PRO A 706 27.19 -34.76 46.19
CA PRO A 706 26.12 -34.63 47.19
C PRO A 706 26.29 -33.45 48.11
N ILE A 707 25.51 -32.40 47.89
CA ILE A 707 25.60 -31.16 48.65
C ILE A 707 24.33 -31.07 49.49
N ILE A 708 24.50 -30.80 50.78
CA ILE A 708 23.36 -30.75 51.67
C ILE A 708 22.52 -29.50 51.48
N GLN A 709 23.04 -28.50 50.78
CA GLN A 709 22.35 -27.25 50.49
C GLN A 709 21.38 -27.36 49.31
N ILE A 710 21.01 -28.56 48.90
CA ILE A 710 20.12 -28.77 47.77
C ILE A 710 18.75 -28.16 47.92
N GLU A 711 18.43 -27.59 49.08
CA GLU A 711 17.22 -26.81 49.25
C GLU A 711 17.23 -25.55 48.41
N ARG A 712 18.41 -25.08 48.04
CA ARG A 712 18.54 -23.93 47.15
C ARG A 712 18.50 -24.42 45.71
N LYS A 713 17.70 -23.74 44.88
CA LYS A 713 17.62 -24.12 43.47
C LYS A 713 18.98 -24.03 42.80
N LEU A 714 19.74 -22.98 43.08
CA LEU A 714 21.10 -22.83 42.54
C LEU A 714 21.99 -24.00 42.90
N VAL A 715 21.89 -24.51 44.13
CA VAL A 715 22.74 -25.64 44.52
C VAL A 715 22.33 -26.89 43.75
N LEU A 716 21.05 -27.25 43.76
CA LEU A 716 20.63 -28.44 43.02
C LEU A 716 20.90 -28.32 41.53
N LEU A 717 20.55 -27.20 40.92
CA LEU A 717 20.73 -27.04 39.47
C LEU A 717 22.18 -27.20 39.05
N SER A 718 23.10 -26.66 39.83
CA SER A 718 24.51 -26.76 39.50
C SER A 718 25.12 -28.12 39.76
N VAL A 719 24.49 -28.97 40.57
CA VAL A 719 25.02 -30.30 40.85
C VAL A 719 24.34 -31.38 40.03
N LEU A 720 23.38 -31.04 39.19
CA LEU A 720 22.72 -32.03 38.36
C LEU A 720 23.69 -32.66 37.39
N LYS A 721 23.47 -33.94 37.10
CA LYS A 721 24.14 -34.59 36.00
C LYS A 721 23.52 -34.16 34.68
N GLU A 722 24.22 -34.43 33.60
CA GLU A 722 23.70 -34.16 32.27
C GLU A 722 22.41 -34.94 32.03
N PRO A 723 21.43 -34.36 31.36
CA PRO A 723 20.21 -35.10 31.08
C PRO A 723 20.45 -36.15 30.01
N VAL A 724 19.52 -37.09 29.93
CA VAL A 724 19.51 -37.97 28.79
C VAL A 724 19.32 -37.12 27.54
N SER A 725 20.04 -37.46 26.48
CA SER A 725 19.88 -36.77 25.21
C SER A 725 18.44 -36.90 24.75
N ARG A 726 17.89 -35.82 24.21
CA ARG A 726 16.52 -35.87 23.73
C ARG A 726 16.34 -36.96 22.68
N SER A 727 17.29 -37.04 21.75
CA SER A 727 17.21 -38.04 20.69
C SER A 727 17.16 -39.44 21.26
N ILE A 728 18.08 -39.77 22.15
CA ILE A 728 18.13 -41.09 22.76
C ILE A 728 16.89 -41.35 23.61
N PHE A 729 16.45 -40.36 24.35
CA PHE A 729 15.23 -40.50 25.14
C PHE A 729 14.04 -40.78 24.24
N ASP A 730 13.91 -40.01 23.15
CA ASP A 730 12.83 -40.22 22.20
C ASP A 730 12.88 -41.56 21.49
N TYR A 731 14.07 -42.00 21.04
CA TYR A 731 14.16 -43.34 20.45
C TYR A 731 13.60 -44.40 21.37
N ALA A 732 14.03 -44.42 22.62
CA ALA A 732 13.50 -45.38 23.58
C ALA A 732 12.03 -45.14 23.85
N LEU A 733 11.65 -43.90 24.07
CA LEU A 733 10.26 -43.59 24.40
C LEU A 733 9.33 -43.95 23.26
N ARG A 734 9.73 -43.65 22.04
CA ARG A 734 8.90 -43.89 20.86
C ARG A 734 8.85 -45.34 20.42
N SER A 735 9.77 -46.18 20.86
CA SER A 735 9.76 -47.57 20.40
C SER A 735 8.50 -48.27 20.89
N LYS A 736 7.87 -49.02 19.98
CA LYS A 736 6.63 -49.72 20.29
C LYS A 736 6.86 -50.81 21.32
N ASP A 737 8.03 -51.44 21.29
CA ASP A 737 8.43 -52.49 22.21
C ASP A 737 9.23 -51.95 23.39
N ILE A 738 8.88 -50.75 23.86
CA ILE A 738 9.64 -50.09 24.92
C ILE A 738 9.85 -51.02 26.11
N THR A 739 8.85 -51.84 26.44
CA THR A 739 8.99 -52.75 27.57
C THR A 739 10.11 -53.74 27.36
N SER A 740 10.21 -54.30 26.16
CA SER A 740 11.27 -55.26 25.87
C SER A 740 12.61 -54.57 25.70
N LEU A 741 12.62 -53.27 25.41
CA LEU A 741 13.87 -52.53 25.34
C LEU A 741 14.48 -52.36 26.71
N PHE A 742 13.69 -51.88 27.66
CA PHE A 742 14.14 -51.72 29.03
C PHE A 742 14.47 -53.05 29.67
N ARG A 743 13.73 -54.10 29.32
CA ARG A 743 14.07 -55.43 29.82
C ARG A 743 15.48 -55.79 29.41
N HIS A 744 15.87 -55.46 28.17
CA HIS A 744 17.20 -55.75 27.69
C HIS A 744 18.23 -54.77 28.23
N LEU A 745 17.87 -53.48 28.24
CA LEU A 745 18.77 -52.46 28.77
C LEU A 745 19.05 -52.68 30.23
N HIS A 746 18.10 -53.28 30.93
CA HIS A 746 18.29 -53.60 32.34
C HIS A 746 19.31 -54.70 32.50
N MET A 747 19.38 -55.63 31.53
CA MET A 747 20.39 -56.67 31.59
C MET A 747 21.77 -56.14 31.22
N ARG A 748 21.84 -55.14 30.33
CA ARG A 748 23.15 -54.56 30.01
C ARG A 748 23.73 -53.89 31.25
N GLN A 749 22.86 -53.29 32.06
CA GLN A 749 23.29 -52.66 33.30
C GLN A 749 23.79 -53.69 34.29
N LYS A 750 23.17 -54.85 34.33
CA LYS A 750 23.62 -55.90 35.23
C LYS A 750 25.04 -56.34 34.91
N LYS A 751 25.35 -56.51 33.63
CA LYS A 751 26.73 -56.79 33.28
C LYS A 751 27.64 -55.66 33.73
N ARG A 752 27.20 -54.42 33.53
CA ARG A 752 27.99 -53.27 33.97
C ARG A 752 28.21 -53.30 35.49
N ASN A 753 27.16 -53.60 36.24
CA ASN A 753 27.20 -53.67 37.69
C ASN A 753 27.80 -54.96 38.21
N GLY A 754 28.12 -55.91 37.34
CA GLY A 754 28.65 -57.18 37.76
C GLY A 754 27.62 -58.20 38.18
N SER A 755 26.35 -57.81 38.27
CA SER A 755 25.29 -58.72 38.67
C SER A 755 25.08 -59.84 37.66
N LEU A 756 25.66 -59.72 36.47
CA LEU A 756 25.67 -60.78 35.47
C LEU A 756 27.09 -60.96 34.95
N PRO A 757 27.45 -62.19 34.59
CA PRO A 757 28.79 -62.41 34.01
C PRO A 757 28.91 -61.78 32.62
N ASP A 758 27.88 -61.98 31.80
CA ASP A 758 27.84 -61.41 30.47
C ASP A 758 26.38 -61.19 30.10
N CYS A 759 26.16 -60.27 29.16
CA CYS A 759 24.82 -59.96 28.68
C CYS A 759 24.67 -60.44 27.25
N PRO A 760 23.74 -61.36 26.97
CA PRO A 760 23.56 -61.79 25.58
C PRO A 760 22.98 -60.67 24.74
N PRO A 761 23.24 -60.67 23.43
CA PRO A 761 22.63 -59.69 22.54
C PRO A 761 21.11 -59.76 22.61
N PRO A 762 20.41 -58.76 22.06
CA PRO A 762 18.95 -58.80 22.12
C PRO A 762 18.38 -60.06 21.49
N GLU A 763 17.35 -60.61 22.13
CA GLU A 763 16.68 -61.81 21.64
C GLU A 763 15.62 -61.51 20.60
N ASP A 764 15.27 -60.23 20.41
CA ASP A 764 14.25 -59.80 19.49
C ASP A 764 14.87 -58.91 18.43
N PRO A 765 14.59 -59.13 17.14
CA PRO A 765 15.17 -58.26 16.11
C PRO A 765 14.82 -56.80 16.29
N ALA A 766 13.65 -56.50 16.84
CA ALA A 766 13.28 -55.11 17.10
C ALA A 766 14.23 -54.49 18.11
N ILE A 767 14.53 -55.21 19.19
CA ILE A 767 15.46 -54.68 20.19
C ILE A 767 16.87 -54.61 19.64
N ALA A 768 17.26 -55.59 18.82
CA ALA A 768 18.56 -55.51 18.17
C ALA A 768 18.69 -54.26 17.32
N GLN A 769 17.69 -54.00 16.46
CA GLN A 769 17.73 -52.78 15.65
C GLN A 769 17.68 -51.53 16.50
N LEU A 770 16.86 -51.53 17.54
CA LEU A 770 16.74 -50.37 18.41
C LEU A 770 18.02 -50.12 19.20
N LEU A 771 18.65 -51.18 19.70
CA LEU A 771 19.88 -51.03 20.46
C LEU A 771 21.02 -50.52 19.60
N LYS A 772 21.12 -50.97 18.34
CA LYS A 772 22.18 -50.44 17.49
C LYS A 772 21.88 -49.01 17.05
N LYS A 773 20.61 -48.67 16.88
CA LYS A 773 20.24 -47.28 16.66
C LYS A 773 20.63 -46.42 17.86
N LEU A 774 20.37 -46.91 19.07
CA LEU A 774 20.69 -46.14 20.26
C LEU A 774 22.19 -45.99 20.46
N LEU A 775 22.96 -47.06 20.26
CA LEU A 775 24.40 -46.95 20.46
C LEU A 775 25.05 -46.08 19.38
N SER A 776 24.59 -46.20 18.13
CA SER A 776 25.16 -45.38 17.07
C SER A 776 24.83 -43.91 17.25
N GLN A 777 23.63 -43.60 17.73
CA GLN A 777 23.25 -42.22 17.95
C GLN A 777 23.83 -41.63 19.21
N GLY A 778 24.79 -42.31 19.83
CA GLY A 778 25.53 -41.77 20.95
C GLY A 778 25.13 -42.18 22.34
N MET A 779 24.26 -43.18 22.49
CA MET A 779 23.80 -43.57 23.82
C MET A 779 24.94 -44.00 24.70
N THR A 780 25.21 -43.24 25.74
CA THR A 780 26.31 -43.51 26.63
C THR A 780 25.88 -44.51 27.68
N GLU A 781 26.86 -45.12 28.34
CA GLU A 781 26.55 -46.03 29.43
C GLU A 781 25.80 -45.30 30.54
N GLU A 782 26.15 -44.03 30.77
CA GLU A 782 25.45 -43.24 31.76
C GLU A 782 24.03 -42.90 31.31
N GLU A 783 23.81 -42.65 30.03
CA GLU A 783 22.44 -42.41 29.59
C GLU A 783 21.58 -43.65 29.70
N GLU A 784 22.17 -44.83 29.58
CA GLU A 784 21.41 -46.05 29.78
C GLU A 784 20.92 -46.15 31.20
N ASP A 785 21.77 -45.75 32.16
CA ASP A 785 21.39 -45.77 33.56
C ASP A 785 20.26 -44.80 33.85
N LYS A 786 20.34 -43.58 33.32
CA LYS A 786 19.25 -42.63 33.48
C LYS A 786 17.98 -43.11 32.80
N LEU A 787 18.09 -43.63 31.59
CA LEU A 787 16.94 -44.19 30.90
C LEU A 787 16.29 -45.31 31.71
N LEU A 788 17.09 -46.09 32.43
CA LEU A 788 16.53 -47.12 33.29
C LEU A 788 15.87 -46.54 34.53
N ALA A 789 16.36 -45.41 35.03
CA ALA A 789 15.69 -44.73 36.12
C ALA A 789 14.35 -44.17 35.68
N LEU A 790 14.29 -43.61 34.48
CA LEU A 790 13.04 -43.15 33.92
C LEU A 790 12.16 -44.25 33.38
N LYS A 791 12.64 -45.50 33.33
CA LYS A 791 11.88 -46.64 32.84
C LYS A 791 10.40 -46.61 33.21
N ASP A 792 10.10 -46.49 34.51
CA ASP A 792 8.71 -46.48 34.95
C ASP A 792 7.96 -45.32 34.33
N PHE A 793 8.56 -44.14 34.36
CA PHE A 793 7.91 -42.97 33.78
C PHE A 793 7.69 -43.14 32.29
N MET A 794 8.69 -43.65 31.57
CA MET A 794 8.62 -43.81 30.13
C MET A 794 7.67 -44.89 29.68
N MET A 795 7.54 -45.98 30.42
CA MET A 795 6.56 -47.00 30.03
C MET A 795 5.13 -46.52 30.24
N LYS A 796 4.83 -45.93 31.39
CA LYS A 796 3.50 -45.38 31.61
C LYS A 796 3.20 -44.24 30.64
N SER A 797 4.17 -43.37 30.42
CA SER A 797 3.97 -42.22 29.54
C SER A 797 3.77 -42.69 28.10
N ASN A 798 4.52 -43.71 27.70
CA ASN A 798 4.39 -44.30 26.38
C ASN A 798 3.02 -44.93 26.23
N LYS A 799 2.54 -45.57 27.29
CA LYS A 799 1.22 -46.19 27.28
C LYS A 799 0.11 -45.15 27.14
N ALA A 800 0.21 -44.03 27.86
CA ALA A 800 -0.75 -42.95 27.71
C ALA A 800 -0.77 -42.38 26.30
N LYS A 801 0.41 -42.18 25.71
CA LYS A 801 0.46 -41.66 24.34
C LYS A 801 -0.17 -42.64 23.37
N ALA A 802 0.07 -43.94 23.56
CA ALA A 802 -0.52 -44.96 22.71
C ALA A 802 -2.04 -44.99 22.82
N ASN A 803 -2.59 -44.79 24.02
CA ASN A 803 -4.05 -44.76 24.16
C ASN A 803 -4.66 -43.63 23.35
N ILE A 804 -4.08 -42.43 23.44
CA ILE A 804 -4.60 -41.29 22.70
C ILE A 804 -4.45 -41.50 21.21
N VAL A 805 -3.37 -42.14 20.78
CA VAL A 805 -3.13 -42.36 19.35
C VAL A 805 -4.23 -43.21 18.74
N ASP A 806 -4.75 -44.18 19.49
CA ASP A 806 -5.86 -44.99 18.99
C ASP A 806 -7.05 -44.11 18.63
N GLN A 807 -7.33 -43.09 19.43
CA GLN A 807 -8.39 -42.13 19.14
C GLN A 807 -7.97 -41.09 18.10
N SER A 808 -6.67 -40.78 18.02
CA SER A 808 -6.18 -39.77 17.08
C SER A 808 -6.42 -40.14 15.64
N HIS A 809 -6.65 -41.42 15.33
CA HIS A 809 -6.95 -41.82 13.97
C HIS A 809 -8.22 -41.14 13.45
N LEU A 810 -9.17 -40.85 14.34
CA LEU A 810 -10.39 -40.15 13.93
C LEU A 810 -10.11 -38.68 13.61
N HIS A 811 -9.38 -37.99 14.49
CA HIS A 811 -9.15 -36.55 14.33
C HIS A 811 -7.84 -36.31 13.59
N ASP A 812 -7.89 -36.52 12.28
CA ASP A 812 -6.74 -36.27 11.41
C ASP A 812 -6.95 -35.12 10.45
N SER A 813 -8.20 -34.84 10.08
CA SER A 813 -8.51 -33.76 9.14
C SER A 813 -8.12 -32.39 9.69
N SER A 814 -8.04 -32.24 11.00
CA SER A 814 -7.70 -30.94 11.59
C SER A 814 -6.29 -30.50 11.20
N GLN A 815 -5.34 -31.42 11.14
CA GLN A 815 -3.98 -31.02 10.78
C GLN A 815 -3.97 -30.31 9.42
N LYS A 816 -4.74 -30.82 8.46
CA LYS A 816 -4.90 -30.10 7.20
C LYS A 816 -5.60 -28.76 7.46
N GLY A 817 -5.13 -27.72 6.78
CA GLY A 817 -5.61 -26.36 6.99
C GLY A 817 -6.94 -25.98 6.39
N VAL A 818 -7.82 -26.95 6.15
CA VAL A 818 -9.07 -26.74 5.42
C VAL A 818 -10.27 -26.96 6.34
N ILE A 819 -11.19 -26.00 6.34
CA ILE A 819 -12.48 -26.12 7.00
C ILE A 819 -13.53 -26.48 5.95
N ASP A 820 -14.30 -27.52 6.23
CA ASP A 820 -15.42 -27.93 5.38
C ASP A 820 -16.71 -27.40 5.97
N LEU A 821 -17.48 -26.67 5.16
CA LEU A 821 -18.76 -26.14 5.60
C LEU A 821 -19.87 -27.18 5.69
N ALA A 822 -19.68 -28.35 5.10
CA ALA A 822 -20.75 -29.36 5.05
C ALA A 822 -21.23 -29.75 6.45
N ALA A 823 -20.44 -29.50 7.49
CA ALA A 823 -20.85 -29.83 8.84
C ALA A 823 -21.87 -28.84 9.44
N LEU A 824 -22.05 -27.66 8.84
CA LEU A 824 -23.01 -26.69 9.35
C LEU A 824 -23.92 -26.08 8.30
N GLY A 825 -23.56 -26.09 7.02
CA GLY A 825 -24.39 -25.55 5.97
C GLY A 825 -24.67 -24.06 6.14
N ILE A 826 -23.61 -23.29 6.39
CA ILE A 826 -23.75 -21.86 6.67
C ILE A 826 -24.04 -21.10 5.38
N THR A 827 -24.67 -19.93 5.52
CA THR A 827 -24.99 -19.07 4.38
C THR A 827 -23.72 -18.56 3.73
N GLY A 828 -23.31 -19.22 2.64
CA GLY A 828 -22.20 -18.74 1.83
C GLY A 828 -22.68 -17.65 0.89
N ARG A 829 -21.82 -16.66 0.67
CA ARG A 829 -22.19 -15.49 -0.10
C ARG A 829 -21.14 -15.19 -1.14
N GLN A 830 -21.55 -14.53 -2.21
CA GLN A 830 -20.74 -14.35 -3.39
C GLN A 830 -21.07 -13.02 -4.04
N VAL A 831 -20.06 -12.43 -4.66
CA VAL A 831 -20.21 -11.22 -5.47
C VAL A 831 -19.36 -11.41 -6.71
N ASP A 832 -19.75 -10.74 -7.79
CA ASP A 832 -19.01 -10.80 -9.04
C ASP A 832 -18.01 -9.65 -9.09
N LEU A 833 -16.74 -9.98 -9.27
CA LEU A 833 -15.68 -8.98 -9.31
C LEU A 833 -15.49 -8.37 -10.67
N VAL A 834 -16.44 -8.57 -11.59
CA VAL A 834 -16.38 -7.99 -12.92
C VAL A 834 -17.77 -7.45 -13.23
N LYS A 835 -17.91 -6.12 -13.26
CA LYS A 835 -19.17 -5.48 -13.61
C LYS A 835 -19.19 -5.08 -15.08
N ARG A 936 -29.80 4.03 8.89
CA ARG A 936 -28.39 4.26 8.65
C ARG A 936 -27.77 3.13 7.83
N ILE A 937 -26.53 3.34 7.40
CA ILE A 937 -25.67 2.28 6.88
C ILE A 937 -24.74 1.85 8.00
N THR A 938 -24.76 0.57 8.35
CA THR A 938 -23.89 0.09 9.41
C THR A 938 -22.44 0.10 8.97
N THR A 939 -21.54 0.24 9.94
CA THR A 939 -20.12 0.32 9.64
C THR A 939 -19.62 -0.93 8.95
N CYS A 940 -20.09 -2.10 9.40
CA CYS A 940 -19.70 -3.36 8.75
C CYS A 940 -20.22 -3.42 7.32
N LYS A 941 -21.44 -2.94 7.07
CA LYS A 941 -21.96 -2.93 5.70
C LYS A 941 -21.12 -2.04 4.79
N THR A 942 -20.85 -0.82 5.23
CA THR A 942 -19.99 0.07 4.46
C THR A 942 -18.63 -0.53 4.22
N GLU A 943 -18.06 -1.20 5.23
CA GLU A 943 -16.72 -1.75 5.10
C GLU A 943 -16.69 -2.96 4.17
N LEU A 944 -17.76 -3.73 4.10
CA LEU A 944 -17.85 -4.81 3.12
C LEU A 944 -17.76 -4.27 1.70
N GLN A 945 -18.50 -3.20 1.42
CA GLN A 945 -18.49 -2.60 0.11
C GLN A 945 -17.10 -2.09 -0.25
N GLN A 946 -16.35 -1.61 0.73
CA GLN A 946 -14.98 -1.18 0.50
C GLN A 946 -14.07 -2.37 0.22
N LEU A 947 -14.29 -3.48 0.90
CA LEU A 947 -13.50 -4.69 0.66
C LEU A 947 -13.79 -5.27 -0.71
N ILE A 948 -15.07 -5.36 -1.07
CA ILE A 948 -15.46 -5.88 -2.37
C ILE A 948 -14.93 -4.96 -3.47
N GLN A 949 -14.90 -3.65 -3.21
CA GLN A 949 -14.30 -2.73 -4.15
C GLN A 949 -12.83 -3.02 -4.35
N GLN A 950 -12.11 -3.25 -3.24
CA GLN A 950 -10.70 -3.57 -3.34
C GLN A 950 -10.48 -4.87 -4.12
N LYS A 951 -11.31 -5.88 -3.85
CA LYS A 951 -11.21 -7.14 -4.57
C LYS A 951 -11.41 -6.96 -6.07
N ARG A 952 -12.40 -6.17 -6.46
CA ARG A 952 -12.60 -5.89 -7.88
C ARG A 952 -11.39 -5.20 -8.49
N GLU A 953 -10.80 -4.25 -7.77
CA GLU A 953 -9.66 -3.52 -8.30
C GLU A 953 -8.44 -4.42 -8.44
N GLN A 954 -8.18 -5.28 -7.44
CA GLN A 954 -7.03 -6.17 -7.51
C GLN A 954 -7.12 -7.12 -8.69
N CYS A 955 -8.27 -7.76 -8.88
CA CYS A 955 -8.38 -8.69 -9.99
C CYS A 955 -8.20 -7.96 -11.32
N ASN A 956 -8.81 -6.78 -11.45
CA ASN A 956 -8.63 -5.99 -12.67
C ASN A 956 -7.16 -5.66 -12.90
N ALA A 957 -6.48 -5.22 -11.85
CA ALA A 957 -5.06 -4.89 -11.94
C ALA A 957 -4.22 -6.08 -12.38
N GLU A 958 -4.44 -7.25 -11.77
CA GLU A 958 -3.71 -8.44 -12.18
C GLU A 958 -4.00 -8.81 -13.62
N ARG A 959 -5.28 -8.78 -14.00
CA ARG A 959 -5.67 -9.07 -15.37
C ARG A 959 -4.94 -8.17 -16.37
N ILE A 960 -4.98 -6.86 -16.15
CA ILE A 960 -4.29 -5.93 -17.05
C ILE A 960 -2.79 -6.18 -17.05
N ALA A 961 -2.19 -6.28 -15.87
CA ALA A 961 -0.76 -6.55 -15.78
C ALA A 961 -0.36 -7.80 -16.54
N LYS A 962 -1.13 -8.87 -16.37
CA LYS A 962 -0.81 -10.11 -17.07
C LYS A 962 -1.11 -10.00 -18.55
N GLN A 963 -1.93 -9.04 -18.94
CA GLN A 963 -2.27 -8.85 -20.35
C GLN A 963 -1.18 -8.12 -21.11
N MET A 964 -0.50 -7.16 -20.46
CA MET A 964 0.59 -6.46 -21.13
C MET A 964 1.71 -7.41 -21.52
N MET A 965 2.09 -8.33 -20.63
CA MET A 965 3.21 -9.20 -20.95
C MET A 965 3.00 -10.01 -22.21
N GLU A 966 1.76 -10.28 -22.59
CA GLU A 966 1.50 -11.00 -23.83
C GLU A 966 0.95 -10.12 -24.94
N ASN A 967 0.32 -9.00 -24.62
CA ASN A 967 -0.37 -8.18 -25.59
C ASN A 967 -0.01 -6.71 -25.44
N ALA A 968 1.28 -6.42 -25.28
CA ALA A 968 1.73 -5.04 -25.29
C ALA A 968 2.10 -4.69 -26.71
N GLU A 969 1.60 -3.55 -27.18
CA GLU A 969 1.86 -3.07 -28.52
C GLU A 969 3.04 -2.12 -28.48
N TRP A 970 3.98 -2.29 -29.42
CA TRP A 970 5.14 -1.42 -29.41
C TRP A 970 4.76 -0.02 -29.83
N GLU A 971 4.01 0.12 -30.91
CA GLU A 971 3.40 1.39 -31.27
C GLU A 971 1.89 1.21 -31.40
N SER A 972 1.18 2.30 -31.17
CA SER A 972 -0.24 2.33 -31.43
C SER A 972 -0.56 2.40 -32.91
N LYS A 973 0.35 2.95 -33.72
CA LYS A 973 0.18 3.02 -35.17
C LYS A 973 1.49 2.72 -35.89
N PRO A 974 1.79 1.45 -36.14
CA PRO A 974 3.07 1.11 -36.77
C PRO A 974 3.15 1.66 -38.17
N PRO A 975 4.35 1.79 -38.72
CA PRO A 975 4.52 2.31 -40.08
C PRO A 975 3.94 1.37 -41.11
N PRO A 976 3.67 1.86 -42.32
CA PRO A 976 3.12 1.01 -43.35
C PRO A 976 4.03 -0.16 -43.66
N PRO A 977 3.49 -1.26 -44.17
CA PRO A 977 4.31 -2.43 -44.47
C PRO A 977 5.39 -2.12 -45.50
N GLY A 978 6.61 -2.56 -45.21
CA GLY A 978 7.74 -2.27 -46.07
C GLY A 978 8.07 -0.80 -46.21
N TRP A 979 7.64 0.03 -45.27
CA TRP A 979 7.88 1.46 -45.34
C TRP A 979 9.36 1.78 -45.33
N ARG A 980 9.81 2.48 -46.36
CA ARG A 980 11.21 2.90 -46.52
C ARG A 980 11.14 4.37 -46.87
N PRO A 981 11.29 5.26 -45.90
CA PRO A 981 11.10 6.69 -46.19
C PRO A 981 12.04 7.17 -47.28
N LYS A 982 11.45 7.84 -48.26
CA LYS A 982 12.20 8.36 -49.38
C LYS A 982 12.91 9.66 -49.01
N GLY A 983 12.31 10.47 -48.14
CA GLY A 983 12.94 11.67 -47.67
C GLY A 983 12.62 12.91 -48.45
N LEU A 984 11.35 13.16 -48.68
CA LEU A 984 10.92 14.39 -49.33
C LEU A 984 10.47 15.35 -48.24
N LEU A 985 11.04 16.53 -48.26
CA LEU A 985 10.67 17.55 -47.30
C LEU A 985 9.27 18.06 -47.60
N VAL A 986 8.36 17.97 -46.64
CA VAL A 986 7.01 18.48 -46.82
C VAL A 986 6.70 19.66 -45.92
N ALA A 987 7.53 19.95 -44.92
CA ALA A 987 7.29 21.11 -44.08
C ALA A 987 8.59 21.53 -43.44
N HIS A 988 9.04 22.72 -43.76
CA HIS A 988 10.16 23.33 -43.06
C HIS A 988 9.53 24.33 -42.11
N LEU A 989 9.60 24.03 -40.84
CA LEU A 989 8.96 24.79 -39.79
C LEU A 989 10.03 25.43 -38.94
N HIS A 990 10.15 26.74 -39.01
CA HIS A 990 11.13 27.42 -38.17
C HIS A 990 10.32 28.37 -37.30
N GLU A 991 10.08 27.95 -36.06
CA GLU A 991 9.28 28.74 -35.14
C GLU A 991 9.84 28.78 -33.75
N HIS A 992 10.96 28.14 -33.47
CA HIS A 992 11.62 28.33 -32.20
C HIS A 992 12.89 29.14 -32.42
N LYS A 993 13.19 29.97 -31.43
CA LYS A 993 14.36 30.82 -31.49
C LYS A 993 15.65 30.04 -31.32
N SER A 994 15.61 28.89 -30.67
CA SER A 994 16.80 28.18 -30.29
C SER A 994 16.52 26.70 -30.46
N ALA A 995 17.40 25.87 -29.92
CA ALA A 995 17.33 24.44 -30.16
C ALA A 995 16.03 23.84 -29.67
N VAL A 996 15.49 22.96 -30.50
CA VAL A 996 14.40 22.07 -30.11
C VAL A 996 15.04 20.91 -29.38
N ASN A 997 14.45 20.46 -28.29
CA ASN A 997 15.04 19.37 -27.55
C ASN A 997 14.37 18.02 -27.77
N ARG A 998 13.05 17.98 -27.88
CA ARG A 998 12.33 16.73 -28.08
C ARG A 998 11.10 16.95 -28.95
N ILE A 999 10.74 15.90 -29.68
CA ILE A 999 9.49 15.82 -30.43
C ILE A 999 8.77 14.60 -29.93
N ARG A 1000 7.54 14.78 -29.46
CA ARG A 1000 6.72 13.65 -29.09
C ARG A 1000 5.48 13.71 -29.96
N VAL A 1001 5.01 12.54 -30.37
CA VAL A 1001 3.83 12.41 -31.21
C VAL A 1001 2.72 11.86 -30.36
N SER A 1002 1.54 12.46 -30.44
CA SER A 1002 0.40 11.98 -29.70
C SER A 1002 0.17 10.53 -30.05
N ASP A 1003 -0.21 9.76 -29.05
CA ASP A 1003 -0.33 8.32 -29.24
C ASP A 1003 -1.32 7.96 -30.36
N GLU A 1004 -2.34 8.77 -30.60
CA GLU A 1004 -3.17 8.52 -31.77
C GLU A 1004 -2.63 9.19 -33.01
N HIS A 1005 -1.47 9.82 -32.91
CA HIS A 1005 -0.72 10.52 -33.95
C HIS A 1005 -1.39 11.77 -34.49
N SER A 1006 -2.44 12.27 -33.82
CA SER A 1006 -3.15 13.44 -34.30
C SER A 1006 -2.29 14.69 -34.17
N LEU A 1007 -1.46 14.75 -33.14
CA LEU A 1007 -0.66 15.93 -32.84
C LEU A 1007 0.77 15.50 -32.54
N PHE A 1008 1.69 16.41 -32.78
CA PHE A 1008 3.07 16.21 -32.36
C PHE A 1008 3.52 17.53 -31.74
N ALA A 1009 4.35 17.45 -30.73
CA ALA A 1009 4.79 18.63 -29.99
C ALA A 1009 6.29 18.70 -29.87
N THR A 1010 6.81 19.92 -29.91
CA THR A 1010 8.23 20.18 -29.82
C THR A 1010 8.48 21.13 -28.65
N CYS A 1011 9.57 20.91 -27.94
CA CYS A 1011 9.96 21.74 -26.82
C CYS A 1011 11.26 22.44 -27.18
N SER A 1012 11.53 23.58 -26.55
CA SER A 1012 12.73 24.27 -27.01
C SER A 1012 13.39 25.08 -25.92
N ASN A 1013 14.68 25.35 -26.14
CA ASN A 1013 15.48 26.21 -25.29
C ASN A 1013 14.96 27.64 -25.26
N ASP A 1014 14.16 28.03 -26.24
CA ASP A 1014 13.55 29.35 -26.22
C ASP A 1014 12.48 29.47 -25.16
N GLY A 1015 12.20 28.38 -24.46
CA GLY A 1015 11.19 28.34 -23.43
C GLY A 1015 9.79 28.09 -23.89
N THR A 1016 9.60 27.62 -25.11
CA THR A 1016 8.26 27.35 -25.62
C THR A 1016 8.01 25.87 -25.88
N VAL A 1017 6.73 25.55 -25.89
CA VAL A 1017 6.19 24.27 -26.31
C VAL A 1017 5.30 24.60 -27.48
N LYS A 1018 5.48 23.92 -28.60
CA LYS A 1018 4.60 24.17 -29.72
C LYS A 1018 3.93 22.88 -30.13
N ILE A 1019 2.62 22.91 -30.29
CA ILE A 1019 1.85 21.77 -30.71
C ILE A 1019 1.58 21.95 -32.19
N TRP A 1020 1.71 20.87 -32.93
CA TRP A 1020 1.57 20.85 -34.36
C TRP A 1020 0.48 19.86 -34.71
N ASN A 1021 -0.34 20.19 -35.69
CA ASN A 1021 -1.38 19.29 -36.15
C ASN A 1021 -0.78 18.42 -37.25
N SER A 1022 -0.56 17.15 -36.94
CA SER A 1022 0.00 16.22 -37.91
C SER A 1022 -0.90 16.10 -39.13
N GLN A 1023 -2.22 16.10 -38.91
CA GLN A 1023 -3.17 16.03 -39.99
C GLN A 1023 -3.03 17.14 -41.01
N LYS A 1024 -2.41 18.25 -40.66
CA LYS A 1024 -2.27 19.38 -41.56
C LYS A 1024 -0.93 19.45 -42.28
N MET A 1025 -0.09 18.44 -42.15
CA MET A 1025 1.11 18.34 -42.98
C MET A 1025 0.84 17.59 -44.28
N GLU A 1026 -0.22 16.78 -44.33
CA GLU A 1026 -0.53 15.89 -45.46
C GLU A 1026 -1.19 16.60 -46.64
N GLY A 1027 -0.41 16.89 -47.68
CA GLY A 1027 -0.90 17.41 -48.94
C GLY A 1027 -1.82 18.62 -48.96
N LYS A 1028 -1.92 19.31 -47.84
CA LYS A 1028 -2.78 20.49 -47.71
C LYS A 1028 -2.05 21.55 -46.92
N THR A 1029 -0.76 21.69 -47.21
CA THR A 1029 0.12 22.57 -46.44
C THR A 1029 -0.04 24.03 -46.88
N THR A 1030 -1.28 24.49 -46.81
CA THR A 1030 -1.55 25.88 -47.17
C THR A 1030 -0.85 26.81 -46.18
N THR A 1031 -0.87 26.44 -44.90
CA THR A 1031 -0.20 27.19 -43.84
C THR A 1031 0.23 26.19 -42.78
N THR A 1032 1.48 25.74 -42.83
CA THR A 1032 1.98 24.85 -41.79
C THR A 1032 2.42 25.73 -40.63
N ARG A 1033 1.51 25.88 -39.68
CA ARG A 1033 1.66 26.72 -38.50
C ARG A 1033 1.45 25.83 -37.30
N SER A 1034 2.15 26.10 -36.21
CA SER A 1034 1.84 25.38 -35.00
C SER A 1034 0.47 25.82 -34.52
N ILE A 1035 -0.42 24.86 -34.31
CA ILE A 1035 -1.75 25.20 -33.82
C ILE A 1035 -1.68 25.83 -32.45
N LEU A 1036 -0.66 25.52 -31.67
CA LEU A 1036 -0.61 26.05 -30.32
C LEU A 1036 0.81 26.27 -29.86
N THR A 1037 0.96 27.28 -29.04
CA THR A 1037 2.21 27.68 -28.46
C THR A 1037 1.96 27.87 -26.98
N TYR A 1038 2.89 27.41 -26.17
CA TYR A 1038 2.81 27.62 -24.74
C TYR A 1038 4.18 28.07 -24.30
N SER A 1039 4.22 29.13 -23.50
CA SER A 1039 5.49 29.69 -23.08
C SER A 1039 5.52 30.12 -21.63
N ARG A 1040 4.52 29.78 -20.84
CA ARG A 1040 4.47 30.29 -19.49
C ARG A 1040 5.31 29.50 -18.49
N ILE A 1041 5.74 28.27 -18.82
CA ILE A 1041 6.51 27.48 -17.85
C ILE A 1041 7.78 28.23 -17.45
N GLY A 1042 8.41 28.90 -18.38
CA GLY A 1042 9.66 29.59 -18.12
C GLY A 1042 10.85 28.66 -18.26
N GLY A 1043 12.03 29.28 -18.28
CA GLY A 1043 13.26 28.54 -18.49
C GLY A 1043 13.33 27.92 -19.86
N ARG A 1044 14.19 26.91 -19.98
CA ARG A 1044 14.35 26.12 -21.19
C ARG A 1044 13.54 24.83 -21.10
N VAL A 1045 12.55 24.66 -21.95
CA VAL A 1045 11.74 23.45 -21.88
C VAL A 1045 12.57 22.30 -22.42
N LYS A 1046 13.03 21.43 -21.53
CA LYS A 1046 13.98 20.40 -21.88
C LYS A 1046 13.37 19.07 -22.28
N THR A 1047 12.14 18.76 -21.88
CA THR A 1047 11.52 17.52 -22.27
C THR A 1047 10.01 17.65 -22.18
N LEU A 1048 9.33 16.75 -22.87
CA LEU A 1048 7.88 16.76 -22.94
C LEU A 1048 7.40 15.37 -23.28
N THR A 1049 6.11 15.12 -23.05
CA THR A 1049 5.51 13.84 -23.40
C THR A 1049 4.01 13.99 -23.41
N PHE A 1050 3.36 13.41 -24.41
CA PHE A 1050 1.92 13.30 -24.35
C PHE A 1050 1.50 12.15 -23.44
N CYS A 1051 0.29 12.25 -22.91
CA CYS A 1051 -0.17 11.27 -21.93
C CYS A 1051 -1.25 10.32 -22.43
N GLN A 1052 -0.99 9.61 -23.53
CA GLN A 1052 -1.86 8.51 -23.97
C GLN A 1052 -3.32 8.96 -24.01
N GLY A 1053 -3.54 9.82 -25.00
CA GLY A 1053 -4.74 10.60 -25.25
C GLY A 1053 -4.24 12.02 -25.47
N SER A 1054 -4.73 12.67 -26.51
CA SER A 1054 -4.25 13.97 -26.92
C SER A 1054 -4.69 15.12 -26.01
N HIS A 1055 -5.40 14.84 -24.91
CA HIS A 1055 -5.82 15.89 -23.99
C HIS A 1055 -4.73 16.38 -23.05
N TYR A 1056 -3.74 15.58 -22.69
CA TYR A 1056 -2.70 16.03 -21.78
C TYR A 1056 -1.31 15.92 -22.38
N LEU A 1057 -0.53 16.96 -22.13
CA LEU A 1057 0.86 17.02 -22.55
C LEU A 1057 1.65 17.52 -21.35
N ALA A 1058 2.64 16.78 -20.92
CA ALA A 1058 3.48 17.18 -19.81
C ALA A 1058 4.78 17.75 -20.36
N ILE A 1059 5.23 18.85 -19.76
CA ILE A 1059 6.47 19.51 -20.14
C ILE A 1059 7.31 19.75 -18.89
N ALA A 1060 8.61 19.84 -19.09
CA ALA A 1060 9.55 20.11 -18.03
C ALA A 1060 10.50 21.21 -18.46
N SER A 1061 10.92 22.03 -17.51
CA SER A 1061 11.85 23.11 -17.73
C SER A 1061 13.14 22.89 -16.96
N ASP A 1062 14.22 23.54 -17.40
CA ASP A 1062 15.47 23.46 -16.67
C ASP A 1062 15.44 24.33 -15.43
N ASN A 1063 14.37 25.10 -15.26
CA ASN A 1063 14.19 25.87 -14.05
C ASN A 1063 13.69 24.96 -12.92
N GLY A 1064 12.96 23.91 -13.26
CA GLY A 1064 12.51 22.93 -12.30
C GLY A 1064 11.04 22.63 -12.36
N ALA A 1065 10.30 23.35 -13.19
CA ALA A 1065 8.87 23.15 -13.32
C ALA A 1065 8.51 21.96 -14.19
N VAL A 1066 7.53 21.19 -13.74
CA VAL A 1066 6.91 20.11 -14.48
C VAL A 1066 5.45 20.50 -14.59
N GLN A 1067 4.96 20.66 -15.80
CA GLN A 1067 3.57 21.10 -15.99
C GLN A 1067 2.77 20.19 -16.92
N LEU A 1068 1.58 19.86 -16.46
CA LEU A 1068 0.56 19.18 -17.25
C LEU A 1068 -0.26 20.19 -18.01
N LEU A 1069 -0.37 20.02 -19.31
CA LEU A 1069 -1.07 20.96 -20.15
C LEU A 1069 -2.24 20.28 -20.85
N GLY A 1070 -3.40 20.88 -20.77
CA GLY A 1070 -4.58 20.33 -21.38
C GLY A 1070 -4.83 20.91 -22.75
N ILE A 1071 -4.61 20.14 -23.79
CA ILE A 1071 -4.85 20.57 -25.16
C ILE A 1071 -6.32 20.33 -25.46
N GLU A 1072 -7.00 21.35 -25.95
CA GLU A 1072 -8.41 21.22 -26.25
C GLU A 1072 -8.63 20.89 -27.73
N ALA A 1073 -9.40 19.82 -27.96
CA ALA A 1073 -9.82 19.48 -29.31
C ALA A 1073 -10.70 20.61 -29.81
N SER A 1074 -10.41 21.11 -31.00
CA SER A 1074 -11.13 22.28 -31.48
C SER A 1074 -11.73 22.09 -32.86
N LYS A 1075 -13.03 22.37 -32.95
CA LYS A 1075 -13.69 22.55 -34.23
C LYS A 1075 -13.27 23.92 -34.77
N LEU A 1076 -12.74 23.94 -35.99
CA LEU A 1076 -12.17 25.14 -36.62
C LEU A 1076 -12.93 26.45 -36.41
N PRO A 1077 -14.27 26.48 -36.37
CA PRO A 1077 -14.95 27.74 -36.01
C PRO A 1077 -14.47 28.36 -34.69
N LYS A 1078 -14.13 27.52 -33.72
CA LYS A 1078 -13.54 27.92 -32.44
C LYS A 1078 -12.04 27.65 -32.48
N SER A 1079 -11.29 28.50 -31.79
CA SER A 1079 -9.85 28.28 -31.71
C SER A 1079 -9.48 27.31 -30.59
N PRO A 1080 -8.38 26.58 -30.73
CA PRO A 1080 -7.90 25.71 -29.64
C PRO A 1080 -7.22 26.51 -28.54
N LYS A 1081 -6.82 25.80 -27.47
CA LYS A 1081 -6.09 26.45 -26.39
C LYS A 1081 -5.37 25.42 -25.52
N ILE A 1082 -4.46 25.94 -24.70
CA ILE A 1082 -3.77 25.18 -23.67
C ILE A 1082 -4.23 25.71 -22.34
N HIS A 1083 -4.59 24.80 -21.44
CA HIS A 1083 -4.91 25.19 -20.09
C HIS A 1083 -3.94 24.41 -19.20
N PRO A 1084 -3.15 25.08 -18.37
CA PRO A 1084 -2.31 24.35 -17.43
C PRO A 1084 -3.10 23.69 -16.32
N LEU A 1085 -2.72 22.46 -16.01
CA LEU A 1085 -3.27 21.62 -14.97
C LEU A 1085 -2.17 21.53 -13.91
N GLN A 1086 -2.27 20.52 -13.05
CA GLN A 1086 -1.29 20.35 -11.98
C GLN A 1086 0.13 20.63 -12.46
N SER A 1087 0.82 21.45 -11.69
CA SER A 1087 2.19 21.87 -11.90
C SER A 1087 3.01 21.47 -10.70
N ARG A 1088 4.25 21.09 -10.93
CA ARG A 1088 5.16 20.70 -9.88
C ARG A 1088 6.46 21.47 -10.07
N ILE A 1089 6.98 22.06 -9.01
CA ILE A 1089 8.26 22.77 -9.05
C ILE A 1089 9.26 21.98 -8.21
N LEU A 1090 10.42 21.72 -8.78
CA LEU A 1090 11.48 20.98 -8.14
C LEU A 1090 12.53 21.92 -7.59
N ASP A 1091 12.91 21.72 -6.33
CA ASP A 1091 13.95 22.54 -5.73
C ASP A 1091 15.27 22.24 -6.42
N GLN A 1092 15.99 23.27 -6.85
CA GLN A 1092 17.22 23.02 -7.58
C GLN A 1092 18.26 22.33 -6.71
N LYS A 1093 18.33 22.69 -5.44
CA LYS A 1093 19.23 22.00 -4.53
C LYS A 1093 18.79 20.57 -4.27
N GLU A 1094 17.50 20.37 -4.02
CA GLU A 1094 17.04 19.08 -3.54
C GLU A 1094 16.76 18.10 -4.67
N ASP A 1095 16.09 18.52 -5.73
CA ASP A 1095 15.72 17.57 -6.76
C ASP A 1095 16.26 17.89 -8.14
N GLY A 1096 16.64 19.11 -8.41
CA GLY A 1096 17.15 19.44 -9.72
C GLY A 1096 16.03 19.58 -10.74
N CYS A 1097 16.42 19.78 -11.98
CA CYS A 1097 15.44 19.87 -13.05
C CYS A 1097 15.24 18.50 -13.66
N VAL A 1098 14.21 18.39 -14.49
CA VAL A 1098 13.88 17.11 -15.09
C VAL A 1098 14.77 16.92 -16.31
N VAL A 1099 15.34 15.73 -16.44
CA VAL A 1099 16.21 15.41 -17.56
C VAL A 1099 15.57 14.46 -18.56
N ASP A 1100 14.51 13.76 -18.18
CA ASP A 1100 13.81 12.86 -19.09
C ASP A 1100 12.47 12.55 -18.45
N MET A 1101 11.44 12.33 -19.27
CA MET A 1101 10.11 12.08 -18.73
C MET A 1101 9.31 11.23 -19.70
N HIS A 1102 8.70 10.18 -19.17
CA HIS A 1102 7.92 9.22 -19.92
C HIS A 1102 6.59 9.03 -19.24
N HIS A 1103 5.54 8.93 -20.02
CA HIS A 1103 4.23 8.63 -19.49
C HIS A 1103 3.84 7.22 -19.88
N PHE A 1104 3.19 6.54 -18.95
CA PHE A 1104 2.59 5.26 -19.26
C PHE A 1104 1.35 5.07 -18.41
N ASN A 1105 0.47 4.26 -18.92
CA ASN A 1105 -0.79 3.95 -18.26
C ASN A 1105 -0.67 2.58 -17.62
N SER A 1106 -0.69 2.56 -16.31
CA SER A 1106 -0.57 1.33 -15.54
C SER A 1106 -1.92 0.70 -15.26
N GLY A 1107 -2.88 0.98 -16.13
CA GLY A 1107 -4.26 0.56 -16.01
C GLY A 1107 -4.93 1.44 -14.99
N ALA A 1108 -4.60 1.18 -13.72
CA ALA A 1108 -5.16 1.98 -12.63
C ALA A 1108 -4.64 3.40 -12.72
N GLN A 1109 -3.32 3.56 -12.80
CA GLN A 1109 -2.71 4.87 -12.77
C GLN A 1109 -2.38 5.41 -14.16
N SER A 1110 -2.03 6.68 -14.14
CA SER A 1110 -1.49 7.44 -15.25
C SER A 1110 -0.14 7.95 -14.72
N VAL A 1111 0.90 7.13 -14.86
CA VAL A 1111 2.21 7.47 -14.33
C VAL A 1111 2.97 8.32 -15.32
N LEU A 1112 3.29 9.54 -14.92
CA LEU A 1112 4.25 10.39 -15.60
C LEU A 1112 5.57 10.22 -14.87
N ALA A 1113 6.36 9.28 -15.34
CA ALA A 1113 7.67 9.04 -14.77
C ALA A 1113 8.64 10.07 -15.29
N TYR A 1114 9.51 10.55 -14.43
CA TYR A 1114 10.48 11.54 -14.88
C TYR A 1114 11.74 11.41 -14.03
N ALA A 1115 12.85 11.79 -14.62
CA ALA A 1115 14.14 11.74 -13.97
C ALA A 1115 14.66 13.15 -13.75
N THR A 1116 15.32 13.35 -12.62
CA THR A 1116 15.81 14.66 -12.25
C THR A 1116 17.32 14.63 -12.16
N VAL A 1117 17.92 15.82 -12.26
CA VAL A 1117 19.37 15.96 -12.21
C VAL A 1117 19.94 15.36 -10.94
N ASN A 1118 19.22 15.44 -9.83
CA ASN A 1118 19.72 14.83 -8.61
C ASN A 1118 19.24 13.40 -8.45
N GLY A 1119 19.39 12.63 -9.51
CA GLY A 1119 19.19 11.19 -9.52
C GLY A 1119 17.88 10.56 -9.12
N SER A 1120 16.79 11.28 -9.01
CA SER A 1120 15.55 10.67 -8.58
C SER A 1120 14.69 10.44 -9.80
N LEU A 1121 14.24 9.23 -9.97
CA LEU A 1121 13.37 8.91 -11.09
C LEU A 1121 12.02 8.73 -10.43
N VAL A 1122 11.18 9.76 -10.53
CA VAL A 1122 9.93 9.84 -9.79
C VAL A 1122 8.76 9.43 -10.68
N GLY A 1123 7.92 8.55 -10.17
CA GLY A 1123 6.68 8.21 -10.81
C GLY A 1123 5.53 9.00 -10.24
N TRP A 1124 5.03 9.94 -11.02
CA TRP A 1124 3.98 10.85 -10.61
C TRP A 1124 2.65 10.36 -11.18
N ASP A 1125 1.68 10.12 -10.30
CA ASP A 1125 0.37 9.73 -10.77
C ASP A 1125 -0.39 11.00 -11.09
N LEU A 1126 -0.93 11.07 -12.30
CA LEU A 1126 -1.63 12.27 -12.72
C LEU A 1126 -3.05 12.30 -12.21
N ARG A 1127 -3.71 11.15 -12.18
CA ARG A 1127 -5.06 11.14 -11.66
C ARG A 1127 -5.12 11.26 -10.15
N SER A 1128 -3.97 11.44 -9.51
CA SER A 1128 -3.89 11.81 -8.10
C SER A 1128 -2.87 12.94 -8.09
N SER A 1129 -2.34 13.32 -6.94
CA SER A 1129 -1.22 14.25 -6.93
C SER A 1129 0.01 13.65 -6.27
N SER A 1130 -0.03 12.37 -5.92
CA SER A 1130 1.05 11.73 -5.19
C SER A 1130 1.98 11.02 -6.15
N ASN A 1131 3.06 10.51 -5.60
CA ASN A 1131 3.95 9.66 -6.36
C ASN A 1131 3.54 8.20 -6.24
N ALA A 1132 3.57 7.51 -7.37
CA ALA A 1132 3.40 6.07 -7.35
C ALA A 1132 4.68 5.41 -6.87
N TRP A 1133 5.82 6.04 -7.09
CA TRP A 1133 7.13 5.49 -6.76
C TRP A 1133 8.20 6.55 -6.95
N THR A 1134 9.39 6.27 -6.40
CA THR A 1134 10.57 7.09 -6.62
C THR A 1134 11.77 6.14 -6.61
N LEU A 1135 12.69 6.33 -7.55
CA LEU A 1135 13.85 5.45 -7.70
C LEU A 1135 15.08 6.32 -7.57
N LYS A 1136 15.84 6.18 -6.48
CA LYS A 1136 17.00 7.04 -6.31
C LYS A 1136 18.17 6.40 -7.06
N HIS A 1137 18.45 6.95 -8.23
CA HIS A 1137 19.57 6.53 -9.06
C HIS A 1137 20.91 6.89 -8.44
N ASP A 1138 21.87 6.00 -8.57
CA ASP A 1138 23.20 6.16 -8.00
C ASP A 1138 24.01 7.15 -8.80
N LEU A 1139 24.09 8.40 -8.34
CA LEU A 1139 24.81 9.41 -9.11
C LEU A 1139 26.29 9.11 -9.24
N LYS A 1140 26.83 8.17 -8.47
CA LYS A 1140 28.16 7.70 -8.73
C LYS A 1140 28.24 7.10 -10.13
N SER A 1141 27.12 6.57 -10.62
CA SER A 1141 27.08 6.00 -11.95
C SER A 1141 27.24 7.09 -12.98
N GLY A 1142 26.47 8.15 -12.84
CA GLY A 1142 26.52 9.26 -13.76
C GLY A 1142 25.22 10.01 -13.75
N LEU A 1143 25.26 11.17 -14.39
CA LEU A 1143 24.08 11.98 -14.60
C LEU A 1143 23.09 11.26 -15.51
N ILE A 1144 21.83 11.19 -15.10
CA ILE A 1144 20.83 10.62 -16.00
C ILE A 1144 20.73 11.49 -17.23
N THR A 1145 20.99 10.90 -18.38
CA THR A 1145 20.82 11.57 -19.65
C THR A 1145 19.56 11.12 -20.34
N SER A 1146 19.20 9.84 -20.21
CA SER A 1146 18.01 9.30 -20.82
C SER A 1146 17.64 8.04 -20.07
N PHE A 1147 16.37 7.67 -20.15
CA PHE A 1147 15.91 6.43 -19.54
C PHE A 1147 14.82 5.88 -20.43
N ALA A 1148 14.64 4.58 -20.37
CA ALA A 1148 13.63 3.88 -21.15
C ALA A 1148 12.81 2.99 -20.24
N VAL A 1149 11.55 2.83 -20.58
CA VAL A 1149 10.62 2.05 -19.79
C VAL A 1149 10.12 0.90 -20.64
N ASP A 1150 9.94 -0.25 -20.00
CA ASP A 1150 9.49 -1.45 -20.67
C ASP A 1150 8.05 -1.31 -21.13
N ILE A 1151 7.78 -1.77 -22.34
CA ILE A 1151 6.43 -1.71 -22.87
C ILE A 1151 5.47 -2.53 -22.02
N HIS A 1152 5.96 -3.58 -21.37
CA HIS A 1152 5.17 -4.38 -20.44
C HIS A 1152 5.12 -3.77 -19.06
N GLN A 1153 5.74 -2.62 -18.88
CA GLN A 1153 5.83 -1.93 -17.62
C GLN A 1153 6.38 -2.82 -16.50
N CYS A 1154 7.47 -3.49 -16.80
CA CYS A 1154 8.09 -4.42 -15.88
C CYS A 1154 9.42 -3.94 -15.37
N TRP A 1155 10.19 -3.21 -16.18
CA TRP A 1155 11.52 -2.81 -15.82
C TRP A 1155 11.83 -1.51 -16.54
N LEU A 1156 12.79 -0.78 -16.04
CA LEU A 1156 13.26 0.38 -16.76
C LEU A 1156 14.77 0.35 -16.80
N CYS A 1157 15.34 1.08 -17.74
CA CYS A 1157 16.77 1.24 -17.83
C CYS A 1157 17.09 2.73 -17.86
N ILE A 1158 18.06 3.12 -17.05
CA ILE A 1158 18.54 4.49 -16.94
C ILE A 1158 19.88 4.58 -17.65
N GLY A 1159 20.03 5.49 -18.60
CA GLY A 1159 21.31 5.78 -19.24
C GLY A 1159 21.96 7.02 -18.67
N THR A 1160 23.23 6.92 -18.32
CA THR A 1160 23.89 8.03 -17.65
C THR A 1160 24.90 8.68 -18.58
N SER A 1161 25.48 9.78 -18.09
CA SER A 1161 26.43 10.56 -18.86
C SER A 1161 27.79 9.90 -18.99
N SER A 1162 28.06 8.90 -18.19
CA SER A 1162 29.30 8.17 -18.26
C SER A 1162 29.15 6.82 -18.94
N GLY A 1163 28.02 6.56 -19.56
CA GLY A 1163 27.77 5.33 -20.26
C GLY A 1163 27.12 4.24 -19.48
N THR A 1164 26.87 4.45 -18.21
CA THR A 1164 26.21 3.43 -17.42
C THR A 1164 24.75 3.32 -17.84
N MET A 1165 24.28 2.09 -18.00
CA MET A 1165 22.86 1.84 -18.20
C MET A 1165 22.40 0.88 -17.11
N ALA A 1166 21.58 1.39 -16.20
CA ALA A 1166 21.17 0.73 -14.98
C ALA A 1166 19.69 0.35 -14.99
N CYS A 1167 19.40 -0.89 -14.66
CA CYS A 1167 18.08 -1.45 -14.77
C CYS A 1167 17.38 -1.52 -13.43
N TRP A 1168 16.09 -1.27 -13.44
CA TRP A 1168 15.27 -1.28 -12.25
C TRP A 1168 14.10 -2.20 -12.54
N ASP A 1169 13.73 -2.99 -11.56
CA ASP A 1169 12.56 -3.82 -11.64
C ASP A 1169 11.42 -2.95 -11.14
N MET A 1170 10.46 -2.65 -11.99
CA MET A 1170 9.36 -1.81 -11.54
C MET A 1170 8.32 -2.56 -10.72
N ARG A 1171 8.27 -3.89 -10.78
CA ARG A 1171 7.34 -4.63 -9.92
C ARG A 1171 7.79 -4.63 -8.47
N PHE A 1172 9.09 -4.76 -8.22
CA PHE A 1172 9.64 -4.71 -6.87
C PHE A 1172 10.21 -3.36 -6.50
N GLN A 1173 10.60 -2.55 -7.48
CA GLN A 1173 11.19 -1.23 -7.29
C GLN A 1173 12.53 -1.32 -6.56
N LEU A 1174 13.46 -2.02 -7.20
CA LEU A 1174 14.82 -2.11 -6.71
C LEU A 1174 15.72 -2.28 -7.91
N PRO A 1175 16.97 -1.81 -7.84
CA PRO A 1175 17.86 -1.92 -9.00
C PRO A 1175 18.37 -3.34 -9.12
N ILE A 1176 18.55 -3.77 -10.36
CA ILE A 1176 18.98 -5.15 -10.61
C ILE A 1176 20.23 -5.27 -11.47
N SER A 1177 20.63 -4.27 -12.23
CA SER A 1177 21.79 -4.42 -13.09
C SER A 1177 22.32 -3.06 -13.44
N SER A 1178 23.61 -2.99 -13.69
CA SER A 1178 24.25 -1.74 -14.09
C SER A 1178 25.43 -2.12 -14.98
N HIS A 1179 25.18 -2.15 -16.27
CA HIS A 1179 26.23 -2.39 -17.22
C HIS A 1179 26.67 -1.04 -17.75
N CYS A 1180 27.97 -0.86 -17.89
CA CYS A 1180 28.51 0.38 -18.43
C CYS A 1180 29.11 0.15 -19.80
N HIS A 1181 29.06 1.18 -20.62
CA HIS A 1181 29.67 1.16 -21.93
C HIS A 1181 31.19 0.99 -21.79
N PRO A 1182 31.84 0.25 -22.71
CA PRO A 1182 33.28 0.00 -22.55
C PRO A 1182 34.14 1.23 -22.61
N SER A 1183 33.71 2.23 -23.34
CA SER A 1183 34.40 3.50 -23.44
C SER A 1183 33.87 4.55 -22.48
N ARG A 1184 32.85 4.21 -21.71
CA ARG A 1184 32.19 5.14 -20.81
C ARG A 1184 31.68 6.34 -21.61
N ALA A 1185 31.06 6.03 -22.73
CA ALA A 1185 30.52 7.08 -23.58
C ALA A 1185 29.12 7.43 -23.11
N ARG A 1186 28.84 8.71 -23.02
CA ARG A 1186 27.51 9.19 -22.70
C ARG A 1186 26.45 8.46 -23.51
N ILE A 1187 25.31 8.21 -22.85
CA ILE A 1187 24.17 7.59 -23.49
C ILE A 1187 23.23 8.70 -23.92
N ARG A 1188 23.13 8.94 -25.22
CA ARG A 1188 22.23 9.97 -25.70
C ARG A 1188 20.78 9.53 -25.77
N ARG A 1189 20.51 8.26 -26.05
CA ARG A 1189 19.15 7.77 -26.07
C ARG A 1189 19.09 6.34 -25.58
N LEU A 1190 18.00 6.03 -24.92
CA LEU A 1190 17.68 4.68 -24.50
C LEU A 1190 16.30 4.40 -25.05
N SER A 1191 16.20 3.34 -25.83
CA SER A 1191 14.94 2.84 -26.33
C SER A 1191 14.93 1.36 -26.00
N MET A 1192 13.79 0.85 -25.58
CA MET A 1192 13.69 -0.59 -25.43
C MET A 1192 13.66 -1.27 -26.79
N HIS A 1193 14.04 -2.52 -26.80
CA HIS A 1193 14.00 -3.22 -28.07
C HIS A 1193 12.58 -3.69 -28.35
N PRO A 1194 12.05 -3.45 -29.55
CA PRO A 1194 10.70 -3.93 -29.86
C PRO A 1194 10.54 -5.44 -29.82
N LEU A 1195 11.63 -6.20 -29.86
CA LEU A 1195 11.59 -7.65 -29.98
C LEU A 1195 12.07 -8.37 -28.75
N TYR A 1196 13.19 -7.97 -28.19
CA TYR A 1196 13.79 -8.63 -27.06
C TYR A 1196 13.51 -7.83 -25.80
N GLN A 1197 12.73 -8.42 -24.88
CA GLN A 1197 12.36 -7.72 -23.65
C GLN A 1197 13.58 -7.36 -22.79
N SER A 1198 14.59 -8.19 -22.79
CA SER A 1198 15.78 -7.90 -22.02
C SER A 1198 16.74 -6.96 -22.72
N TRP A 1199 16.45 -6.50 -23.93
CA TRP A 1199 17.37 -5.65 -24.65
C TRP A 1199 16.96 -4.19 -24.54
N VAL A 1200 17.96 -3.32 -24.64
CA VAL A 1200 17.76 -1.88 -24.68
C VAL A 1200 18.69 -1.37 -25.77
N ILE A 1201 18.20 -0.43 -26.55
CA ILE A 1201 18.97 0.22 -27.61
C ILE A 1201 19.56 1.50 -27.05
N ALA A 1202 20.87 1.63 -27.07
CA ALA A 1202 21.54 2.86 -26.67
C ALA A 1202 22.15 3.59 -27.85
N ALA A 1203 21.87 4.88 -27.95
CA ALA A 1203 22.56 5.79 -28.85
C ALA A 1203 23.65 6.45 -28.05
N VAL A 1204 24.87 6.37 -28.53
CA VAL A 1204 26.04 6.72 -27.77
C VAL A 1204 26.74 7.97 -28.31
N GLN A 1205 27.51 8.60 -27.43
CA GLN A 1205 28.43 9.67 -27.76
C GLN A 1205 29.60 9.20 -28.61
N GLY A 1206 29.73 9.79 -29.78
CA GLY A 1206 30.76 9.43 -30.73
C GLY A 1206 30.36 8.32 -31.66
N ASN A 1207 30.91 8.38 -32.86
CA ASN A 1207 30.85 7.38 -33.92
C ASN A 1207 29.48 7.11 -34.50
N ASN A 1208 28.46 7.87 -34.14
CA ASN A 1208 27.08 7.54 -34.50
C ASN A 1208 26.77 6.10 -34.10
N GLU A 1209 27.19 5.73 -32.91
CA GLU A 1209 27.04 4.37 -32.41
C GLU A 1209 25.68 4.15 -31.78
N VAL A 1210 24.90 3.25 -32.35
CA VAL A 1210 23.64 2.84 -31.76
C VAL A 1210 23.80 1.35 -31.53
N SER A 1211 24.28 0.99 -30.34
CA SER A 1211 24.47 -0.37 -29.91
C SER A 1211 23.30 -0.90 -29.08
N MET A 1212 23.07 -2.21 -29.21
CA MET A 1212 22.01 -2.93 -28.54
C MET A 1212 22.64 -3.83 -27.50
N TRP A 1213 22.09 -3.79 -26.30
CA TRP A 1213 22.66 -4.42 -25.13
C TRP A 1213 21.66 -5.31 -24.44
N ASP A 1214 22.06 -6.54 -24.17
CA ASP A 1214 21.23 -7.45 -23.42
C ASP A 1214 21.37 -7.07 -21.97
N MET A 1215 20.28 -6.73 -21.32
CA MET A 1215 20.36 -6.34 -19.92
C MET A 1215 20.41 -7.52 -18.99
N GLU A 1216 20.15 -8.70 -19.50
CA GLU A 1216 20.28 -9.92 -18.73
C GLU A 1216 21.73 -10.31 -18.54
N THR A 1217 22.61 -9.88 -19.44
CA THR A 1217 24.01 -10.25 -19.37
C THR A 1217 24.94 -9.04 -19.46
N GLY A 1218 24.51 -8.01 -20.14
CA GLY A 1218 25.30 -6.82 -20.37
C GLY A 1218 26.18 -6.90 -21.59
N ASP A 1219 25.90 -7.83 -22.49
CA ASP A 1219 26.62 -7.99 -23.73
C ASP A 1219 26.09 -7.11 -24.86
N ARG A 1220 27.01 -6.61 -25.68
CA ARG A 1220 26.61 -5.95 -26.93
C ARG A 1220 26.17 -6.99 -27.91
N ARG A 1221 25.08 -6.74 -28.54
CA ARG A 1221 24.54 -7.69 -29.45
C ARG A 1221 24.52 -7.19 -30.86
N PHE A 1222 24.31 -5.89 -31.06
CA PHE A 1222 24.22 -5.31 -32.39
C PHE A 1222 24.68 -3.87 -32.28
N THR A 1223 25.57 -3.44 -33.17
CA THR A 1223 26.05 -2.07 -33.13
C THR A 1223 25.91 -1.47 -34.51
N LEU A 1224 25.47 -0.22 -34.55
CA LEU A 1224 25.55 0.60 -35.75
C LEU A 1224 26.78 1.47 -35.60
N TRP A 1225 27.61 1.49 -36.61
CA TRP A 1225 28.83 2.25 -36.58
C TRP A 1225 28.89 3.04 -37.87
N ALA A 1226 28.72 4.35 -37.79
CA ALA A 1226 28.82 5.23 -38.94
C ALA A 1226 29.93 6.17 -38.53
N SER A 1227 31.16 5.71 -38.68
CA SER A 1227 32.29 6.48 -38.22
C SER A 1227 33.56 6.14 -38.97
N SER A 1228 34.46 7.11 -38.98
CA SER A 1228 35.75 6.94 -39.61
C SER A 1228 36.60 5.94 -38.84
N ALA A 1229 36.36 5.85 -37.53
CA ALA A 1229 37.09 4.94 -36.67
C ALA A 1229 36.72 3.50 -37.00
N PRO A 1230 37.61 2.54 -36.72
CA PRO A 1230 37.25 1.16 -36.97
C PRO A 1230 36.14 0.75 -36.03
N PRO A 1231 35.32 -0.22 -36.39
CA PRO A 1231 34.14 -0.52 -35.58
C PRO A 1231 34.50 -0.96 -34.18
N LEU A 1232 33.70 -0.48 -33.22
CA LEU A 1232 33.88 -0.73 -31.79
C LEU A 1232 35.24 -0.27 -31.27
N SER A 1233 35.90 0.69 -31.93
CA SER A 1233 37.22 1.11 -31.48
C SER A 1233 37.06 2.19 -30.42
N GLU A 1234 37.70 1.99 -29.28
CA GLU A 1234 37.67 2.92 -28.17
C GLU A 1234 38.76 3.98 -28.25
N LEU A 1235 39.42 4.12 -29.39
CA LEU A 1235 40.57 5.01 -29.53
C LEU A 1235 40.21 6.47 -29.83
N GLN A 1236 39.73 6.74 -31.03
CA GLN A 1236 39.40 8.10 -31.42
C GLN A 1236 37.98 8.13 -31.94
N PRO A 1237 37.04 8.65 -31.17
CA PRO A 1237 35.66 8.70 -31.63
C PRO A 1237 35.41 9.89 -32.52
N SER A 1238 34.58 9.70 -33.54
CA SER A 1238 34.18 10.83 -34.33
C SER A 1238 33.28 11.69 -33.44
N PRO A 1239 33.27 13.00 -33.65
CA PRO A 1239 32.47 13.85 -32.78
C PRO A 1239 30.99 13.57 -32.86
N HIS A 1240 30.55 12.89 -33.90
CA HIS A 1240 29.13 12.74 -34.18
C HIS A 1240 28.49 11.68 -33.30
N SER A 1241 27.24 11.91 -32.99
CA SER A 1241 26.46 11.04 -32.14
C SER A 1241 25.06 11.01 -32.70
N VAL A 1242 24.34 9.97 -32.32
CA VAL A 1242 22.94 9.85 -32.68
C VAL A 1242 22.13 10.40 -31.52
N HIS A 1243 21.35 11.42 -31.79
CA HIS A 1243 20.59 12.10 -30.75
C HIS A 1243 19.20 11.53 -30.63
N GLY A 1244 18.64 11.06 -31.71
CA GLY A 1244 17.31 10.51 -31.70
C GLY A 1244 17.29 9.21 -32.47
N ILE A 1245 16.52 8.24 -32.00
CA ILE A 1245 16.38 6.94 -32.61
C ILE A 1245 14.91 6.60 -32.69
N TYR A 1246 14.49 6.03 -33.82
CA TYR A 1246 13.15 5.50 -33.96
C TYR A 1246 13.26 4.06 -34.40
N CYS A 1247 12.80 3.14 -33.57
CA CYS A 1247 12.81 1.72 -33.87
C CYS A 1247 11.37 1.24 -34.00
N SER A 1248 11.14 0.35 -34.96
CA SER A 1248 9.84 -0.27 -35.11
C SER A 1248 10.03 -1.74 -35.42
N PRO A 1249 9.12 -2.60 -34.96
CA PRO A 1249 9.19 -3.99 -35.38
C PRO A 1249 8.77 -4.17 -36.82
N ALA A 1250 7.90 -3.30 -37.31
CA ALA A 1250 7.34 -3.31 -38.66
C ALA A 1250 6.69 -4.68 -38.92
N ASP A 1251 7.00 -5.34 -40.03
CA ASP A 1251 6.54 -6.70 -40.31
C ASP A 1251 7.59 -7.72 -39.89
N GLY A 1252 7.95 -7.67 -38.60
CA GLY A 1252 8.92 -8.59 -38.08
C GLY A 1252 10.33 -8.39 -38.60
N ASN A 1253 10.57 -7.38 -39.44
CA ASN A 1253 11.92 -7.05 -39.91
C ASN A 1253 12.23 -5.65 -39.38
N PRO A 1254 12.85 -5.55 -38.21
CA PRO A 1254 12.98 -4.25 -37.55
C PRO A 1254 13.81 -3.27 -38.34
N ILE A 1255 13.48 -2.00 -38.17
CA ILE A 1255 14.19 -0.88 -38.78
C ILE A 1255 14.59 0.06 -37.66
N LEU A 1256 15.54 0.94 -37.96
CA LEU A 1256 15.89 1.93 -36.96
C LEU A 1256 16.33 3.20 -37.67
N LEU A 1257 15.62 4.28 -37.41
CA LEU A 1257 15.94 5.60 -37.95
C LEU A 1257 16.76 6.37 -36.94
N THR A 1258 17.92 6.87 -37.37
CA THR A 1258 18.80 7.68 -36.56
C THR A 1258 19.02 9.04 -37.19
N ALA A 1259 19.24 10.04 -36.33
CA ALA A 1259 19.66 11.36 -36.75
C ALA A 1259 20.58 11.87 -35.66
N GLY A 1260 21.43 12.82 -35.98
CA GLY A 1260 22.22 13.40 -34.94
C GLY A 1260 23.17 14.49 -35.35
N SER A 1261 24.33 14.50 -34.71
CA SER A 1261 25.34 15.53 -34.91
C SER A 1261 25.71 15.75 -36.37
N ASP A 1262 25.85 14.69 -37.15
CA ASP A 1262 26.25 14.84 -38.55
C ASP A 1262 25.12 15.27 -39.46
N MET A 1263 23.94 15.51 -38.91
CA MET A 1263 22.79 16.04 -39.62
C MET A 1263 22.26 15.10 -40.69
N LYS A 1264 22.53 13.80 -40.57
CA LYS A 1264 22.08 12.80 -41.52
C LYS A 1264 21.00 11.95 -40.89
N ILE A 1265 19.88 11.79 -41.58
CA ILE A 1265 18.81 10.91 -41.12
C ILE A 1265 19.06 9.56 -41.76
N ARG A 1266 19.47 8.59 -40.97
CA ARG A 1266 19.77 7.28 -41.50
C ARG A 1266 18.64 6.31 -41.26
N PHE A 1267 18.55 5.35 -42.15
CA PHE A 1267 17.62 4.24 -42.09
C PHE A 1267 18.48 3.01 -42.06
N TRP A 1268 18.41 2.26 -40.98
CA TRP A 1268 19.13 1.00 -40.86
C TRP A 1268 18.14 -0.15 -40.98
N ASP A 1269 18.34 -0.98 -41.98
CA ASP A 1269 17.57 -2.20 -42.12
C ASP A 1269 18.26 -3.24 -41.25
N LEU A 1270 17.69 -3.52 -40.09
CA LEU A 1270 18.36 -4.41 -39.16
C LEU A 1270 18.33 -5.84 -39.66
N ALA A 1271 17.33 -6.20 -40.45
CA ALA A 1271 17.29 -7.54 -41.01
C ALA A 1271 18.16 -7.64 -42.26
N TYR A 1272 18.27 -6.55 -43.02
CA TYR A 1272 18.98 -6.54 -44.30
C TYR A 1272 19.88 -5.32 -44.33
N PRO A 1273 20.94 -5.31 -43.55
CA PRO A 1273 21.80 -4.12 -43.42
C PRO A 1273 22.31 -3.53 -44.70
N GLU A 1274 22.58 -4.34 -45.72
CA GLU A 1274 23.07 -3.79 -46.97
C GLU A 1274 22.05 -2.84 -47.61
N ARG A 1275 20.79 -2.93 -47.26
CA ARG A 1275 19.81 -1.99 -47.77
C ARG A 1275 19.73 -0.71 -46.96
N SER A 1276 20.48 -0.60 -45.86
CA SER A 1276 20.47 0.63 -45.10
C SER A 1276 20.88 1.78 -45.99
N TYR A 1277 20.34 2.95 -45.71
CA TYR A 1277 20.64 4.10 -46.53
C TYR A 1277 20.45 5.37 -45.71
N VAL A 1278 20.87 6.47 -46.29
CA VAL A 1278 20.71 7.80 -45.73
C VAL A 1278 19.44 8.41 -46.33
N VAL A 1279 18.57 8.93 -45.48
CA VAL A 1279 17.35 9.60 -45.90
C VAL A 1279 17.64 11.06 -46.24
N ALA A 1280 18.04 11.84 -45.24
CA ALA A 1280 18.35 13.25 -45.40
C ALA A 1280 19.85 13.47 -45.56
N GLY A 1281 20.20 14.33 -46.51
CA GLY A 1281 21.55 14.51 -47.00
C GLY A 1281 21.57 14.38 -48.52
N SER A 1282 22.09 15.43 -49.18
CA SER A 1282 22.12 15.52 -50.63
C SER A 1282 22.92 14.40 -51.28
N THR A 1283 22.46 13.99 -52.47
CA THR A 1283 23.15 13.00 -53.29
C THR A 1283 24.55 13.43 -53.71
N SER A 1284 24.83 14.74 -53.69
CA SER A 1284 26.18 15.21 -54.00
C SER A 1284 27.21 14.77 -52.96
N SER A 1285 26.78 14.55 -51.71
CA SER A 1285 27.69 14.00 -50.72
C SER A 1285 28.04 12.57 -51.11
N PRO A 1286 29.27 12.13 -50.83
CA PRO A 1286 29.70 10.79 -51.26
C PRO A 1286 28.76 9.71 -50.75
N SER A 1287 28.44 8.77 -51.64
CA SER A 1287 27.52 7.70 -51.27
C SER A 1287 28.17 6.79 -50.25
N VAL A 1288 27.33 6.03 -49.56
CA VAL A 1288 27.78 5.15 -48.51
C VAL A 1288 27.35 3.72 -48.81
N SER A 1289 28.03 2.80 -48.14
CA SER A 1289 27.73 1.39 -48.17
C SER A 1289 27.71 0.90 -46.74
N TYR A 1290 27.04 -0.21 -46.53
CA TYR A 1290 26.81 -0.77 -45.20
C TYR A 1290 27.25 -2.21 -45.20
N TYR A 1291 28.11 -2.57 -44.25
CA TYR A 1291 28.62 -3.93 -44.13
C TYR A 1291 28.35 -4.50 -42.76
N ARG A 1292 27.77 -5.70 -42.73
CA ARG A 1292 27.58 -6.43 -41.50
C ARG A 1292 28.82 -7.25 -41.24
N LYS A 1293 29.43 -7.05 -40.09
CA LYS A 1293 30.64 -7.73 -39.68
C LYS A 1293 30.43 -8.32 -38.30
N ILE A 1294 31.42 -9.05 -37.83
CA ILE A 1294 31.46 -9.61 -36.49
C ILE A 1294 32.79 -9.16 -35.92
N ILE A 1295 32.77 -8.27 -34.94
CA ILE A 1295 34.01 -7.76 -34.39
C ILE A 1295 34.46 -8.55 -33.16
N GLU A 1296 33.85 -8.30 -32.02
CA GLU A 1296 34.14 -9.10 -30.83
C GLU A 1296 33.30 -10.37 -30.79
N GLY A 1297 32.23 -10.39 -31.55
CA GLY A 1297 31.26 -11.44 -31.64
C GLY A 1297 29.97 -10.71 -31.91
N THR A 1298 29.95 -9.45 -31.51
CA THR A 1298 28.85 -8.56 -31.86
C THR A 1298 28.76 -8.37 -33.35
N GLU A 1299 27.56 -8.47 -33.89
CA GLU A 1299 27.39 -8.16 -35.30
C GLU A 1299 27.32 -6.65 -35.43
N VAL A 1300 28.10 -6.08 -36.35
CA VAL A 1300 28.16 -4.63 -36.52
C VAL A 1300 27.80 -4.28 -37.94
N VAL A 1301 26.85 -3.35 -38.09
CA VAL A 1301 26.53 -2.80 -39.39
C VAL A 1301 27.35 -1.52 -39.51
N GLN A 1302 28.52 -1.64 -40.13
CA GLN A 1302 29.38 -0.49 -40.31
C GLN A 1302 28.94 0.26 -41.56
N GLU A 1303 28.94 1.58 -41.48
CA GLU A 1303 28.77 2.43 -42.63
C GLU A 1303 30.14 2.89 -43.12
N ILE A 1304 30.40 2.70 -44.41
CA ILE A 1304 31.67 3.07 -45.03
C ILE A 1304 31.42 4.06 -46.15
N GLN A 1305 32.29 5.06 -46.26
CA GLN A 1305 32.24 6.00 -47.37
C GLN A 1305 32.79 5.36 -48.62
N ASN A 1306 32.06 5.49 -49.72
CA ASN A 1306 32.51 4.99 -51.01
C ASN A 1306 33.52 5.96 -51.60
N LYS A 1307 34.75 5.50 -51.80
CA LYS A 1307 35.79 6.37 -52.32
C LYS A 1307 35.47 6.85 -53.73
N ARG A 1319 18.13 22.25 -63.40
CA ARG A 1319 17.01 23.13 -63.11
C ARG A 1319 17.48 24.33 -62.31
N GLY A 1320 18.04 25.32 -63.00
CA GLY A 1320 18.68 26.42 -62.33
C GLY A 1320 19.95 25.93 -61.67
N PRO A 1321 20.33 26.52 -60.55
CA PRO A 1321 21.51 26.03 -59.83
C PRO A 1321 21.25 24.65 -59.25
N GLU A 1322 22.21 24.11 -58.51
CA GLU A 1322 21.95 22.85 -57.81
C GLU A 1322 20.77 23.07 -56.88
N SER A 1323 19.85 22.10 -56.85
CA SER A 1323 18.67 22.27 -56.01
C SER A 1323 19.08 22.50 -54.57
N LEU A 1324 18.35 23.37 -53.89
CA LEU A 1324 18.66 23.71 -52.51
C LEU A 1324 18.69 22.44 -51.66
N PRO A 1325 19.70 22.25 -50.83
CA PRO A 1325 19.68 21.10 -49.92
C PRO A 1325 18.51 21.23 -48.96
N VAL A 1326 17.71 20.17 -48.89
CA VAL A 1326 16.56 20.13 -48.00
C VAL A 1326 16.92 19.70 -46.60
N GLY A 1327 18.10 19.14 -46.42
CA GLY A 1327 18.51 18.61 -45.13
C GLY A 1327 18.70 19.67 -44.08
N HIS A 1328 18.90 19.19 -42.85
CA HIS A 1328 19.27 20.05 -41.74
C HIS A 1328 20.71 20.51 -41.85
N HIS A 1329 20.94 21.73 -41.39
CA HIS A 1329 22.24 22.37 -41.37
C HIS A 1329 22.81 22.48 -39.98
N ASP A 1330 22.11 21.97 -38.97
CA ASP A 1330 22.58 21.98 -37.60
C ASP A 1330 22.19 20.64 -37.00
N ILE A 1331 22.79 20.30 -35.86
CA ILE A 1331 22.59 19.01 -35.18
C ILE A 1331 21.12 18.65 -35.06
N ILE A 1332 20.72 17.49 -35.57
CA ILE A 1332 19.34 17.03 -35.44
C ILE A 1332 19.20 16.45 -34.05
N THR A 1333 18.41 17.12 -33.21
CA THR A 1333 18.27 16.70 -31.82
C THR A 1333 17.30 15.53 -31.64
N ASP A 1334 16.32 15.35 -32.52
CA ASP A 1334 15.36 14.30 -32.29
C ASP A 1334 14.69 13.90 -33.59
N VAL A 1335 14.14 12.68 -33.58
CA VAL A 1335 13.44 12.06 -34.69
C VAL A 1335 12.13 11.51 -34.15
N ALA A 1336 11.05 11.68 -34.90
CA ALA A 1336 9.76 11.12 -34.53
C ALA A 1336 9.06 10.74 -35.81
N THR A 1337 8.10 9.84 -35.69
CA THR A 1337 7.29 9.49 -36.85
C THR A 1337 5.83 9.47 -36.44
N PHE A 1338 4.99 9.88 -37.39
CA PHE A 1338 3.57 9.83 -37.21
C PHE A 1338 2.93 9.30 -38.48
N GLN A 1339 1.75 8.72 -38.33
CA GLN A 1339 0.96 8.20 -39.43
C GLN A 1339 -0.38 8.91 -39.45
N THR A 1340 -0.66 9.59 -40.55
CA THR A 1340 -1.98 10.17 -40.78
C THR A 1340 -2.66 9.41 -41.93
N THR A 1341 -2.07 9.44 -43.11
CA THR A 1341 -2.47 8.61 -44.24
C THR A 1341 -1.28 7.78 -44.69
N GLN A 1342 -0.11 8.37 -44.69
CA GLN A 1342 1.16 7.74 -44.98
C GLN A 1342 2.07 7.92 -43.77
N GLY A 1343 3.29 7.42 -43.88
CA GLY A 1343 4.28 7.61 -42.85
C GLY A 1343 5.06 8.88 -43.04
N PHE A 1344 5.16 9.66 -41.98
CA PHE A 1344 5.96 10.86 -41.95
C PHE A 1344 7.02 10.78 -40.87
N ILE A 1345 8.17 11.36 -41.17
CA ILE A 1345 9.25 11.56 -40.20
C ILE A 1345 9.28 13.03 -39.84
N VAL A 1346 9.45 13.31 -38.56
CA VAL A 1346 9.68 14.66 -38.06
C VAL A 1346 11.06 14.69 -37.45
N THR A 1347 11.90 15.62 -37.87
CA THR A 1347 13.20 15.85 -37.27
C THR A 1347 13.30 17.31 -36.87
N ALA A 1348 13.93 17.56 -35.74
CA ALA A 1348 14.18 18.90 -35.24
C ALA A 1348 15.67 19.11 -35.08
N SER A 1349 16.10 20.35 -35.15
CA SER A 1349 17.51 20.71 -35.13
C SER A 1349 17.84 21.61 -33.94
N ARG A 1350 19.13 21.86 -33.76
CA ARG A 1350 19.60 22.76 -32.71
C ARG A 1350 19.43 24.22 -33.05
N ASP A 1351 18.93 24.57 -34.22
CA ASP A 1351 18.59 25.95 -34.52
C ASP A 1351 17.10 26.25 -34.41
N GLY A 1352 16.30 25.26 -34.02
CA GLY A 1352 14.87 25.44 -33.89
C GLY A 1352 14.07 25.06 -35.10
N ILE A 1353 14.70 24.53 -36.13
CA ILE A 1353 14.00 24.10 -37.32
C ILE A 1353 13.44 22.68 -37.15
N VAL A 1354 12.15 22.54 -37.41
CA VAL A 1354 11.49 21.25 -37.42
C VAL A 1354 11.13 20.96 -38.86
N LYS A 1355 11.46 19.77 -39.32
CA LYS A 1355 11.19 19.37 -40.69
C LYS A 1355 10.38 18.08 -40.73
N VAL A 1356 9.34 18.07 -41.56
CA VAL A 1356 8.51 16.90 -41.76
C VAL A 1356 8.95 16.28 -43.08
N TRP A 1357 9.21 14.98 -43.06
CA TRP A 1357 9.63 14.23 -44.24
C TRP A 1357 8.59 13.20 -44.64
N LYS A 1358 8.08 13.33 -45.85
CA LYS A 1358 7.14 12.39 -46.43
C LYS A 1358 7.96 11.34 -47.14
N MET B 1 -7.64 -22.97 -18.50
CA MET B 1 -7.12 -21.60 -18.55
C MET B 1 -7.24 -20.95 -17.16
N GLY B 2 -8.40 -21.02 -16.55
CA GLY B 2 -8.60 -20.43 -15.24
C GLY B 2 -10.02 -20.50 -14.72
N GLU B 3 -10.18 -20.79 -13.42
CA GLU B 3 -11.48 -20.67 -12.79
C GLU B 3 -11.91 -19.20 -12.73
N ALA B 4 -13.22 -18.99 -12.56
CA ALA B 4 -13.80 -17.64 -12.55
C ALA B 4 -13.25 -16.76 -11.44
N GLU B 5 -13.71 -15.50 -11.42
CA GLU B 5 -13.24 -14.46 -10.51
C GLU B 5 -14.15 -14.22 -9.32
N LYS B 6 -15.17 -15.04 -9.12
CA LYS B 6 -16.16 -14.79 -8.09
C LYS B 6 -15.53 -14.75 -6.71
N PHE B 7 -15.91 -13.75 -5.93
CA PHE B 7 -15.43 -13.61 -4.55
C PHE B 7 -16.49 -14.18 -3.63
N HIS B 8 -16.15 -15.25 -2.94
CA HIS B 8 -17.05 -15.85 -1.98
C HIS B 8 -16.62 -15.46 -0.59
N TYR B 9 -17.60 -15.23 0.28
CA TYR B 9 -17.34 -14.84 1.64
C TYR B 9 -18.47 -15.29 2.55
N ILE B 10 -18.15 -15.40 3.83
CA ILE B 10 -19.10 -15.69 4.87
C ILE B 10 -19.01 -14.57 5.89
N TYR B 11 -20.13 -14.19 6.46
CA TYR B 11 -20.16 -13.26 7.57
C TYR B 11 -19.51 -13.92 8.79
N SER B 12 -18.74 -13.15 9.54
CA SER B 12 -18.09 -13.69 10.73
C SER B 12 -19.12 -14.13 11.76
N CYS B 13 -20.25 -13.45 11.83
CA CYS B 13 -21.28 -13.79 12.78
C CYS B 13 -22.09 -15.00 12.37
N ASP B 14 -21.87 -15.52 11.18
CA ASP B 14 -22.52 -16.72 10.68
C ASP B 14 -21.65 -17.96 10.74
N LEU B 15 -20.36 -17.81 11.00
CA LEU B 15 -19.39 -18.90 11.06
C LEU B 15 -19.14 -19.33 12.50
N ASP B 16 -20.10 -20.09 13.06
CA ASP B 16 -20.05 -20.47 14.46
C ASP B 16 -19.14 -21.66 14.71
N ILE B 17 -17.84 -21.42 14.57
CA ILE B 17 -16.81 -22.44 14.75
C ILE B 17 -15.63 -21.75 15.43
N ASN B 18 -14.81 -22.55 16.10
CA ASN B 18 -13.66 -22.00 16.78
C ASN B 18 -12.65 -21.48 15.77
N VAL B 19 -12.00 -20.38 16.11
CA VAL B 19 -10.87 -19.87 15.34
C VAL B 19 -9.67 -20.78 15.57
N GLN B 20 -8.95 -21.12 14.51
CA GLN B 20 -7.74 -21.89 14.69
C GLN B 20 -6.56 -21.19 14.06
N LEU B 21 -5.46 -21.16 14.80
CA LEU B 21 -4.23 -20.49 14.41
C LEU B 21 -3.09 -21.48 14.43
N LYS B 22 -2.45 -21.65 13.28
CA LYS B 22 -1.26 -22.47 13.19
C LYS B 22 -0.04 -21.70 13.67
N ILE B 23 0.71 -22.26 14.60
CA ILE B 23 1.99 -21.71 14.99
C ILE B 23 3.03 -22.45 14.19
N GLY B 24 3.67 -21.74 13.27
CA GLY B 24 4.59 -22.34 12.34
C GLY B 24 5.97 -22.48 12.89
N SER B 25 6.89 -21.67 12.40
CA SER B 25 8.25 -21.67 12.89
C SER B 25 8.62 -20.31 13.43
N LEU B 26 9.57 -20.29 14.35
CA LEU B 26 10.19 -19.07 14.84
C LEU B 26 11.54 -18.95 14.15
N GLU B 27 11.62 -18.08 13.15
CA GLU B 27 12.88 -17.78 12.51
C GLU B 27 13.58 -16.65 13.23
N GLY B 28 14.89 -16.64 13.15
CA GLY B 28 15.73 -15.62 13.73
C GLY B 28 16.57 -16.15 14.87
N LYS B 29 17.54 -15.34 15.26
CA LYS B 29 18.42 -15.62 16.37
C LYS B 29 17.86 -15.00 17.65
N ARG B 30 18.28 -15.55 18.78
CA ARG B 30 17.94 -14.96 20.07
C ARG B 30 19.03 -13.98 20.49
N GLU B 31 18.87 -13.40 21.68
CA GLU B 31 19.76 -12.35 22.16
C GLU B 31 21.13 -12.87 22.62
N GLN B 32 21.77 -13.66 21.77
CA GLN B 32 23.06 -14.28 22.06
C GLN B 32 23.08 -14.87 23.45
N LYS B 33 24.21 -14.71 24.14
CA LYS B 33 24.37 -15.16 25.52
C LYS B 33 25.28 -14.13 26.20
N SER B 34 24.66 -13.10 26.77
CA SER B 34 25.41 -12.03 27.43
C SER B 34 25.92 -12.52 28.77
N TYR B 35 27.17 -13.00 28.79
CA TYR B 35 27.78 -13.54 29.99
C TYR B 35 28.06 -12.48 31.05
N LYS B 36 28.01 -11.20 30.70
CA LYS B 36 28.00 -10.15 31.71
C LYS B 36 26.82 -10.36 32.65
N ALA B 37 25.63 -10.56 32.07
CA ALA B 37 24.42 -10.70 32.85
C ALA B 37 24.44 -11.95 33.71
N VAL B 38 25.11 -13.01 33.27
CA VAL B 38 25.14 -14.24 34.06
C VAL B 38 25.97 -14.06 35.33
N LEU B 39 27.09 -13.35 35.24
CA LEU B 39 27.85 -13.07 36.46
C LEU B 39 27.00 -12.31 37.46
N GLU B 40 26.15 -11.40 36.98
CA GLU B 40 25.26 -10.69 37.90
C GLU B 40 24.13 -11.58 38.40
N ASP B 41 23.61 -12.48 37.56
CA ASP B 41 22.50 -13.35 37.91
C ASP B 41 22.79 -14.80 37.59
N PRO B 42 23.33 -15.57 38.54
CA PRO B 42 23.73 -16.95 38.24
C PRO B 42 22.59 -17.85 37.81
N MET B 43 21.34 -17.53 38.17
CA MET B 43 20.18 -18.29 37.71
C MET B 43 20.03 -18.23 36.22
N LEU B 44 20.65 -17.25 35.57
CA LEU B 44 20.51 -17.05 34.14
C LEU B 44 21.28 -18.09 33.34
N LYS B 45 22.27 -18.75 33.93
CA LYS B 45 22.87 -19.85 33.20
C LYS B 45 21.95 -21.04 33.12
N PHE B 46 20.99 -21.15 34.01
CA PHE B 46 20.02 -22.25 34.00
C PHE B 46 18.75 -21.84 33.30
N SER B 47 18.90 -21.33 32.09
CA SER B 47 17.79 -20.84 31.30
C SER B 47 17.98 -21.31 29.87
N GLY B 48 16.89 -21.40 29.15
CA GLY B 48 16.95 -21.95 27.80
C GLY B 48 17.96 -21.27 26.90
N LEU B 49 18.14 -19.95 27.06
CA LEU B 49 19.19 -19.26 26.32
C LEU B 49 20.54 -19.92 26.46
N TYR B 50 20.90 -20.33 27.66
CA TYR B 50 22.24 -20.82 27.91
C TYR B 50 22.37 -22.33 27.93
N GLN B 51 21.27 -23.07 27.89
CA GLN B 51 21.35 -24.52 27.92
C GLN B 51 21.30 -25.19 26.56
N GLU B 52 20.56 -24.66 25.59
CA GLU B 52 20.55 -25.31 24.30
C GLU B 52 20.49 -24.27 23.20
N THR B 53 20.98 -24.65 22.02
CA THR B 53 20.94 -23.73 20.90
C THR B 53 19.50 -23.41 20.57
N CYS B 54 18.64 -24.43 20.64
CA CYS B 54 17.19 -24.28 20.47
C CYS B 54 16.57 -24.82 21.75
N SER B 55 16.21 -23.94 22.67
CA SER B 55 15.43 -24.43 23.79
C SER B 55 14.03 -24.78 23.32
N ASP B 56 13.38 -25.66 24.06
CA ASP B 56 12.04 -26.09 23.73
C ASP B 56 11.03 -25.01 24.07
N LEU B 57 11.00 -23.96 23.25
CA LEU B 57 10.11 -22.84 23.44
C LEU B 57 8.66 -23.26 23.24
N TYR B 58 7.76 -22.47 23.80
CA TYR B 58 6.34 -22.65 23.54
C TYR B 58 5.73 -21.29 23.31
N VAL B 59 4.60 -21.29 22.60
CA VAL B 59 3.88 -20.07 22.30
C VAL B 59 2.54 -20.12 23.02
N THR B 60 2.10 -18.97 23.53
CA THR B 60 0.75 -18.82 24.06
C THR B 60 -0.01 -17.87 23.16
N CYS B 61 -1.16 -18.28 22.69
CA CYS B 61 -2.01 -17.45 21.86
C CYS B 61 -3.22 -17.02 22.66
N GLN B 62 -3.44 -15.72 22.75
CA GLN B 62 -4.60 -15.17 23.43
C GLN B 62 -5.23 -14.09 22.56
N VAL B 63 -6.56 -14.08 22.53
CA VAL B 63 -7.30 -13.10 21.74
C VAL B 63 -7.75 -11.96 22.65
N PHE B 64 -7.49 -10.74 22.19
CA PHE B 64 -7.85 -9.53 22.92
C PHE B 64 -8.76 -8.68 22.07
N ALA B 65 -9.66 -7.96 22.72
CA ALA B 65 -10.51 -6.98 22.07
C ALA B 65 -10.71 -5.82 23.02
N GLU B 66 -10.58 -4.60 22.50
CA GLU B 66 -10.68 -3.38 23.30
C GLU B 66 -9.72 -3.41 24.49
N GLY B 67 -8.58 -4.08 24.32
CA GLY B 67 -7.60 -4.19 25.36
C GLY B 67 -7.90 -5.21 26.44
N LYS B 68 -8.96 -5.97 26.30
CA LYS B 68 -9.32 -6.99 27.26
C LYS B 68 -9.23 -8.37 26.63
N PRO B 69 -8.83 -9.38 27.38
CA PRO B 69 -8.76 -10.74 26.81
C PRO B 69 -10.16 -11.35 26.67
N LEU B 70 -10.42 -11.94 25.52
CA LEU B 70 -11.71 -12.57 25.27
C LEU B 70 -11.83 -13.92 25.96
N ALA B 71 -10.72 -14.61 26.18
CA ALA B 71 -10.71 -15.90 26.85
C ALA B 71 -9.27 -16.20 27.27
N LEU B 72 -9.07 -17.38 27.84
CA LEU B 72 -7.78 -17.79 28.37
C LEU B 72 -6.74 -18.01 27.28
N PRO B 73 -5.46 -17.94 27.62
CA PRO B 73 -4.43 -18.22 26.62
C PRO B 73 -4.35 -19.71 26.31
N VAL B 74 -4.07 -20.02 25.05
CA VAL B 74 -3.86 -21.39 24.60
C VAL B 74 -2.37 -21.57 24.32
N ARG B 75 -1.81 -22.64 24.84
CA ARG B 75 -0.40 -22.97 24.73
C ARG B 75 -0.14 -24.06 23.73
N THR B 76 0.94 -23.90 22.97
CA THR B 76 1.38 -24.96 22.08
C THR B 76 1.78 -26.19 22.90
N SER B 77 1.45 -27.37 22.38
CA SER B 77 1.88 -28.61 23.00
C SER B 77 3.40 -28.73 22.92
N TYR B 78 3.97 -29.37 23.92
CA TYR B 78 5.42 -29.55 23.98
C TYR B 78 5.97 -30.17 22.72
N LYS B 79 7.02 -29.57 22.19
CA LYS B 79 7.75 -30.07 21.04
C LYS B 79 9.21 -29.87 21.32
N ALA B 80 9.99 -30.93 21.21
CA ALA B 80 11.42 -30.85 21.44
C ALA B 80 12.09 -30.29 20.21
N PHE B 81 12.84 -29.22 20.38
CA PHE B 81 13.53 -28.56 19.31
C PHE B 81 15.02 -28.78 19.42
N SER B 82 15.66 -29.00 18.29
CA SER B 82 17.10 -29.24 18.24
C SER B 82 17.82 -28.18 17.44
N THR B 83 17.48 -27.99 16.16
CA THR B 83 18.12 -27.01 15.31
C THR B 83 17.20 -25.96 14.74
N ARG B 84 15.91 -26.04 14.99
CA ARG B 84 14.97 -25.05 14.48
C ARG B 84 13.70 -25.12 15.31
N TRP B 85 13.07 -23.97 15.50
CA TRP B 85 11.80 -23.89 16.21
C TRP B 85 10.67 -24.00 15.22
N ASN B 86 10.07 -25.17 15.12
CA ASN B 86 9.01 -25.42 14.16
C ASN B 86 7.94 -26.20 14.91
N TRP B 87 6.99 -25.48 15.49
CA TRP B 87 5.88 -26.15 16.16
C TRP B 87 4.99 -26.85 15.15
N ASN B 88 4.60 -26.14 14.10
CA ASN B 88 3.73 -26.68 13.06
C ASN B 88 2.39 -27.13 13.64
N GLU B 89 1.90 -26.43 14.66
CA GLU B 89 0.75 -26.85 15.41
C GLU B 89 -0.42 -25.90 15.24
N TRP B 90 -1.57 -26.46 14.87
CA TRP B 90 -2.83 -25.74 14.83
C TRP B 90 -3.41 -25.64 16.23
N LEU B 91 -3.64 -24.42 16.69
CA LEU B 91 -4.19 -24.16 18.01
C LEU B 91 -5.65 -23.77 17.86
N LYS B 92 -6.53 -24.51 18.49
CA LYS B 92 -7.94 -24.15 18.49
C LYS B 92 -8.15 -23.10 19.57
N LEU B 93 -8.44 -21.90 19.16
CA LEU B 93 -8.64 -20.83 20.11
C LEU B 93 -9.98 -20.94 20.78
N PRO B 94 -10.11 -20.43 22.01
CA PRO B 94 -11.36 -20.53 22.74
C PRO B 94 -12.42 -19.54 22.28
N VAL B 95 -12.15 -18.81 21.21
CA VAL B 95 -13.05 -17.82 20.67
C VAL B 95 -13.54 -18.31 19.32
N LYS B 96 -14.80 -18.05 19.03
CA LYS B 96 -15.38 -18.35 17.72
C LYS B 96 -15.48 -17.07 16.90
N TYR B 97 -15.60 -17.24 15.59
CA TYR B 97 -15.81 -16.08 14.73
C TYR B 97 -16.97 -15.17 15.12
N PRO B 98 -18.15 -15.66 15.49
CA PRO B 98 -19.18 -14.74 15.98
C PRO B 98 -18.75 -13.96 17.21
N ASP B 99 -17.90 -14.54 18.04
CA ASP B 99 -17.45 -13.91 19.27
C ASP B 99 -16.45 -12.80 19.04
N LEU B 100 -15.92 -12.66 17.84
CA LEU B 100 -14.81 -11.74 17.60
C LEU B 100 -15.29 -10.37 17.17
N PRO B 101 -14.97 -9.31 17.89
CA PRO B 101 -15.28 -7.96 17.40
C PRO B 101 -14.25 -7.54 16.36
N ARG B 102 -14.55 -6.42 15.72
CA ARG B 102 -13.75 -5.92 14.59
C ARG B 102 -12.31 -5.64 14.98
N ASN B 103 -12.04 -5.28 16.23
CA ASN B 103 -10.69 -5.04 16.69
C ASN B 103 -10.11 -6.19 17.51
N ALA B 104 -10.51 -7.43 17.22
CA ALA B 104 -9.92 -8.57 17.89
C ALA B 104 -8.51 -8.79 17.38
N GLN B 105 -7.58 -9.07 18.29
CA GLN B 105 -6.21 -9.39 17.97
C GLN B 105 -5.84 -10.73 18.58
N VAL B 106 -4.75 -11.31 18.12
CA VAL B 106 -4.15 -12.45 18.81
C VAL B 106 -2.78 -12.00 19.29
N ALA B 107 -2.59 -12.04 20.60
CA ALA B 107 -1.32 -11.75 21.23
C ALA B 107 -0.59 -13.07 21.41
N LEU B 108 0.51 -13.24 20.69
CA LEU B 108 1.32 -14.45 20.70
C LEU B 108 2.64 -14.20 21.42
N THR B 109 2.86 -14.93 22.51
CA THR B 109 4.09 -14.81 23.28
C THR B 109 4.90 -16.10 23.19
N ILE B 110 6.16 -15.98 22.83
CA ILE B 110 7.10 -17.09 22.89
C ILE B 110 7.75 -17.12 24.28
N TRP B 111 7.66 -18.26 24.95
CA TRP B 111 8.13 -18.43 26.31
C TRP B 111 9.28 -19.41 26.40
N ASP B 112 10.15 -19.21 27.39
CA ASP B 112 11.33 -20.02 27.59
C ASP B 112 11.49 -20.34 29.07
N VAL B 113 12.20 -21.43 29.36
CA VAL B 113 12.45 -21.80 30.74
C VAL B 113 13.47 -20.85 31.33
N TYR B 114 13.17 -20.35 32.52
CA TYR B 114 14.09 -19.54 33.31
C TYR B 114 14.11 -20.17 34.69
N GLY B 115 15.00 -21.12 34.91
CA GLY B 115 15.02 -21.80 36.18
C GLY B 115 13.71 -22.48 36.50
N PRO B 116 13.65 -23.11 37.67
CA PRO B 116 12.42 -23.80 38.08
C PRO B 116 11.21 -22.88 38.17
N GLY B 117 10.08 -23.38 37.66
CA GLY B 117 8.81 -22.70 37.81
C GLY B 117 8.78 -21.25 37.40
N LYS B 118 9.43 -20.90 36.29
CA LYS B 118 9.47 -19.51 35.86
C LYS B 118 9.72 -19.47 34.36
N ALA B 119 8.77 -18.93 33.61
CA ALA B 119 8.93 -18.72 32.19
C ALA B 119 9.25 -17.26 31.92
N VAL B 120 10.21 -17.02 31.04
CA VAL B 120 10.57 -15.68 30.62
C VAL B 120 10.04 -15.50 29.20
N PRO B 121 9.53 -14.32 28.82
CA PRO B 121 9.15 -14.12 27.42
C PRO B 121 10.36 -13.93 26.52
N VAL B 122 10.48 -14.79 25.52
CA VAL B 122 11.48 -14.62 24.48
C VAL B 122 11.08 -13.46 23.60
N GLY B 123 9.79 -13.31 23.37
CA GLY B 123 9.29 -12.21 22.58
C GLY B 123 7.79 -12.29 22.52
N GLY B 124 7.20 -11.27 21.93
CA GLY B 124 5.78 -11.21 21.76
C GLY B 124 5.45 -10.55 20.45
N THR B 125 4.29 -10.88 19.92
CA THR B 125 3.83 -10.30 18.67
C THR B 125 2.32 -10.33 18.67
N THR B 126 1.72 -9.26 18.15
CA THR B 126 0.27 -9.12 18.09
C THR B 126 -0.13 -8.77 16.68
N VAL B 127 -1.12 -9.45 16.15
CA VAL B 127 -1.65 -9.18 14.83
C VAL B 127 -3.17 -9.12 14.93
N SER B 128 -3.77 -8.14 14.26
CA SER B 128 -5.21 -8.03 14.24
C SER B 128 -5.79 -9.20 13.47
N LEU B 129 -6.95 -9.66 13.90
CA LEU B 129 -7.60 -10.79 13.25
C LEU B 129 -8.33 -10.40 11.98
N PHE B 130 -8.80 -9.17 11.85
CA PHE B 130 -9.39 -8.71 10.61
C PHE B 130 -8.47 -7.70 9.94
N GLY B 131 -8.56 -7.67 8.62
CA GLY B 131 -7.73 -6.83 7.81
C GLY B 131 -8.22 -5.40 7.80
N LYS B 132 -7.69 -4.64 6.84
CA LYS B 132 -7.99 -3.23 6.77
C LYS B 132 -9.46 -2.97 6.43
N TYR B 133 -10.09 -3.85 5.67
CA TYR B 133 -11.51 -3.72 5.38
C TYR B 133 -12.34 -4.86 5.97
N GLY B 134 -11.94 -5.31 7.15
CA GLY B 134 -12.70 -6.29 7.89
C GLY B 134 -12.82 -7.67 7.31
N MET B 135 -11.76 -8.17 6.71
CA MET B 135 -11.72 -9.56 6.28
C MET B 135 -10.75 -10.33 7.16
N PHE B 136 -11.19 -11.46 7.70
CA PHE B 136 -10.33 -12.28 8.54
C PHE B 136 -9.08 -12.63 7.77
N ARG B 137 -7.93 -12.51 8.42
CA ARG B 137 -6.66 -12.80 7.80
C ARG B 137 -6.60 -14.23 7.28
N GLN B 138 -6.02 -14.38 6.10
CA GLN B 138 -5.95 -15.67 5.41
C GLN B 138 -4.52 -16.10 5.22
N GLY B 139 -4.32 -17.40 5.25
CA GLY B 139 -3.03 -17.97 4.90
C GLY B 139 -1.88 -17.67 5.83
N MET B 140 -0.70 -17.80 5.25
CA MET B 140 0.58 -17.73 5.96
C MET B 140 1.01 -16.29 6.19
N HIS B 141 1.25 -15.94 7.46
CA HIS B 141 1.70 -14.61 7.84
C HIS B 141 2.96 -14.70 8.68
N ASP B 142 3.93 -13.85 8.39
CA ASP B 142 5.16 -13.74 9.17
C ASP B 142 5.08 -12.50 10.06
N LEU B 143 5.13 -12.69 11.37
CA LEU B 143 4.93 -11.59 12.31
C LEU B 143 6.24 -11.22 12.99
N LYS B 144 6.51 -9.92 13.00
CA LYS B 144 7.63 -9.37 13.75
C LYS B 144 7.47 -9.68 15.23
N VAL B 145 8.51 -10.23 15.83
CA VAL B 145 8.50 -10.61 17.24
C VAL B 145 9.30 -9.56 17.98
N TRP B 146 8.70 -9.01 19.04
CA TRP B 146 9.35 -8.01 19.87
C TRP B 146 10.12 -8.69 20.99
N PRO B 147 11.45 -8.58 21.01
CA PRO B 147 12.26 -9.28 22.01
C PRO B 147 11.97 -8.95 23.46
N ASN B 148 12.14 -9.97 24.28
CA ASN B 148 12.06 -9.94 25.74
C ASN B 148 10.77 -9.37 26.30
N VAL B 149 9.66 -9.39 25.56
CA VAL B 149 8.40 -8.86 26.07
C VAL B 149 7.31 -9.83 25.69
N GLU B 150 6.24 -9.79 26.45
CA GLU B 150 5.03 -10.50 26.11
C GLU B 150 4.30 -9.73 25.02
N ALA B 151 3.54 -10.46 24.21
CA ALA B 151 2.67 -9.80 23.26
C ALA B 151 1.72 -8.89 24.02
N ASP B 152 1.54 -7.68 23.50
CA ASP B 152 0.64 -6.71 24.08
C ASP B 152 -0.74 -6.81 23.45
N GLY B 153 -1.76 -7.06 24.26
CA GLY B 153 -3.09 -7.07 23.72
C GLY B 153 -3.84 -5.76 23.79
N SER B 154 -3.24 -4.70 24.29
CA SER B 154 -3.94 -3.42 24.41
C SER B 154 -4.23 -2.83 23.04
N GLU B 155 -5.19 -1.91 22.99
CA GLU B 155 -5.56 -1.19 21.78
C GLU B 155 -5.05 0.24 21.89
N PRO B 156 -4.09 0.69 21.07
CA PRO B 156 -3.34 -0.01 20.02
C PRO B 156 -2.26 -0.86 20.62
N THR B 157 -1.93 -1.98 20.00
CA THR B 157 -0.88 -2.83 20.54
C THR B 157 0.49 -2.19 20.37
N LYS B 158 1.34 -2.39 21.37
CA LYS B 158 2.70 -1.93 21.36
C LYS B 158 3.65 -2.96 20.77
N THR B 159 3.14 -4.12 20.36
CA THR B 159 3.94 -5.17 19.74
C THR B 159 3.30 -5.60 18.41
N PRO B 160 3.16 -4.70 17.45
CA PRO B 160 2.55 -5.10 16.18
C PRO B 160 3.40 -6.13 15.45
N GLY B 161 2.73 -7.13 14.90
CA GLY B 161 3.39 -8.14 14.11
C GLY B 161 3.48 -7.73 12.67
N ARG B 162 2.61 -6.82 12.27
CA ARG B 162 2.60 -6.28 10.92
C ARG B 162 3.07 -4.83 10.85
N GLN B 171 12.19 -2.33 4.44
CA GLN B 171 12.63 -2.82 3.14
C GLN B 171 12.20 -4.26 2.93
N MET B 172 12.60 -5.16 3.82
CA MET B 172 12.20 -6.55 3.69
C MET B 172 10.72 -6.74 3.95
N SER B 173 10.10 -5.88 4.74
CA SER B 173 8.66 -5.97 4.96
C SER B 173 7.91 -5.83 3.64
N ARG B 174 8.25 -4.81 2.86
CA ARG B 174 7.60 -4.59 1.57
C ARG B 174 7.94 -5.71 0.59
N LEU B 175 9.21 -6.09 0.52
CA LEU B 175 9.65 -7.11 -0.42
C LEU B 175 9.05 -8.46 -0.13
N ALA B 176 9.00 -8.85 1.14
CA ALA B 176 8.37 -10.12 1.49
C ALA B 176 6.94 -10.19 0.99
N LYS B 177 6.17 -9.12 1.15
CA LYS B 177 4.81 -9.12 0.63
C LYS B 177 4.78 -9.32 -0.88
N LEU B 178 5.61 -8.56 -1.59
CA LEU B 178 5.74 -8.76 -3.04
C LEU B 178 6.21 -10.17 -3.38
N THR B 179 7.10 -10.73 -2.58
CA THR B 179 7.56 -12.10 -2.79
C THR B 179 6.44 -13.10 -2.59
N LYS B 180 5.62 -12.90 -1.56
CA LYS B 180 4.47 -13.77 -1.36
C LYS B 180 3.46 -13.62 -2.50
N ALA B 181 3.21 -12.39 -2.93
CA ALA B 181 2.37 -12.16 -4.10
C ALA B 181 2.94 -12.83 -5.33
N HIS B 182 4.26 -12.79 -5.49
CA HIS B 182 4.87 -13.46 -6.62
C HIS B 182 4.70 -14.96 -6.54
N ARG B 183 4.91 -15.55 -5.36
CA ARG B 183 4.77 -16.98 -5.20
C ARG B 183 3.35 -17.45 -5.40
N GLN B 184 2.38 -16.65 -5.00
CA GLN B 184 0.98 -16.99 -5.20
C GLN B 184 0.54 -16.82 -6.64
N GLY B 185 1.30 -16.11 -7.46
CA GLY B 185 0.97 -15.90 -8.83
C GLY B 185 0.28 -14.60 -9.13
N HIS B 186 0.13 -13.74 -8.12
CA HIS B 186 -0.53 -12.45 -8.35
C HIS B 186 0.38 -11.49 -9.10
N MET B 187 1.68 -11.57 -8.86
CA MET B 187 2.63 -10.81 -9.65
C MET B 187 2.89 -11.52 -10.96
N VAL B 188 3.09 -10.74 -12.02
CA VAL B 188 3.38 -11.31 -13.32
C VAL B 188 4.76 -11.93 -13.30
N LYS B 189 4.90 -13.09 -13.93
CA LYS B 189 6.15 -13.83 -13.97
C LYS B 189 6.99 -13.35 -15.13
N VAL B 190 8.27 -13.07 -14.88
CA VAL B 190 9.20 -12.69 -15.94
C VAL B 190 10.49 -13.39 -15.57
N ASP B 191 10.73 -14.56 -16.16
CA ASP B 191 11.86 -15.39 -15.74
C ASP B 191 13.19 -14.66 -15.75
N TRP B 192 13.55 -14.02 -16.87
CA TRP B 192 14.84 -13.34 -16.91
C TRP B 192 14.96 -12.29 -15.82
N LEU B 193 13.85 -11.68 -15.46
CA LEU B 193 13.79 -10.58 -14.51
C LEU B 193 13.62 -11.07 -13.07
N ASP B 194 12.82 -12.10 -12.84
CA ASP B 194 12.71 -12.71 -11.52
C ASP B 194 14.02 -13.29 -11.04
N ARG B 195 14.75 -13.96 -11.93
CA ARG B 195 16.05 -14.51 -11.58
C ARG B 195 17.00 -13.44 -11.07
N LEU B 196 17.08 -12.32 -11.77
CA LEU B 196 17.95 -11.22 -11.35
C LEU B 196 17.45 -10.51 -10.09
N THR B 197 16.15 -10.26 -10.02
CA THR B 197 15.61 -9.48 -8.90
C THR B 197 15.66 -10.21 -7.57
N PHE B 198 15.37 -11.50 -7.56
CA PHE B 198 15.39 -12.21 -6.28
C PHE B 198 16.76 -12.36 -5.67
N ARG B 199 17.82 -12.31 -6.47
CA ARG B 199 19.15 -12.33 -5.89
C ARG B 199 19.39 -11.07 -5.06
N GLU B 200 18.88 -9.94 -5.53
CA GLU B 200 18.97 -8.69 -4.77
C GLU B 200 18.14 -8.75 -3.50
N ILE B 201 16.94 -9.31 -3.56
CA ILE B 201 16.13 -9.45 -2.35
C ILE B 201 16.84 -10.35 -1.34
N GLU B 202 17.48 -11.40 -1.82
CA GLU B 202 18.31 -12.21 -0.94
C GLU B 202 19.44 -11.41 -0.30
N MET B 203 20.13 -10.58 -1.08
CA MET B 203 21.16 -9.73 -0.50
C MET B 203 20.59 -8.79 0.55
N ILE B 204 19.41 -8.23 0.29
CA ILE B 204 18.77 -7.35 1.25
C ILE B 204 18.43 -8.12 2.51
N ASN B 205 17.85 -9.32 2.35
CA ASN B 205 17.50 -10.17 3.47
C ASN B 205 18.70 -10.54 4.32
N GLU B 206 19.79 -10.95 3.69
CA GLU B 206 20.98 -11.32 4.47
C GLU B 206 21.54 -10.12 5.21
N SER B 207 21.52 -8.96 4.57
CA SER B 207 21.95 -7.74 5.25
C SER B 207 21.08 -7.46 6.46
N GLU B 208 19.78 -7.68 6.34
CA GLU B 208 18.89 -7.49 7.48
C GLU B 208 19.10 -8.54 8.55
N LYS B 209 19.48 -9.75 8.16
CA LYS B 209 19.78 -10.78 9.15
C LYS B 209 20.97 -10.37 10.01
N ARG B 210 22.01 -9.86 9.38
CA ARG B 210 23.20 -9.42 10.10
C ARG B 210 22.98 -8.10 10.80
N SER B 211 22.31 -7.16 10.14
CA SER B 211 22.08 -5.85 10.73
C SER B 211 21.22 -5.94 11.98
N SER B 212 20.14 -6.70 11.93
CA SER B 212 19.23 -6.77 13.05
C SER B 212 19.04 -8.19 13.56
N ASN B 213 18.73 -8.28 14.83
CA ASN B 213 18.46 -9.54 15.54
C ASN B 213 16.97 -9.86 15.54
N PHE B 214 16.29 -9.52 14.43
CA PHE B 214 14.86 -9.73 14.31
C PHE B 214 14.46 -11.19 14.28
N MET B 215 13.31 -11.49 14.87
CA MET B 215 12.69 -12.80 14.82
C MET B 215 11.32 -12.66 14.20
N TYR B 216 10.91 -13.70 13.48
CA TYR B 216 9.58 -13.77 12.90
C TYR B 216 8.92 -15.06 13.31
N LEU B 217 7.69 -14.95 13.76
CA LEU B 217 6.85 -16.09 14.05
C LEU B 217 5.88 -16.22 12.89
N MET B 218 6.11 -17.21 12.04
CA MET B 218 5.18 -17.50 10.97
C MET B 218 3.99 -18.24 11.53
N VAL B 219 2.81 -17.74 11.23
CA VAL B 219 1.55 -18.33 11.64
C VAL B 219 0.70 -18.51 10.40
N GLU B 220 -0.34 -19.31 10.53
CA GLU B 220 -1.25 -19.53 9.43
C GLU B 220 -2.67 -19.52 9.96
N PHE B 221 -3.59 -19.06 9.14
CA PHE B 221 -5.01 -19.06 9.43
C PHE B 221 -5.69 -20.08 8.54
N ARG B 222 -6.72 -20.76 9.06
CA ARG B 222 -7.40 -21.74 8.24
C ARG B 222 -8.17 -21.13 7.08
N CYS B 223 -8.35 -21.95 6.06
CA CYS B 223 -9.07 -21.61 4.85
C CYS B 223 -10.45 -22.25 4.95
N VAL B 224 -11.49 -21.46 4.71
CA VAL B 224 -12.84 -21.98 4.72
C VAL B 224 -13.18 -22.43 3.30
N LYS B 225 -13.41 -23.73 3.14
CA LYS B 225 -13.69 -24.34 1.86
C LYS B 225 -15.05 -25.01 1.85
N CYS B 226 -15.76 -24.88 0.73
CA CYS B 226 -16.99 -25.63 0.50
C CYS B 226 -17.13 -25.80 -0.99
N ASP B 227 -17.14 -27.06 -1.45
CA ASP B 227 -17.24 -27.40 -2.86
C ASP B 227 -16.11 -26.77 -3.66
N ASP B 228 -14.90 -26.82 -3.10
CA ASP B 228 -13.67 -26.32 -3.72
C ASP B 228 -13.68 -24.81 -3.93
N LYS B 229 -14.60 -24.11 -3.27
CA LYS B 229 -14.57 -22.67 -3.24
C LYS B 229 -13.74 -22.18 -2.06
N GLU B 230 -13.31 -20.92 -2.15
CA GLU B 230 -12.62 -20.23 -1.07
C GLU B 230 -13.53 -19.13 -0.55
N TYR B 231 -13.83 -19.17 0.74
CA TYR B 231 -14.62 -18.13 1.36
C TYR B 231 -13.77 -17.32 2.31
N GLY B 232 -13.75 -16.01 2.10
CA GLY B 232 -13.19 -15.12 3.08
C GLY B 232 -14.20 -14.87 4.17
N ILE B 233 -13.74 -14.68 5.40
CA ILE B 233 -14.60 -14.37 6.52
C ILE B 233 -14.59 -12.86 6.67
N VAL B 234 -15.68 -12.21 6.35
CA VAL B 234 -15.77 -10.77 6.51
C VAL B 234 -16.50 -10.48 7.81
N TYR B 235 -16.06 -9.46 8.52
CA TYR B 235 -16.69 -9.09 9.77
C TYR B 235 -18.10 -8.58 9.52
N TYR B 236 -19.09 -9.24 10.11
CA TYR B 236 -20.44 -8.74 10.13
C TYR B 236 -21.10 -9.00 11.47
N GLU B 237 -22.15 -8.22 11.71
CA GLU B 237 -23.03 -8.36 12.85
C GLU B 237 -24.40 -8.80 12.35
N LYS B 238 -25.02 -9.74 13.05
CA LYS B 238 -26.39 -10.08 12.73
C LYS B 238 -27.27 -8.86 12.87
N ASP B 239 -28.12 -8.66 11.85
CA ASP B 239 -29.02 -7.53 11.61
C ASP B 239 -28.25 -6.38 10.98
N GLY B 240 -27.02 -6.63 10.51
CA GLY B 240 -26.24 -5.56 9.90
C GLY B 240 -26.87 -5.00 8.64
N ASP B 241 -27.80 -5.73 8.04
CA ASP B 241 -28.57 -5.26 6.90
C ASP B 241 -29.83 -4.49 7.28
N GLU B 242 -30.18 -4.45 8.57
CA GLU B 242 -31.39 -3.77 9.05
C GLU B 242 -31.20 -2.26 9.10
N SER B 243 -31.18 -1.66 7.90
CA SER B 243 -31.15 -0.21 7.78
C SER B 243 -32.41 0.40 8.40
N SER B 244 -32.24 1.10 9.51
CA SER B 244 -33.36 1.49 10.36
C SER B 244 -34.38 2.30 9.58
N PRO B 245 -35.70 2.02 9.71
CA PRO B 245 -36.73 2.73 8.94
C PRO B 245 -36.95 4.17 9.42
N ILE B 246 -35.86 4.93 9.50
CA ILE B 246 -35.91 6.32 9.97
C ILE B 246 -36.75 7.18 9.04
N LEU B 247 -37.66 7.97 9.63
CA LEU B 247 -38.50 8.89 8.88
C LEU B 247 -38.56 10.24 9.58
N THR B 248 -38.60 11.31 8.77
CA THR B 248 -38.38 12.67 9.23
C THR B 248 -39.67 13.43 9.53
N SER B 249 -40.78 12.74 9.74
CA SER B 249 -42.03 13.42 10.09
C SER B 249 -42.07 13.83 11.55
N PHE B 250 -42.63 15.01 11.80
CA PHE B 250 -42.95 15.47 13.15
C PHE B 250 -44.25 16.25 13.10
N GLU B 251 -45.26 15.70 12.45
CA GLU B 251 -46.52 16.44 12.31
C GLU B 251 -47.24 16.49 13.64
N LEU B 252 -47.40 15.35 14.29
CA LEU B 252 -48.01 15.26 15.62
C LEU B 252 -47.01 14.95 16.71
N VAL B 253 -46.11 14.01 16.47
CA VAL B 253 -45.27 13.48 17.52
C VAL B 253 -43.94 14.19 17.42
N LYS B 254 -43.90 15.37 18.03
CA LYS B 254 -42.74 16.26 17.99
C LYS B 254 -41.58 15.71 18.81
N VAL B 255 -41.87 14.92 19.83
CA VAL B 255 -40.90 14.52 20.83
C VAL B 255 -40.91 13.01 20.96
N PRO B 256 -40.10 12.29 20.19
CA PRO B 256 -40.11 10.84 20.29
C PRO B 256 -39.49 10.41 21.61
N ASP B 257 -40.04 9.34 22.15
CA ASP B 257 -39.66 8.77 23.42
C ASP B 257 -39.24 7.33 23.12
N PRO B 258 -38.00 6.93 23.36
CA PRO B 258 -37.62 5.56 23.00
C PRO B 258 -38.26 4.51 23.90
N GLN B 259 -38.54 4.84 25.16
CA GLN B 259 -39.10 3.91 26.13
C GLN B 259 -40.59 3.81 26.03
N MET B 260 -41.14 4.20 24.90
CA MET B 260 -42.53 4.61 24.83
C MET B 260 -43.51 3.52 25.24
N SER B 261 -43.42 2.35 24.65
CA SER B 261 -44.43 1.32 24.87
C SER B 261 -43.79 0.09 25.49
N MET B 262 -42.88 0.33 26.41
CA MET B 262 -41.94 -0.66 26.91
C MET B 262 -42.33 -1.02 28.33
N GLU B 263 -42.11 -2.27 28.69
CA GLU B 263 -42.26 -2.70 30.07
C GLU B 263 -41.41 -1.85 31.01
N ASN B 264 -42.04 -1.37 32.08
CA ASN B 264 -41.36 -0.64 33.14
C ASN B 264 -40.59 -1.64 33.97
N LEU B 265 -39.28 -1.73 33.73
CA LEU B 265 -38.43 -2.74 34.34
C LEU B 265 -38.12 -2.44 35.80
N VAL B 266 -38.33 -1.21 36.25
CA VAL B 266 -38.03 -0.87 37.64
C VAL B 266 -39.20 -1.22 38.51
N GLU B 267 -40.40 -1.27 37.93
CA GLU B 267 -41.60 -1.77 38.58
C GLU B 267 -41.65 -3.28 38.59
N SER B 268 -41.13 -3.94 37.55
CA SER B 268 -41.10 -5.39 37.54
C SER B 268 -40.05 -5.94 38.49
N LYS B 269 -38.92 -5.26 38.61
CA LYS B 269 -37.95 -5.64 39.63
C LYS B 269 -38.57 -5.52 41.02
N HIS B 270 -39.32 -4.45 41.24
CA HIS B 270 -40.02 -4.26 42.51
C HIS B 270 -41.10 -5.30 42.73
N HIS B 271 -41.90 -5.58 41.71
CA HIS B 271 -42.91 -6.64 41.81
C HIS B 271 -42.28 -7.95 42.21
N LYS B 272 -41.15 -8.30 41.58
CA LYS B 272 -40.47 -9.55 41.85
C LYS B 272 -39.88 -9.62 43.24
N LEU B 273 -39.66 -8.49 43.90
CA LEU B 273 -39.07 -8.49 45.23
C LEU B 273 -40.08 -8.30 46.35
N ALA B 274 -41.19 -7.60 46.08
CA ALA B 274 -42.24 -7.49 47.08
C ALA B 274 -43.22 -8.66 46.95
N ARG B 275 -43.78 -8.86 45.77
CA ARG B 275 -44.71 -9.95 45.53
C ARG B 275 -43.98 -11.19 45.01
N ASP C 71 -0.50 -63.66 65.82
CA ASP C 71 0.40 -63.03 66.77
C ASP C 71 -0.25 -63.05 68.15
N ARG C 72 0.56 -63.06 69.20
CA ARG C 72 0.06 -63.10 70.57
C ARG C 72 0.53 -61.93 71.43
N GLU C 73 1.26 -60.97 70.87
CA GLU C 73 1.64 -59.77 71.61
C GLU C 73 0.45 -58.83 71.68
N ARG C 74 0.07 -58.45 72.90
CA ARG C 74 -1.14 -57.66 73.08
C ARG C 74 -1.02 -56.27 72.49
N PHE C 75 -2.20 -55.68 72.24
CA PHE C 75 -2.30 -54.34 71.68
C PHE C 75 -1.70 -53.29 72.60
N ILE C 76 -1.93 -53.42 73.92
CA ILE C 76 -1.39 -52.47 74.88
C ILE C 76 0.14 -52.52 74.92
N ASP C 77 0.72 -53.72 74.93
CA ASP C 77 2.18 -53.83 74.94
C ASP C 77 2.80 -53.28 73.66
N LYS C 78 2.13 -53.45 72.52
CA LYS C 78 2.66 -52.92 71.27
C LYS C 78 2.67 -51.40 71.28
N LYS C 79 1.66 -50.77 71.90
CA LYS C 79 1.65 -49.31 71.98
C LYS C 79 2.82 -48.79 72.81
N GLU C 80 3.24 -49.57 73.81
CA GLU C 80 4.43 -49.19 74.58
C GLU C 80 5.68 -49.26 73.72
N ARG C 81 5.83 -50.33 72.94
CA ARG C 81 7.00 -50.42 72.06
C ARG C 81 7.03 -49.31 71.02
N LEU C 82 5.86 -48.81 70.62
CA LEU C 82 5.82 -47.69 69.68
C LEU C 82 6.50 -46.46 70.28
N SER C 83 6.22 -46.16 71.54
CA SER C 83 6.87 -45.04 72.20
C SER C 83 8.37 -45.30 72.34
N ARG C 84 8.74 -46.55 72.58
CA ARG C 84 10.15 -46.91 72.70
C ARG C 84 10.89 -46.72 71.37
N LEU C 85 10.32 -47.23 70.28
CA LEU C 85 10.94 -47.07 68.96
C LEU C 85 11.01 -45.60 68.56
N LYS C 86 9.96 -44.84 68.80
CA LYS C 86 9.99 -43.42 68.50
C LYS C 86 11.01 -42.70 69.38
N SER C 87 11.02 -43.02 70.68
CA SER C 87 12.00 -42.42 71.57
C SER C 87 13.41 -42.57 71.03
N LYS C 88 13.70 -43.73 70.47
CA LYS C 88 14.99 -43.97 69.84
C LYS C 88 15.09 -43.29 68.47
N GLN C 89 13.96 -43.16 67.78
CA GLN C 89 13.96 -42.51 66.46
C GLN C 89 14.37 -41.04 66.58
N GLU C 90 13.69 -40.28 67.44
CA GLU C 90 14.13 -38.90 67.66
C GLU C 90 15.53 -38.85 68.26
N GLU C 91 15.92 -39.84 69.06
CA GLU C 91 17.27 -39.88 69.58
C GLU C 91 18.28 -40.04 68.45
N PHE C 92 17.97 -40.89 67.47
CA PHE C 92 18.86 -41.04 66.33
C PHE C 92 18.87 -39.81 65.44
N GLN C 93 17.76 -39.08 65.36
CA GLN C 93 17.75 -37.86 64.56
C GLN C 93 18.69 -36.81 65.15
N LYS C 94 18.64 -36.55 66.46
CA LYS C 94 19.61 -35.62 67.04
C LYS C 94 21.02 -36.12 66.87
N GLU C 95 21.22 -37.43 67.00
CA GLU C 95 22.55 -37.99 66.75
C GLU C 95 22.99 -37.71 65.32
N VAL C 96 22.06 -37.70 64.37
CA VAL C 96 22.39 -37.39 62.99
C VAL C 96 22.85 -35.95 62.86
N LEU C 97 22.09 -35.00 63.41
CA LEU C 97 22.47 -33.59 63.29
C LEU C 97 23.85 -33.29 63.89
N LYS C 98 24.25 -34.02 64.93
CA LYS C 98 25.60 -33.79 65.45
C LYS C 98 26.65 -34.15 64.43
N ALA C 99 26.42 -35.20 63.65
CA ALA C 99 27.31 -35.58 62.57
C ALA C 99 27.06 -34.75 61.31
N MET C 100 25.88 -34.15 61.18
CA MET C 100 25.61 -33.22 60.10
C MET C 100 26.23 -31.86 60.33
N GLU C 101 26.42 -31.44 61.58
CA GLU C 101 27.03 -30.14 61.83
C GLU C 101 28.45 -30.10 61.27
N GLY C 102 29.19 -31.19 61.42
CA GLY C 102 30.52 -31.29 60.82
C GLY C 102 30.50 -31.34 59.31
N LYS C 103 29.58 -32.11 58.73
CA LYS C 103 29.47 -32.17 57.28
C LYS C 103 28.91 -30.89 56.67
N TRP C 104 27.98 -30.23 57.36
CA TRP C 104 27.42 -28.99 56.84
C TRP C 104 28.49 -27.92 56.67
N ILE C 105 29.37 -27.75 57.65
CA ILE C 105 30.47 -26.80 57.51
C ILE C 105 31.33 -27.12 56.31
N THR C 106 31.76 -28.38 56.18
CA THR C 106 32.60 -28.75 55.04
C THR C 106 31.86 -28.64 53.73
N ASP C 107 30.55 -28.83 53.76
CA ASP C 107 29.72 -28.80 52.57
C ASP C 107 29.37 -27.37 52.15
N GLN C 108 29.41 -26.42 53.08
CA GLN C 108 29.37 -25.01 52.68
C GLN C 108 30.58 -24.65 51.85
N LEU C 109 31.76 -25.06 52.31
CA LEU C 109 32.97 -24.85 51.53
C LEU C 109 32.91 -25.57 50.20
N ARG C 110 32.45 -26.82 50.21
CA ARG C 110 32.35 -27.55 48.96
C ARG C 110 31.48 -26.81 47.96
N TRP C 111 30.55 -26.00 48.44
CA TRP C 111 29.75 -25.17 47.56
C TRP C 111 30.46 -23.86 47.21
N LYS C 112 31.17 -23.27 48.19
CA LYS C 112 31.95 -22.07 47.94
C LYS C 112 33.02 -22.30 46.91
N ILE C 113 33.67 -23.46 46.97
CA ILE C 113 34.66 -23.82 45.97
C ILE C 113 34.01 -24.03 44.62
N MET C 114 32.99 -24.88 44.56
CA MET C 114 32.30 -25.14 43.31
C MET C 114 31.69 -23.89 42.71
N SER C 115 31.12 -23.03 43.55
CA SER C 115 30.58 -21.76 43.06
C SER C 115 31.68 -20.90 42.47
N CYS C 116 32.85 -20.82 43.14
CA CYS C 116 33.96 -20.06 42.59
C CYS C 116 34.36 -20.62 41.24
N LYS C 117 34.55 -21.94 41.15
CA LYS C 117 34.88 -22.58 39.90
C LYS C 117 33.96 -22.14 38.77
N MET C 118 32.66 -22.02 39.05
CA MET C 118 31.75 -21.56 38.01
C MET C 118 32.01 -20.10 37.64
N ARG C 119 32.37 -19.27 38.61
CA ARG C 119 32.72 -17.89 38.27
C ARG C 119 34.07 -17.80 37.59
N ILE C 120 35.02 -18.66 37.98
CA ILE C 120 36.30 -18.69 37.27
C ILE C 120 36.08 -19.04 35.81
N GLU C 121 35.26 -20.07 35.56
CA GLU C 121 34.99 -20.47 34.18
C GLU C 121 34.34 -19.35 33.40
N GLN C 122 33.23 -18.83 33.91
CA GLN C 122 32.51 -17.77 33.23
C GLN C 122 33.38 -16.54 33.01
N LEU C 123 34.08 -16.09 34.04
CA LEU C 123 34.91 -14.91 33.88
C LEU C 123 36.02 -15.14 32.88
N LYS C 124 36.59 -16.35 32.86
CA LYS C 124 37.58 -16.67 31.84
C LYS C 124 37.01 -16.48 30.44
N GLN C 125 35.98 -17.26 30.10
CA GLN C 125 35.36 -17.13 28.79
C GLN C 125 34.85 -15.72 28.52
N THR C 126 34.44 -14.98 29.55
CA THR C 126 34.10 -13.57 29.33
C THR C 126 35.29 -12.78 28.82
N ILE C 127 36.47 -12.99 29.40
CA ILE C 127 37.66 -12.36 28.86
C ILE C 127 37.94 -12.87 27.45
N CYS C 128 37.83 -14.18 27.24
CA CYS C 128 38.08 -14.72 25.91
C CYS C 128 37.19 -14.06 24.87
N LYS C 129 35.91 -13.88 25.20
CA LYS C 129 35.00 -13.14 24.34
C LYS C 129 35.32 -11.66 24.32
N GLY C 130 35.76 -11.10 25.46
CA GLY C 130 36.14 -9.70 25.51
C GLY C 130 37.36 -9.40 24.66
N ASN C 131 38.24 -10.37 24.51
CA ASN C 131 39.42 -10.21 23.70
C ASN C 131 39.17 -10.48 22.22
N GLU C 132 38.14 -11.25 21.88
CA GLU C 132 37.86 -11.46 20.46
C GLU C 132 37.31 -10.18 19.84
N GLU C 133 36.49 -9.44 20.60
CA GLU C 133 36.05 -8.12 20.15
C GLU C 133 37.22 -7.17 20.01
N MET C 134 38.33 -7.42 20.69
CA MET C 134 39.51 -6.59 20.49
C MET C 134 40.05 -6.75 19.08
N GLU C 135 40.37 -7.98 18.70
CA GLU C 135 40.91 -8.21 17.36
C GLU C 135 39.92 -7.82 16.28
N LYS C 136 38.63 -8.06 16.53
CA LYS C 136 37.59 -7.70 15.56
C LYS C 136 37.44 -6.19 15.41
N ASN C 137 37.24 -5.47 16.51
CA ASN C 137 37.02 -4.03 16.42
C ASN C 137 38.30 -3.25 16.18
N SER C 138 39.45 -3.74 16.65
CA SER C 138 40.69 -3.06 16.30
C SER C 138 41.00 -3.24 14.81
N GLU C 139 40.79 -4.44 14.28
CA GLU C 139 40.95 -4.65 12.84
C GLU C 139 39.93 -3.82 12.06
N GLY C 140 38.71 -3.73 12.58
CA GLY C 140 37.72 -2.85 11.96
C GLY C 140 38.17 -1.40 12.01
N LEU C 141 38.79 -1.02 13.13
CA LEU C 141 39.35 0.32 13.26
C LEU C 141 40.42 0.57 12.20
N LEU C 142 41.31 -0.41 12.00
CA LEU C 142 42.34 -0.28 10.97
C LEU C 142 41.73 -0.11 9.59
N LYS C 143 40.97 -1.10 9.14
CA LYS C 143 40.37 -1.03 7.80
C LYS C 143 39.58 0.26 7.59
N THR C 144 38.89 0.73 8.63
CA THR C 144 38.15 1.98 8.50
C THR C 144 39.07 3.18 8.51
N LYS C 145 40.28 3.07 9.04
CA LYS C 145 41.21 4.18 8.92
C LYS C 145 41.88 4.22 7.55
N GLU C 146 42.27 3.07 6.99
CA GLU C 146 42.78 3.11 5.62
C GLU C 146 41.69 3.53 4.65
N LYS C 147 40.48 3.00 4.83
CA LYS C 147 39.36 3.39 3.98
C LYS C 147 39.11 4.89 4.06
N ASN C 148 39.06 5.44 5.27
CA ASN C 148 38.88 6.89 5.41
C ASN C 148 40.04 7.66 4.81
N GLN C 149 41.25 7.10 4.83
CA GLN C 149 42.37 7.76 4.16
C GLN C 149 42.12 7.84 2.67
N LYS C 150 41.58 6.77 2.08
CA LYS C 150 41.19 6.79 0.68
C LYS C 150 40.03 7.73 0.45
N LEU C 151 39.06 7.76 1.37
CA LEU C 151 37.98 8.73 1.28
C LEU C 151 38.50 10.16 1.38
N TYR C 152 39.58 10.40 2.14
CA TYR C 152 40.17 11.73 2.17
C TYR C 152 40.70 12.11 0.80
N SER C 153 41.49 11.23 0.18
CA SER C 153 42.02 11.53 -1.15
C SER C 153 40.90 11.67 -2.16
N ARG C 154 39.87 10.84 -2.02
CA ARG C 154 38.71 10.95 -2.89
C ARG C 154 38.08 12.32 -2.78
N ALA C 155 37.93 12.82 -1.55
CA ALA C 155 37.39 14.16 -1.37
C ALA C 155 38.32 15.22 -1.94
N GLN C 156 39.63 15.01 -1.81
CA GLN C 156 40.60 15.94 -2.41
C GLN C 156 40.46 15.96 -3.92
N ARG C 157 40.51 14.79 -4.55
CA ARG C 157 40.38 14.70 -6.00
C ARG C 157 39.04 15.24 -6.45
N HIS C 158 37.97 14.83 -5.77
CA HIS C 158 36.64 15.29 -6.12
C HIS C 158 36.48 16.79 -5.92
N GLN C 159 37.17 17.37 -4.96
CA GLN C 159 37.16 18.82 -4.84
C GLN C 159 37.82 19.50 -6.04
N GLU C 160 38.92 18.92 -6.54
CA GLU C 160 39.55 19.48 -7.73
C GLU C 160 38.68 19.31 -8.97
N LYS C 161 38.03 18.16 -9.13
CA LYS C 161 37.21 17.96 -10.32
C LYS C 161 36.05 18.94 -10.36
N LYS C 162 35.50 19.27 -9.20
CA LYS C 162 34.44 20.27 -9.14
C LYS C 162 34.97 21.62 -9.62
N GLU C 163 36.15 22.02 -9.12
CA GLU C 163 36.75 23.27 -9.55
C GLU C 163 37.13 23.24 -11.03
N LYS C 164 37.67 22.12 -11.49
CA LYS C 164 38.02 21.95 -12.89
C LYS C 164 36.81 22.05 -13.82
N ILE C 165 35.69 21.41 -13.48
CA ILE C 165 34.54 21.48 -14.37
C ILE C 165 33.92 22.86 -14.34
N GLN C 166 33.97 23.52 -13.19
CA GLN C 166 33.44 24.86 -13.05
C GLN C 166 34.23 25.85 -13.90
N ARG C 167 35.56 25.78 -13.86
CA ARG C 167 36.33 26.66 -14.73
C ARG C 167 36.29 26.21 -16.18
N HIS C 168 36.21 24.91 -16.43
CA HIS C 168 36.08 24.45 -17.81
C HIS C 168 34.79 24.95 -18.43
N ASN C 169 33.70 24.95 -17.66
CA ASN C 169 32.43 25.40 -18.19
C ASN C 169 32.43 26.89 -18.45
N ARG C 170 33.17 27.66 -17.66
CA ARG C 170 33.29 29.09 -17.91
C ARG C 170 33.97 29.36 -19.24
N LYS C 171 35.03 28.61 -19.55
CA LYS C 171 35.67 28.71 -20.85
C LYS C 171 34.71 28.33 -21.96
N LEU C 172 33.93 27.28 -21.76
CA LEU C 172 32.88 26.93 -22.71
C LEU C 172 31.86 28.04 -22.88
N GLY C 173 31.41 28.63 -21.78
CA GLY C 173 30.48 29.74 -21.90
C GLY C 173 31.07 30.95 -22.60
N ASP C 174 32.31 31.30 -22.25
CA ASP C 174 32.99 32.40 -22.93
C ASP C 174 33.18 32.13 -24.40
N LEU C 175 33.67 30.94 -24.73
CA LEU C 175 33.85 30.54 -26.11
C LEU C 175 32.53 30.56 -26.87
N VAL C 176 31.49 29.98 -26.28
CA VAL C 176 30.19 29.96 -26.94
C VAL C 176 29.66 31.36 -27.13
N GLU C 177 29.79 32.22 -26.12
CA GLU C 177 29.34 33.60 -26.27
C GLU C 177 30.17 34.33 -27.32
N LYS C 178 31.49 34.18 -27.24
CA LYS C 178 32.36 34.80 -28.22
C LYS C 178 32.06 34.35 -29.64
N LYS C 179 31.77 33.07 -29.83
CA LYS C 179 31.41 32.61 -31.16
C LYS C 179 30.00 32.96 -31.57
N THR C 180 29.13 33.31 -30.62
CA THR C 180 27.78 33.74 -31.00
C THR C 180 27.81 35.15 -31.55
N ILE C 181 28.71 35.98 -31.01
CA ILE C 181 28.95 37.31 -31.54
C ILE C 181 29.50 37.20 -32.95
N ASP C 182 30.53 36.37 -33.13
CA ASP C 182 31.07 36.09 -34.45
C ASP C 182 30.03 35.49 -35.38
N LEU C 183 29.21 34.57 -34.89
CA LEU C 183 28.08 34.06 -35.68
C LEU C 183 27.11 35.16 -36.08
N ARG C 184 26.81 36.10 -35.17
CA ARG C 184 25.96 37.22 -35.54
C ARG C 184 26.62 38.09 -36.59
N SER C 185 27.94 38.20 -36.54
CA SER C 185 28.65 38.97 -37.55
C SER C 185 28.60 38.27 -38.90
N HIS C 186 28.76 36.94 -38.92
CA HIS C 186 28.54 36.18 -40.15
C HIS C 186 27.13 36.35 -40.70
N TYR C 187 26.12 36.24 -39.86
CA TYR C 187 24.75 36.41 -40.33
C TYR C 187 24.46 37.80 -40.88
N GLU C 188 25.02 38.86 -40.30
CA GLU C 188 24.76 40.19 -40.87
C GLU C 188 25.51 40.39 -42.18
N ARG C 189 26.72 39.88 -42.31
CA ARG C 189 27.40 39.95 -43.60
C ARG C 189 26.66 39.15 -44.65
N LEU C 190 26.15 38.00 -44.26
CA LEU C 190 25.36 37.19 -45.18
C LEU C 190 24.06 37.88 -45.52
N ALA C 191 23.46 38.57 -44.56
CA ALA C 191 22.23 39.29 -44.83
C ALA C 191 22.48 40.51 -45.70
N ASN C 192 23.63 41.18 -45.51
CA ASN C 192 24.00 42.29 -46.38
C ASN C 192 24.37 41.84 -47.77
N LEU C 193 24.98 40.66 -47.89
CA LEU C 193 25.34 40.15 -49.20
C LEU C 193 24.12 39.65 -49.94
N ARG C 194 23.24 38.93 -49.24
CA ARG C 194 21.99 38.50 -49.86
C ARG C 194 21.18 39.67 -50.34
N ARG C 195 21.07 40.70 -49.50
CA ARG C 195 20.36 41.91 -49.87
C ARG C 195 21.02 42.61 -51.04
N SER C 196 22.36 42.67 -51.03
CA SER C 196 23.11 43.22 -52.14
C SER C 196 22.87 42.46 -53.44
N HIS C 197 22.78 41.14 -53.37
CA HIS C 197 22.45 40.35 -54.55
C HIS C 197 21.02 40.56 -55.01
N ILE C 198 20.07 40.58 -54.09
CA ILE C 198 18.68 40.77 -54.45
C ILE C 198 18.47 42.15 -55.05
N LEU C 199 19.15 43.17 -54.52
CA LEU C 199 19.02 44.50 -55.10
C LEU C 199 19.58 44.56 -56.51
N GLU C 200 20.72 43.92 -56.73
CA GLU C 200 21.28 43.86 -58.08
C GLU C 200 20.41 43.04 -59.01
N LEU C 201 19.83 41.95 -58.51
CA LEU C 201 18.92 41.12 -59.29
C LEU C 201 17.70 41.90 -59.73
N THR C 202 17.06 42.59 -58.81
CA THR C 202 15.86 43.37 -59.06
C THR C 202 16.16 44.79 -59.52
N SER C 203 17.34 45.04 -60.05
CA SER C 203 17.59 46.35 -60.64
C SER C 203 18.12 46.18 -62.05
N VAL C 204 18.89 45.13 -62.30
CA VAL C 204 19.40 44.86 -63.63
C VAL C 204 18.54 43.85 -64.40
N ILE C 205 18.18 42.74 -63.77
CA ILE C 205 17.45 41.66 -64.44
C ILE C 205 15.94 41.73 -64.20
N PHE C 206 15.49 41.78 -62.96
CA PHE C 206 14.05 41.68 -62.65
C PHE C 206 13.54 42.91 -61.90
N PRO C 207 13.63 44.10 -62.48
CA PRO C 207 13.07 45.28 -61.82
C PRO C 207 11.56 45.20 -61.71
N ILE C 208 11.05 45.21 -60.48
CA ILE C 208 9.62 45.22 -60.23
C ILE C 208 9.21 46.64 -59.87
N GLU C 209 8.30 47.20 -60.65
CA GLU C 209 7.91 48.59 -60.54
C GLU C 209 6.40 48.70 -60.71
N GLU C 210 5.83 49.73 -60.10
CA GLU C 210 4.42 50.02 -60.31
C GLU C 210 4.22 50.75 -61.62
N VAL C 211 3.12 50.44 -62.28
CA VAL C 211 2.81 51.02 -63.58
C VAL C 211 1.74 52.09 -63.46
N ASP C 258 -7.77 50.86 -59.94
CA ASP C 258 -6.96 49.65 -59.87
C ASP C 258 -5.78 49.77 -60.81
N THR C 259 -4.57 49.68 -60.27
CA THR C 259 -3.35 49.82 -61.04
C THR C 259 -2.79 48.46 -61.45
N SER C 260 -1.64 48.49 -62.10
CA SER C 260 -0.90 47.31 -62.50
C SER C 260 0.54 47.41 -62.04
N ILE C 261 1.20 46.27 -62.01
CA ILE C 261 2.54 46.11 -61.50
C ILE C 261 3.36 45.44 -62.60
N SER C 262 4.61 45.86 -62.77
CA SER C 262 5.48 45.32 -63.81
C SER C 262 6.68 44.56 -63.26
N ILE C 263 7.20 43.66 -64.09
CA ILE C 263 8.45 42.95 -63.83
C ILE C 263 9.22 42.91 -65.14
N THR C 264 10.55 43.11 -65.05
CA THR C 264 11.49 43.16 -66.17
C THR C 264 11.13 44.23 -67.19
N GLY C 265 10.31 45.18 -66.78
CA GLY C 265 9.97 46.31 -67.62
C GLY C 265 8.49 46.39 -67.81
N PRO C 266 8.01 47.59 -68.14
CA PRO C 266 6.57 47.85 -68.11
C PRO C 266 5.78 47.12 -69.18
N TRP C 267 6.44 46.49 -70.16
CA TRP C 267 5.68 45.75 -71.15
C TRP C 267 5.06 44.53 -70.52
N ILE C 268 5.61 44.11 -69.39
CA ILE C 268 5.17 42.93 -68.68
C ILE C 268 4.56 43.39 -67.38
N SER C 269 3.29 43.08 -67.19
CA SER C 269 2.50 43.61 -66.09
C SER C 269 1.50 42.57 -65.63
N LEU C 270 1.18 42.61 -64.35
CA LEU C 270 0.02 41.90 -63.83
C LEU C 270 -0.88 42.90 -63.12
N PRO C 271 -2.17 42.60 -63.05
CA PRO C 271 -3.05 43.43 -62.23
C PRO C 271 -2.76 43.26 -60.74
N ASN C 272 -3.03 44.33 -60.00
CA ASN C 272 -2.85 44.28 -58.55
C ASN C 272 -3.93 43.48 -57.85
N ASN C 273 -5.13 43.44 -58.42
CA ASN C 273 -6.22 42.69 -57.82
C ASN C 273 -5.96 41.20 -57.78
N GLY C 274 -5.01 40.71 -58.58
CA GLY C 274 -4.78 39.30 -58.68
C GLY C 274 -5.68 38.59 -59.66
N ASP C 275 -6.58 39.29 -60.33
CA ASP C 275 -7.53 38.66 -61.22
C ASP C 275 -6.81 38.46 -62.55
N TYR C 276 -6.32 37.25 -62.78
CA TYR C 276 -5.76 36.85 -64.05
C TYR C 276 -6.78 36.23 -64.97
N SER C 277 -8.07 36.49 -64.71
CA SER C 277 -9.21 35.87 -65.40
C SER C 277 -9.12 35.97 -66.90
N ALA C 278 -8.49 37.02 -67.43
CA ALA C 278 -8.41 37.21 -68.87
C ALA C 278 -7.69 36.06 -69.55
N TYR C 279 -6.60 35.58 -68.97
CA TYR C 279 -5.86 34.49 -69.61
C TYR C 279 -6.70 33.21 -69.69
N TYR C 280 -7.34 32.81 -68.59
CA TYR C 280 -8.14 31.58 -68.64
C TYR C 280 -9.14 31.67 -69.78
N SER C 281 -9.73 32.84 -69.97
CA SER C 281 -10.77 33.07 -70.95
C SER C 281 -10.22 33.10 -72.37
N ASN C 298 -0.98 41.14 -76.20
CA ASN C 298 -2.03 40.19 -75.89
C ASN C 298 -1.97 39.92 -74.39
N PRO C 299 -3.10 40.11 -73.69
CA PRO C 299 -3.14 39.88 -72.23
C PRO C 299 -2.61 38.55 -71.76
N ALA C 300 -2.76 37.49 -72.54
CA ALA C 300 -2.20 36.21 -72.15
C ALA C 300 -0.68 36.24 -72.14
N TYR C 301 -0.08 36.82 -73.17
CA TYR C 301 1.38 36.86 -73.24
C TYR C 301 1.96 37.66 -72.09
N THR C 302 1.36 38.80 -71.78
CA THR C 302 1.81 39.60 -70.64
C THR C 302 1.70 38.80 -69.35
N ILE C 303 0.61 38.06 -69.19
CA ILE C 303 0.41 37.24 -68.00
C ILE C 303 1.44 36.14 -67.94
N SER C 304 1.64 35.44 -69.05
CA SER C 304 2.58 34.33 -69.05
C SER C 304 3.98 34.81 -68.73
N ALA C 305 4.40 35.91 -69.37
CA ALA C 305 5.71 36.49 -69.15
C ALA C 305 5.89 36.99 -67.72
N ALA C 306 4.91 37.71 -67.20
CA ALA C 306 4.99 38.16 -65.81
C ALA C 306 5.08 37.01 -64.83
N LEU C 307 4.26 35.98 -65.01
CA LEU C 307 4.35 34.82 -64.13
C LEU C 307 5.64 34.04 -64.35
N CYS C 308 6.16 34.03 -65.57
CA CYS C 308 7.42 33.37 -65.85
C CYS C 308 8.58 34.02 -65.11
N TYR C 309 8.75 35.33 -65.26
CA TYR C 309 9.84 36.04 -64.59
C TYR C 309 9.65 36.10 -63.09
N ALA C 310 8.40 36.21 -62.63
CA ALA C 310 8.13 36.15 -61.21
C ALA C 310 8.53 34.82 -60.61
N THR C 311 8.17 33.73 -61.27
CA THR C 311 8.58 32.40 -60.85
C THR C 311 10.09 32.21 -60.91
N GLN C 312 10.70 32.64 -62.01
CA GLN C 312 12.14 32.60 -62.14
C GLN C 312 12.82 33.40 -61.03
N LEU C 313 12.34 34.62 -60.80
CA LEU C 313 12.85 35.45 -59.72
C LEU C 313 12.68 34.80 -58.35
N VAL C 314 11.48 34.28 -58.07
CA VAL C 314 11.22 33.59 -56.82
C VAL C 314 12.16 32.43 -56.62
N ASN C 315 12.42 31.68 -57.69
CA ASN C 315 13.37 30.58 -57.63
C ASN C 315 14.80 31.04 -57.42
N ILE C 316 15.15 32.22 -57.90
CA ILE C 316 16.46 32.77 -57.62
C ILE C 316 16.51 33.35 -56.22
N LEU C 317 15.42 33.98 -55.76
CA LEU C 317 15.38 34.50 -54.40
C LEU C 317 15.50 33.37 -53.40
N SER C 318 14.82 32.27 -53.66
CA SER C 318 14.92 31.08 -52.83
C SER C 318 16.36 30.61 -52.67
N HIS C 319 17.15 30.67 -53.75
CA HIS C 319 18.54 30.25 -53.69
C HIS C 319 19.44 31.29 -53.03
N ILE C 320 19.21 32.58 -53.28
CA ILE C 320 19.96 33.62 -52.58
C ILE C 320 19.68 33.58 -51.09
N LEU C 321 18.41 33.46 -50.73
CA LEU C 321 18.00 33.42 -49.34
C LEU C 321 18.09 32.05 -48.69
N ASP C 322 18.35 30.99 -49.45
CA ASP C 322 18.40 29.65 -48.89
C ASP C 322 17.09 29.27 -48.21
N VAL C 323 15.98 29.64 -48.80
CA VAL C 323 14.66 29.37 -48.27
C VAL C 323 14.02 28.28 -49.09
N ASN C 324 13.73 27.15 -48.45
CA ASN C 324 13.02 26.07 -49.10
C ASN C 324 11.59 26.51 -49.43
N LEU C 325 11.27 26.56 -50.70
CA LEU C 325 9.95 27.00 -51.12
C LEU C 325 8.92 25.91 -50.84
N PRO C 326 7.80 26.24 -50.20
CA PRO C 326 6.84 25.19 -49.84
C PRO C 326 6.24 24.48 -51.03
N LYS C 327 5.93 25.19 -52.09
CA LYS C 327 5.28 24.63 -53.27
C LYS C 327 6.27 24.56 -54.41
N LYS C 328 6.45 23.37 -54.96
CA LYS C 328 7.35 23.17 -56.08
C LYS C 328 6.74 23.76 -57.34
N LEU C 329 7.34 24.83 -57.84
CA LEU C 329 6.91 25.49 -59.07
C LEU C 329 8.15 25.80 -59.89
N CYS C 330 8.11 25.45 -61.15
CA CYS C 330 9.24 25.67 -62.04
C CYS C 330 8.92 26.77 -63.03
N ASN C 331 9.96 27.50 -63.41
CA ASN C 331 9.87 28.55 -64.41
C ASN C 331 9.15 28.06 -65.66
N SER C 332 9.52 26.87 -66.13
CA SER C 332 8.97 26.30 -67.35
C SER C 332 7.48 26.04 -67.28
N GLU C 333 6.92 25.91 -66.07
CA GLU C 333 5.49 25.70 -65.95
C GLU C 333 4.69 26.84 -66.57
N PHE C 334 5.30 28.01 -66.72
CA PHE C 334 4.64 29.14 -67.38
C PHE C 334 5.16 29.35 -68.79
N CYS C 335 5.78 28.32 -69.36
CA CYS C 335 6.19 28.22 -70.75
C CYS C 335 5.43 27.03 -71.34
N GLY C 336 5.60 26.78 -72.62
CA GLY C 336 4.84 25.71 -73.23
C GLY C 336 3.40 26.15 -73.46
N GLU C 337 2.61 25.23 -73.99
CA GLU C 337 1.26 25.55 -74.41
C GLU C 337 0.44 26.12 -73.25
N ASN C 338 -0.46 27.03 -73.58
CA ASN C 338 -1.31 27.69 -72.60
C ASN C 338 -1.95 26.71 -71.64
N LEU C 339 -1.58 26.85 -70.37
CA LEU C 339 -2.15 26.01 -69.31
C LEU C 339 -3.66 26.09 -69.31
N SER C 340 -4.30 24.96 -69.04
CA SER C 340 -5.75 24.96 -68.89
C SER C 340 -6.13 25.82 -67.70
N LYS C 341 -7.40 26.19 -67.62
CA LYS C 341 -7.86 26.95 -66.47
C LYS C 341 -7.50 26.24 -65.17
N GLN C 342 -7.73 24.93 -65.11
CA GLN C 342 -7.46 24.18 -63.88
C GLN C 342 -5.98 24.15 -63.59
N LYS C 343 -5.16 23.93 -64.62
CA LYS C 343 -3.74 23.70 -64.44
C LYS C 343 -3.04 25.01 -64.13
N PHE C 344 -3.48 26.08 -64.79
CA PHE C 344 -2.96 27.41 -64.56
C PHE C 344 -3.24 27.88 -63.14
N THR C 345 -4.50 27.76 -62.71
CA THR C 345 -4.90 28.24 -61.39
C THR C 345 -4.08 27.62 -60.27
N ARG C 346 -3.85 26.32 -60.32
CA ARG C 346 -3.00 25.70 -59.31
C ARG C 346 -1.57 26.21 -59.43
N ALA C 347 -1.08 26.42 -60.65
CA ALA C 347 0.25 26.96 -60.84
C ALA C 347 0.38 28.35 -60.25
N VAL C 348 -0.64 29.19 -60.44
CA VAL C 348 -0.60 30.53 -59.86
C VAL C 348 -0.63 30.46 -58.33
N LYS C 349 -1.49 29.61 -57.76
CA LYS C 349 -1.54 29.44 -56.31
C LYS C 349 -0.20 29.02 -55.71
N LYS C 350 0.51 28.11 -56.38
CA LYS C 350 1.86 27.75 -55.97
C LYS C 350 2.78 28.96 -55.93
N LEU C 351 2.76 29.77 -56.98
CA LEU C 351 3.59 30.96 -57.02
C LEU C 351 3.24 31.90 -55.88
N ASN C 352 1.97 32.24 -55.78
CA ASN C 352 1.49 33.10 -54.70
C ASN C 352 1.86 32.54 -53.33
N ALA C 353 1.77 31.24 -53.14
CA ALA C 353 2.18 30.65 -51.87
C ALA C 353 3.69 30.72 -51.66
N ASN C 354 4.49 30.48 -52.70
CA ASN C 354 5.93 30.66 -52.56
C ASN C 354 6.31 32.10 -52.21
N ILE C 355 5.73 33.07 -52.91
CA ILE C 355 6.02 34.47 -52.65
C ILE C 355 5.61 34.84 -51.24
N LEU C 356 4.43 34.43 -50.84
CA LEU C 356 3.98 34.73 -49.48
C LEU C 356 4.90 34.07 -48.45
N TYR C 357 5.27 32.82 -48.69
CA TYR C 357 6.25 32.14 -47.84
C TYR C 357 7.56 32.89 -47.76
N LEU C 358 8.11 33.33 -48.90
CA LEU C 358 9.33 34.12 -48.88
C LEU C 358 9.14 35.41 -48.09
N CYS C 359 8.02 36.09 -48.27
CA CYS C 359 7.74 37.28 -47.49
C CYS C 359 7.71 36.97 -45.99
N PHE C 360 7.04 35.88 -45.60
CA PHE C 360 7.03 35.50 -44.20
C PHE C 360 8.44 35.21 -43.70
N SER C 361 9.17 34.38 -44.42
CA SER C 361 10.55 34.06 -44.07
C SER C 361 11.39 35.30 -43.85
N GLN C 362 11.18 36.34 -44.64
CA GLN C 362 11.98 37.56 -44.56
C GLN C 362 11.34 38.63 -43.70
N HIS C 363 10.26 38.28 -42.99
CA HIS C 363 9.58 39.18 -42.09
C HIS C 363 9.10 40.45 -42.76
N VAL C 364 8.54 40.31 -43.95
CA VAL C 364 7.89 41.43 -44.60
C VAL C 364 6.65 41.75 -43.78
N ASN C 365 6.36 43.04 -43.63
CA ASN C 365 5.19 43.42 -42.85
C ASN C 365 3.94 42.77 -43.41
N LEU C 366 3.31 41.92 -42.60
CA LEU C 366 2.08 41.25 -42.98
C LEU C 366 0.97 42.22 -43.32
N ASP C 367 0.98 43.42 -42.72
CA ASP C 367 -0.07 44.38 -42.99
C ASP C 367 -0.12 44.75 -44.46
N GLN C 368 1.00 44.61 -45.15
CA GLN C 368 1.14 44.97 -46.56
C GLN C 368 0.87 43.82 -47.51
N LEU C 369 0.95 42.58 -47.05
CA LEU C 369 0.78 41.42 -47.90
C LEU C 369 -0.67 40.97 -48.01
N GLN C 370 -1.00 40.42 -49.17
CA GLN C 370 -2.29 39.81 -49.45
C GLN C 370 -2.01 38.55 -50.28
N PRO C 371 -2.80 37.50 -50.10
CA PRO C 371 -2.45 36.22 -50.75
C PRO C 371 -2.57 36.24 -52.26
N LEU C 372 -3.26 37.22 -52.82
CA LEU C 372 -3.53 37.24 -54.24
C LEU C 372 -2.57 38.11 -55.04
N HIS C 373 -1.96 39.11 -54.42
CA HIS C 373 -1.16 40.05 -55.18
C HIS C 373 0.24 39.48 -55.31
N THR C 374 0.59 39.12 -56.53
CA THR C 374 1.81 38.39 -56.81
C THR C 374 3.01 39.31 -56.77
N LEU C 375 3.05 40.28 -57.68
CA LEU C 375 4.22 41.11 -57.80
C LEU C 375 4.26 42.17 -56.73
N ARG C 376 3.10 42.57 -56.23
CA ARG C 376 3.03 43.51 -55.12
C ARG C 376 3.76 42.98 -53.90
N ASN C 377 3.67 41.66 -53.65
CA ASN C 377 4.38 41.07 -52.52
C ASN C 377 5.86 40.95 -52.79
N LEU C 378 6.25 40.52 -54.00
CA LEU C 378 7.66 40.52 -54.35
C LEU C 378 8.27 41.90 -54.28
N MET C 379 7.51 42.94 -54.59
CA MET C 379 8.00 44.29 -54.44
C MET C 379 8.29 44.62 -53.00
N TYR C 380 7.39 44.23 -52.10
CA TYR C 380 7.59 44.44 -50.68
C TYR C 380 8.74 43.61 -50.16
N LEU C 381 8.91 42.41 -50.72
CA LEU C 381 10.00 41.51 -50.36
C LEU C 381 11.34 42.01 -50.85
N VAL C 382 11.35 42.73 -51.95
CA VAL C 382 12.58 43.17 -52.60
C VAL C 382 13.02 44.57 -52.21
N SER C 383 12.12 45.47 -51.89
CA SER C 383 12.52 46.85 -51.71
C SER C 383 13.46 46.99 -50.53
N PRO C 384 14.33 48.00 -50.56
CA PRO C 384 15.15 48.31 -49.38
C PRO C 384 14.34 48.59 -48.12
N SER C 385 13.05 48.92 -48.23
CA SER C 385 12.24 49.03 -47.02
C SER C 385 12.20 47.72 -46.24
N SER C 386 12.45 46.61 -46.91
CA SER C 386 12.44 45.30 -46.27
C SER C 386 13.73 45.21 -45.47
N GLU C 387 13.68 45.69 -44.22
CA GLU C 387 14.90 45.77 -43.42
C GLU C 387 15.46 44.39 -43.11
N HIS C 388 14.59 43.40 -42.98
CA HIS C 388 14.99 42.06 -42.60
C HIS C 388 15.33 41.17 -43.77
N LEU C 389 15.26 41.67 -44.99
CA LEU C 389 15.58 40.86 -46.15
C LEU C 389 16.99 40.31 -46.02
N GLY C 390 17.13 39.01 -46.19
CA GLY C 390 18.38 38.33 -46.07
C GLY C 390 18.62 37.70 -44.72
N ARG C 391 17.83 38.03 -43.72
CA ARG C 391 18.05 37.50 -42.39
C ARG C 391 17.58 36.06 -42.30
N SER C 392 18.41 35.22 -41.73
CA SER C 392 18.13 33.81 -41.54
C SER C 392 17.74 33.60 -40.07
N GLY C 393 16.46 33.44 -39.82
CA GLY C 393 15.98 33.28 -38.47
C GLY C 393 14.59 32.69 -38.49
N PRO C 394 14.02 32.43 -37.32
CA PRO C 394 12.66 31.89 -37.27
C PRO C 394 11.64 32.85 -37.83
N PHE C 395 10.52 32.29 -38.24
CA PHE C 395 9.40 33.10 -38.69
C PHE C 395 8.13 32.29 -38.44
N GLU C 396 7.25 32.86 -37.65
CA GLU C 396 6.02 32.21 -37.23
C GLU C 396 4.93 32.20 -38.28
N VAL C 397 5.15 32.74 -39.47
CA VAL C 397 4.10 32.79 -40.49
C VAL C 397 2.84 33.49 -39.97
N ASP D 146 -3.53 -54.59 63.45
CA ASP D 146 -2.66 -54.72 62.27
C ASP D 146 -2.08 -53.36 61.91
N GLN D 147 -2.89 -52.31 62.09
CA GLN D 147 -2.42 -50.96 61.82
C GLN D 147 -1.22 -50.61 62.70
N LEU D 148 -1.32 -50.95 63.99
CA LEU D 148 -0.21 -50.74 64.92
C LEU D 148 0.95 -51.68 64.62
N ASP D 149 0.65 -52.89 64.17
CA ASP D 149 1.71 -53.85 63.85
C ASP D 149 2.60 -53.31 62.73
N THR D 150 1.99 -52.77 61.69
CA THR D 150 2.76 -52.22 60.58
C THR D 150 3.48 -50.93 60.98
N GLN D 151 2.82 -50.09 61.78
CA GLN D 151 3.44 -48.85 62.23
C GLN D 151 4.72 -49.13 63.02
N LEU D 152 4.72 -50.15 63.86
CA LEU D 152 5.92 -50.53 64.57
C LEU D 152 7.04 -50.89 63.61
N ASN D 153 6.70 -51.56 62.50
CA ASN D 153 7.70 -51.88 61.50
C ASN D 153 8.25 -50.63 60.81
N VAL D 154 7.37 -49.71 60.44
CA VAL D 154 7.82 -48.47 59.81
C VAL D 154 8.74 -47.70 60.75
N THR D 155 8.35 -47.57 62.02
CA THR D 155 9.17 -46.83 62.97
C THR D 155 10.50 -47.54 63.20
N GLU D 156 10.48 -48.86 63.28
CA GLU D 156 11.74 -49.60 63.45
C GLU D 156 12.62 -49.46 62.22
N ASN D 157 12.02 -49.49 61.02
CA ASN D 157 12.80 -49.29 59.81
C ASN D 157 13.41 -47.90 59.78
N GLU D 158 12.69 -46.90 60.26
CA GLU D 158 13.25 -45.55 60.30
C GLU D 158 14.48 -45.49 61.18
N CYS D 159 14.42 -46.17 62.34
CA CYS D 159 15.55 -46.19 63.27
C CYS D 159 16.74 -46.91 62.65
N GLN D 160 16.47 -47.99 61.91
CA GLN D 160 17.54 -48.68 61.21
C GLN D 160 18.19 -47.76 60.19
N ASN D 161 17.37 -46.98 59.47
CA ASN D 161 17.90 -46.06 58.47
C ASN D 161 18.80 -45.02 59.12
N TYR D 162 18.31 -44.33 60.14
CA TYR D 162 19.11 -43.29 60.79
C TYR D 162 20.40 -43.86 61.35
N LYS D 163 20.30 -45.02 62.01
CA LYS D 163 21.48 -45.70 62.53
C LYS D 163 22.49 -46.01 61.43
N ARG D 164 22.02 -46.48 60.28
CA ARG D 164 22.94 -46.75 59.17
C ARG D 164 23.61 -45.47 58.71
N CYS D 165 22.85 -44.40 58.55
CA CYS D 165 23.41 -43.13 58.09
C CYS D 165 24.38 -42.60 59.12
N LEU D 166 24.07 -42.76 60.41
CA LEU D 166 25.02 -42.40 61.46
C LEU D 166 26.29 -43.21 61.31
N GLU D 167 26.16 -44.48 60.97
CA GLU D 167 27.33 -45.31 60.72
C GLU D 167 28.13 -44.75 59.56
N ILE D 168 27.46 -44.36 58.48
CA ILE D 168 28.15 -43.82 57.31
C ILE D 168 28.85 -42.51 57.66
N LEU D 169 28.14 -41.60 58.33
CA LEU D 169 28.72 -40.32 58.72
C LEU D 169 29.90 -40.50 59.65
N GLU D 170 29.82 -41.45 60.58
CA GLU D 170 30.97 -41.69 61.46
C GLU D 170 32.06 -42.49 60.79
N GLN D 171 31.70 -43.46 59.92
CA GLN D 171 32.73 -44.27 59.26
C GLN D 171 33.56 -43.44 58.31
N MET D 172 32.94 -42.54 57.56
CA MET D 172 33.71 -41.65 56.71
C MET D 172 34.45 -40.64 57.58
N ASN D 173 35.67 -40.31 57.18
CA ASN D 173 36.46 -39.34 57.91
C ASN D 173 35.94 -37.95 57.56
N GLU D 174 35.74 -37.11 58.58
CA GLU D 174 35.27 -35.76 58.32
C GLU D 174 36.33 -35.03 57.49
N ASP D 175 35.89 -34.44 56.38
CA ASP D 175 36.82 -33.73 55.53
C ASP D 175 37.48 -32.59 56.28
N ASP D 176 38.78 -32.44 56.07
CA ASP D 176 39.52 -31.34 56.66
C ASP D 176 39.05 -30.04 56.04
N SER D 177 38.45 -29.18 56.85
CA SER D 177 38.05 -27.87 56.33
C SER D 177 39.26 -27.12 55.80
N GLU D 178 40.39 -27.24 56.50
CA GLU D 178 41.62 -26.60 56.06
C GLU D 178 42.01 -27.03 54.66
N GLN D 179 41.92 -28.32 54.36
CA GLN D 179 42.33 -28.80 53.04
C GLN D 179 41.44 -28.26 51.92
N LEU D 180 40.13 -28.22 52.16
CA LEU D 180 39.21 -27.59 51.21
C LEU D 180 39.33 -26.08 51.21
N GLN D 181 39.66 -25.49 52.36
CA GLN D 181 39.71 -24.05 52.47
C GLN D 181 40.88 -23.47 51.69
N MET D 182 42.01 -24.17 51.65
CA MET D 182 43.10 -23.70 50.82
C MET D 182 42.71 -23.78 49.35
N GLU D 183 42.02 -24.84 48.96
CA GLU D 183 41.50 -24.94 47.60
C GLU D 183 40.53 -23.80 47.31
N LEU D 184 39.80 -23.33 48.32
CA LEU D 184 38.93 -22.17 48.10
C LEU D 184 39.75 -20.89 48.02
N LYS D 185 40.76 -20.74 48.88
CA LYS D 185 41.56 -19.51 48.89
C LYS D 185 42.38 -19.36 47.62
N GLU D 186 42.97 -20.45 47.13
CA GLU D 186 43.69 -20.41 45.86
C GLU D 186 42.79 -19.98 44.72
N LEU D 187 41.53 -20.40 44.74
CA LEU D 187 40.60 -20.00 43.71
C LEU D 187 40.10 -18.57 43.91
N ALA D 188 40.04 -18.11 45.16
CA ALA D 188 39.69 -16.72 45.41
C ALA D 188 40.77 -15.77 44.89
N LEU D 189 42.04 -16.16 44.99
CA LEU D 189 43.10 -15.34 44.42
C LEU D 189 42.98 -15.29 42.91
N GLU D 190 42.72 -16.45 42.30
CA GLU D 190 42.53 -16.53 40.86
C GLU D 190 41.36 -15.66 40.41
N GLU D 191 40.25 -15.72 41.14
CA GLU D 191 39.10 -14.90 40.76
C GLU D 191 39.43 -13.43 40.80
N GLU D 192 40.10 -12.98 41.85
CA GLU D 192 40.38 -11.55 41.96
C GLU D 192 41.40 -11.11 40.92
N ARG D 193 42.48 -11.86 40.76
CA ARG D 193 43.47 -11.58 39.74
C ARG D 193 42.81 -11.47 38.37
N LEU D 194 41.81 -12.32 38.14
CA LEU D 194 41.09 -12.31 36.88
C LEU D 194 40.17 -11.10 36.79
N ILE D 195 39.40 -10.82 37.83
CA ILE D 195 38.50 -9.67 37.79
C ILE D 195 39.26 -8.41 37.40
N GLN D 196 40.49 -8.25 37.91
CA GLN D 196 41.31 -7.12 37.50
C GLN D 196 41.53 -7.15 35.99
N GLU D 197 41.87 -8.32 35.46
CA GLU D 197 42.07 -8.49 34.02
C GLU D 197 40.80 -8.18 33.24
N LEU D 198 39.66 -8.66 33.71
CA LEU D 198 38.39 -8.31 33.08
C LEU D 198 38.14 -6.82 33.10
N GLU D 199 38.42 -6.17 34.23
CA GLU D 199 38.15 -4.74 34.31
C GLU D 199 39.01 -3.98 33.31
N ASP D 200 40.27 -4.40 33.16
CA ASP D 200 41.13 -3.81 32.16
C ASP D 200 40.58 -4.05 30.76
N VAL D 201 40.21 -5.29 30.47
CA VAL D 201 39.65 -5.67 29.17
C VAL D 201 38.35 -4.96 28.90
N GLU D 202 37.62 -4.57 29.94
CA GLU D 202 36.39 -3.83 29.69
C GLU D 202 36.67 -2.39 29.30
N LYS D 203 37.61 -1.75 29.98
CA LYS D 203 37.90 -0.34 29.70
C LYS D 203 38.49 -0.14 28.32
N ASN D 204 39.55 -0.89 27.98
CA ASN D 204 40.16 -0.73 26.67
C ASN D 204 39.26 -1.22 25.54
N ARG D 205 38.25 -2.02 25.84
CA ARG D 205 37.27 -2.39 24.83
C ARG D 205 36.41 -1.19 24.48
N LYS D 206 35.96 -0.46 25.50
CA LYS D 206 35.20 0.76 25.30
C LYS D 206 36.02 1.81 24.55
N ILE D 207 37.33 1.85 24.78
CA ILE D 207 38.18 2.81 24.10
C ILE D 207 38.25 2.50 22.61
N VAL D 208 38.48 1.24 22.26
CA VAL D 208 38.52 0.86 20.85
C VAL D 208 37.14 0.92 20.22
N ALA D 209 36.11 0.59 20.99
CA ALA D 209 34.75 0.72 20.47
C ALA D 209 34.44 2.16 20.12
N GLU D 210 34.86 3.09 20.98
CA GLU D 210 34.63 4.50 20.71
C GLU D 210 35.49 4.98 19.54
N ASN D 211 36.71 4.46 19.43
CA ASN D 211 37.57 4.80 18.31
C ASN D 211 36.96 4.35 16.99
N LEU D 212 36.45 3.12 16.94
CA LEU D 212 35.74 2.65 15.76
C LEU D 212 34.51 3.48 15.47
N GLU D 213 33.73 3.80 16.50
CA GLU D 213 32.53 4.61 16.30
C GLU D 213 32.86 6.01 15.81
N LYS D 214 33.91 6.61 16.35
CA LYS D 214 34.28 7.97 15.95
C LYS D 214 34.79 7.99 14.52
N VAL D 215 35.60 7.00 14.15
CA VAL D 215 36.16 6.96 12.80
C VAL D 215 35.08 6.60 11.77
N GLN D 216 34.20 5.66 12.11
CA GLN D 216 33.13 5.32 11.17
C GLN D 216 32.15 6.47 11.01
N ALA D 217 31.93 7.27 12.06
CA ALA D 217 31.07 8.43 11.92
C ALA D 217 31.66 9.42 10.92
N GLU D 218 32.99 9.47 10.84
CA GLU D 218 33.65 10.32 9.86
C GLU D 218 33.48 9.79 8.45
N ALA D 219 33.54 8.46 8.28
CA ALA D 219 33.28 7.88 6.96
C ALA D 219 31.89 8.25 6.47
N GLU D 220 30.91 8.23 7.38
CA GLU D 220 29.57 8.68 7.04
C GLU D 220 29.56 10.15 6.67
N ARG D 221 30.41 10.95 7.31
CA ARG D 221 30.45 12.37 7.00
C ARG D 221 30.98 12.58 5.59
N LEU D 222 32.04 11.86 5.22
CA LEU D 222 32.58 11.95 3.87
C LEU D 222 31.67 11.30 2.85
N ASP D 223 30.82 10.36 3.27
CA ASP D 223 29.80 9.83 2.38
C ASP D 223 28.75 10.89 2.09
N GLN D 224 28.35 11.63 3.12
CA GLN D 224 27.42 12.74 2.95
C GLN D 224 28.02 13.85 2.09
N GLU D 225 29.32 14.08 2.22
CA GLU D 225 30.01 15.05 1.37
C GLU D 225 30.03 14.61 -0.07
N GLU D 226 30.36 13.35 -0.33
CA GLU D 226 30.36 12.89 -1.70
C GLU D 226 28.97 12.96 -2.28
N ALA D 227 27.96 12.66 -1.48
CA ALA D 227 26.60 12.71 -1.97
C ALA D 227 26.30 14.08 -2.54
N GLN D 228 26.67 15.13 -1.80
CA GLN D 228 26.50 16.50 -2.25
C GLN D 228 27.39 16.79 -3.45
N TYR D 229 28.62 16.29 -3.43
CA TYR D 229 29.47 16.38 -4.61
C TYR D 229 28.81 15.80 -5.83
N GLN D 230 28.28 14.59 -5.71
CA GLN D 230 27.61 13.99 -6.83
C GLN D 230 26.50 14.88 -7.33
N ARG D 231 25.72 15.45 -6.41
CA ARG D 231 24.64 16.32 -6.81
C ARG D 231 25.15 17.57 -7.52
N GLU D 232 26.17 18.20 -6.96
CA GLU D 232 26.71 19.42 -7.53
C GLU D 232 27.46 19.16 -8.83
N TYR D 233 28.24 18.09 -8.86
CA TYR D 233 29.00 17.76 -10.05
C TYR D 233 28.10 17.33 -11.20
N SER D 234 26.97 16.70 -10.90
CA SER D 234 26.03 16.30 -11.94
C SER D 234 25.40 17.48 -12.63
N GLU D 235 25.10 18.54 -11.88
CA GLU D 235 24.58 19.75 -12.50
C GLU D 235 25.65 20.46 -13.31
N PHE D 236 26.90 20.46 -12.85
CA PHE D 236 27.96 20.97 -13.70
C PHE D 236 28.11 20.16 -14.96
N LYS D 237 27.99 18.84 -14.85
CA LYS D 237 28.06 17.99 -16.03
C LYS D 237 26.93 18.29 -17.00
N ARG D 238 25.70 18.38 -16.49
CA ARG D 238 24.54 18.71 -17.30
C ARG D 238 24.69 20.04 -18.04
N GLN D 239 25.21 21.06 -17.37
CA GLN D 239 25.50 22.35 -17.98
C GLN D 239 26.63 22.28 -19.00
N GLN D 240 27.68 21.52 -18.69
CA GLN D 240 28.75 21.30 -19.65
C GLN D 240 28.29 20.49 -20.86
N LEU D 241 27.41 19.52 -20.66
CA LEU D 241 26.88 18.78 -21.79
C LEU D 241 26.01 19.64 -22.69
N GLU D 242 25.35 20.65 -22.14
CA GLU D 242 24.57 21.53 -22.99
C GLU D 242 25.45 22.55 -23.67
N LEU D 243 26.50 23.00 -23.00
CA LEU D 243 27.48 23.87 -23.62
C LEU D 243 28.26 23.15 -24.70
N ASP D 244 28.54 21.86 -24.53
CA ASP D 244 29.24 21.11 -25.56
C ASP D 244 28.48 21.10 -26.87
N ASP D 245 27.16 20.90 -26.80
CA ASP D 245 26.31 20.90 -27.98
C ASP D 245 26.03 22.30 -28.47
N GLU D 246 26.06 23.29 -27.58
CA GLU D 246 25.90 24.67 -28.01
C GLU D 246 27.14 25.18 -28.71
N LEU D 247 28.32 24.78 -28.24
CA LEU D 247 29.54 25.10 -28.98
C LEU D 247 29.54 24.43 -30.34
N LYS D 248 29.00 23.24 -30.43
CA LYS D 248 28.90 22.59 -31.73
C LYS D 248 27.87 23.28 -32.60
N SER D 249 26.76 23.69 -32.03
CA SER D 249 25.72 24.32 -32.82
C SER D 249 26.18 25.66 -33.34
N VAL D 250 26.95 26.41 -32.56
CA VAL D 250 27.49 27.68 -33.03
C VAL D 250 28.49 27.45 -34.15
N GLU D 251 29.31 26.42 -34.04
CA GLU D 251 30.27 26.10 -35.09
C GLU D 251 29.57 25.61 -36.35
N ASN D 252 28.53 24.81 -36.20
CA ASN D 252 27.74 24.36 -37.33
C ASN D 252 27.05 25.52 -38.03
N GLN D 253 26.43 26.40 -37.26
CA GLN D 253 25.80 27.58 -37.84
C GLN D 253 26.81 28.51 -38.50
N MET D 254 27.94 28.77 -37.85
CA MET D 254 28.95 29.63 -38.43
C MET D 254 29.54 29.03 -39.68
N ARG D 255 29.72 27.72 -39.69
CA ARG D 255 30.23 27.03 -40.87
C ARG D 255 29.25 27.10 -42.03
N TYR D 256 27.97 26.98 -41.73
CA TYR D 256 26.95 27.11 -42.76
C TYR D 256 26.89 28.51 -43.31
N ALA D 257 26.84 29.51 -42.42
CA ALA D 257 26.82 30.90 -42.84
C ALA D 257 28.05 31.27 -43.65
N GLN D 258 29.20 30.70 -43.31
CA GLN D 258 30.37 30.89 -44.16
C GLN D 258 30.28 30.13 -45.48
N THR D 259 29.58 28.99 -45.51
CA THR D 259 29.32 28.33 -46.79
C THR D 259 28.40 29.15 -47.67
N GLN D 260 27.42 29.82 -47.07
CA GLN D 260 26.48 30.64 -47.83
C GLN D 260 27.14 31.89 -48.33
N LEU D 261 27.97 32.52 -47.51
CA LEU D 261 28.77 33.65 -47.98
C LEU D 261 29.66 33.25 -49.15
N ASP D 262 30.27 32.08 -49.11
CA ASP D 262 31.12 31.64 -50.22
C ASP D 262 30.33 31.35 -51.49
N LYS D 263 29.12 30.82 -51.36
CA LYS D 263 28.26 30.59 -52.50
C LYS D 263 27.83 31.89 -53.16
N LEU D 264 27.54 32.90 -52.36
CA LEU D 264 27.12 34.18 -52.92
C LEU D 264 28.27 34.95 -53.52
N LYS D 265 29.48 34.81 -53.01
CA LYS D 265 30.63 35.41 -53.68
C LYS D 265 30.86 34.82 -55.07
N LYS D 266 30.84 33.50 -55.18
CA LYS D 266 31.08 32.88 -56.48
C LYS D 266 29.85 33.00 -57.40
N THR D 267 28.64 32.85 -56.86
CA THR D 267 27.43 32.87 -57.69
C THR D 267 26.91 34.29 -57.81
N ASN D 268 27.45 35.00 -58.79
CA ASN D 268 26.99 36.33 -59.18
C ASN D 268 25.50 36.28 -59.53
N VAL D 269 24.86 37.44 -59.50
CA VAL D 269 23.45 37.59 -59.84
C VAL D 269 23.16 37.13 -61.27
N PHE D 270 24.09 37.35 -62.19
CA PHE D 270 23.85 36.90 -63.56
C PHE D 270 23.91 35.39 -63.68
N ASN D 271 24.91 34.78 -63.04
CA ASN D 271 25.04 33.34 -63.05
C ASN D 271 23.90 32.67 -62.31
N ALA D 272 23.38 33.29 -61.26
CA ALA D 272 22.22 32.75 -60.58
C ALA D 272 21.00 32.69 -61.49
N THR D 273 20.92 33.57 -62.48
CA THR D 273 19.76 33.65 -63.35
C THR D 273 19.90 32.87 -64.65
N PHE D 274 21.03 32.97 -65.33
CA PHE D 274 21.24 32.35 -66.63
C PHE D 274 22.33 31.30 -66.58
N HIS D 275 21.98 30.08 -66.92
CA HIS D 275 22.92 28.97 -66.94
C HIS D 275 23.03 28.51 -68.39
N ILE D 276 24.16 28.78 -69.01
CA ILE D 276 24.42 28.39 -70.38
C ILE D 276 25.38 27.22 -70.34
N TRP D 277 24.94 26.09 -70.90
CA TRP D 277 25.68 24.84 -70.92
C TRP D 277 25.36 24.16 -72.22
N HIS D 278 26.23 23.25 -72.64
CA HIS D 278 25.97 22.47 -73.83
C HIS D 278 25.44 21.10 -73.41
N SER D 279 24.26 20.76 -73.91
CA SER D 279 23.66 19.46 -73.67
C SER D 279 23.50 18.80 -75.04
N GLY D 280 24.14 17.65 -75.21
CA GLY D 280 24.19 17.04 -76.51
C GLY D 280 24.74 18.04 -77.50
N GLN D 281 23.98 18.28 -78.56
CA GLN D 281 24.41 19.13 -79.65
C GLN D 281 23.80 20.51 -79.55
N PHE D 282 23.01 20.75 -78.51
CA PHE D 282 22.31 22.00 -78.31
C PHE D 282 23.09 22.86 -77.34
N GLY D 283 23.02 24.17 -77.56
CA GLY D 283 23.49 25.11 -76.58
C GLY D 283 22.25 25.37 -75.77
N THR D 284 22.27 25.10 -74.48
CA THR D 284 21.07 25.25 -73.66
C THR D 284 21.24 26.42 -72.71
N ILE D 285 20.15 27.14 -72.51
CA ILE D 285 20.08 28.24 -71.56
C ILE D 285 18.92 27.97 -70.62
N ASN D 286 19.22 27.87 -69.33
CA ASN D 286 18.22 27.66 -68.30
C ASN D 286 17.32 26.48 -68.62
N ASN D 287 17.98 25.37 -68.93
CA ASN D 287 17.35 24.11 -69.32
C ASN D 287 16.53 24.19 -70.59
N PHE D 288 16.69 25.23 -71.40
CA PHE D 288 15.96 25.33 -72.65
C PHE D 288 16.94 25.12 -73.79
N ARG D 289 16.59 24.19 -74.66
CA ARG D 289 17.41 23.85 -75.81
C ARG D 289 17.14 24.82 -76.94
N LEU D 290 18.14 25.61 -77.29
CA LEU D 290 18.02 26.57 -78.37
C LEU D 290 18.53 25.90 -79.63
N GLY D 291 17.60 25.54 -80.50
CA GLY D 291 17.88 24.83 -81.73
C GLY D 291 17.07 23.55 -81.81
N ARG D 292 17.09 22.97 -83.00
CA ARG D 292 16.37 21.73 -83.23
C ARG D 292 17.16 20.88 -84.22
N LEU D 293 17.02 19.57 -84.06
CA LEU D 293 17.69 18.54 -84.81
C LEU D 293 16.63 17.63 -85.41
N PRO D 294 16.95 16.91 -86.49
CA PRO D 294 15.96 15.99 -87.05
C PRO D 294 15.73 14.78 -86.16
N SER D 295 16.76 14.29 -85.47
CA SER D 295 16.55 13.22 -84.51
C SER D 295 15.90 13.70 -83.21
N VAL D 296 16.22 14.91 -82.76
CA VAL D 296 15.69 15.44 -81.50
C VAL D 296 14.73 16.59 -81.76
N PRO D 297 13.43 16.33 -81.86
CA PRO D 297 12.48 17.41 -82.15
C PRO D 297 12.20 18.31 -80.95
N VAL D 298 13.02 19.32 -80.73
CA VAL D 298 12.75 20.29 -79.66
C VAL D 298 11.58 21.17 -80.08
N GLU D 299 10.50 21.12 -79.32
CA GLU D 299 9.30 21.84 -79.70
C GLU D 299 9.55 23.34 -79.70
N TRP D 300 8.74 24.05 -80.47
CA TRP D 300 8.90 25.50 -80.59
C TRP D 300 8.71 26.19 -79.26
N ASN D 301 7.87 25.65 -78.38
CA ASN D 301 7.68 26.26 -77.08
C ASN D 301 8.95 26.20 -76.24
N GLU D 302 9.85 25.27 -76.54
CA GLU D 302 11.12 25.24 -75.84
C GLU D 302 12.13 26.19 -76.46
N ILE D 303 12.09 26.36 -77.79
CA ILE D 303 12.96 27.31 -78.47
C ILE D 303 12.53 28.75 -78.17
N ASN D 304 11.22 29.00 -78.16
CA ASN D 304 10.70 30.31 -77.77
C ASN D 304 11.06 30.67 -76.34
N ALA D 305 10.97 29.71 -75.43
CA ALA D 305 11.42 29.99 -74.09
C ALA D 305 12.90 30.27 -74.06
N ALA D 306 13.68 29.50 -74.81
CA ALA D 306 15.12 29.72 -74.86
C ALA D 306 15.46 31.10 -75.40
N TRP D 307 14.75 31.55 -76.42
CA TRP D 307 14.91 32.90 -76.94
C TRP D 307 14.51 33.96 -75.92
N GLY D 308 13.45 33.70 -75.14
CA GLY D 308 13.12 34.58 -74.04
C GLY D 308 14.20 34.66 -72.98
N GLN D 309 14.92 33.58 -72.79
CA GLN D 309 16.02 33.58 -71.83
C GLN D 309 17.25 34.21 -72.42
N THR D 310 17.42 34.10 -73.74
CA THR D 310 18.54 34.73 -74.42
C THR D 310 18.33 36.24 -74.48
N VAL D 311 17.14 36.66 -74.88
CA VAL D 311 16.82 38.08 -74.99
C VAL D 311 16.82 38.71 -73.62
N LEU D 312 16.52 37.94 -72.59
CA LEU D 312 16.67 38.44 -71.25
C LEU D 312 18.13 38.62 -70.88
N LEU D 313 18.97 37.62 -71.21
CA LEU D 313 20.39 37.70 -70.87
C LEU D 313 21.05 38.90 -71.53
N LEU D 314 20.93 39.03 -72.85
CA LEU D 314 21.55 40.14 -73.55
C LEU D 314 21.01 41.47 -73.08
N HIS D 315 19.69 41.58 -72.93
CA HIS D 315 19.10 42.78 -72.37
C HIS D 315 19.66 43.13 -71.00
N ALA D 316 19.69 42.16 -70.08
CA ALA D 316 20.33 42.35 -68.78
C ALA D 316 21.81 42.69 -68.88
N LEU D 317 22.55 42.03 -69.78
CA LEU D 317 23.96 42.37 -69.93
C LEU D 317 24.12 43.81 -70.40
N ALA D 318 23.39 44.18 -71.44
CA ALA D 318 23.48 45.54 -71.93
C ALA D 318 23.16 46.54 -70.83
N ASN D 319 22.19 46.22 -69.98
CA ASN D 319 21.92 47.04 -68.81
C ASN D 319 23.15 47.17 -67.91
N LYS D 320 23.74 46.05 -67.53
CA LYS D 320 24.88 46.11 -66.64
C LYS D 320 26.08 46.80 -67.29
N MET D 321 26.18 46.75 -68.60
CA MET D 321 27.23 47.48 -69.28
C MET D 321 26.85 48.92 -69.60
N GLY D 322 25.57 49.25 -69.52
CA GLY D 322 25.13 50.56 -69.95
C GLY D 322 25.26 50.74 -71.43
N LEU D 323 25.15 49.66 -72.19
CA LEU D 323 25.17 49.70 -73.65
C LEU D 323 23.74 49.79 -74.17
N LYS D 324 23.52 50.68 -75.12
CA LYS D 324 22.27 50.84 -75.82
C LYS D 324 22.52 50.40 -77.26
N PHE D 325 21.73 49.46 -77.72
CA PHE D 325 21.89 48.97 -79.08
C PHE D 325 21.56 50.05 -80.09
N GLN D 326 22.29 50.06 -81.20
CA GLN D 326 22.17 51.11 -82.20
C GLN D 326 20.85 51.08 -82.95
N ARG D 327 20.42 49.91 -83.42
CA ARG D 327 19.25 49.83 -84.26
C ARG D 327 18.06 49.14 -83.62
N TYR D 328 18.24 48.47 -82.49
CA TYR D 328 17.18 47.64 -81.95
C TYR D 328 17.01 47.81 -80.46
N ARG D 329 15.77 47.63 -80.02
CA ARG D 329 15.40 47.58 -78.62
C ARG D 329 15.04 46.15 -78.31
N LEU D 330 15.81 45.49 -77.46
CA LEU D 330 15.44 44.15 -77.06
C LEU D 330 14.30 44.28 -76.08
N VAL D 331 13.20 43.59 -76.35
CA VAL D 331 12.09 43.54 -75.43
C VAL D 331 11.85 42.09 -75.04
N PRO D 332 12.26 41.69 -73.84
CA PRO D 332 11.99 40.33 -73.40
C PRO D 332 10.58 40.10 -72.87
N TYR D 333 9.78 39.43 -73.69
CA TYR D 333 8.53 38.79 -73.31
C TYR D 333 8.80 37.30 -73.20
N GLY D 334 8.59 36.73 -72.03
CA GLY D 334 9.10 35.41 -71.77
C GLY D 334 8.90 34.48 -72.94
N ASN D 335 7.65 34.18 -73.23
CA ASN D 335 7.33 33.23 -74.28
C ASN D 335 7.59 33.85 -75.64
N HIS D 336 7.20 35.11 -75.79
CA HIS D 336 7.15 35.77 -77.09
C HIS D 336 8.02 37.01 -77.11
N SER D 337 9.33 36.82 -76.99
CA SER D 337 10.27 37.92 -76.96
C SER D 337 10.52 38.37 -78.38
N TYR D 338 10.91 39.62 -78.54
CA TYR D 338 11.11 40.10 -79.90
C TYR D 338 12.01 41.32 -79.88
N LEU D 339 12.35 41.80 -81.06
CA LEU D 339 13.12 43.01 -81.23
C LEU D 339 12.23 44.09 -81.81
N GLU D 340 12.39 45.30 -81.31
CA GLU D 340 11.73 46.47 -81.86
C GLU D 340 12.78 47.24 -82.65
N SER D 341 12.45 47.58 -83.89
CA SER D 341 13.35 48.38 -84.71
C SER D 341 13.24 49.84 -84.32
N LEU D 342 14.38 50.49 -84.06
CA LEU D 342 14.36 51.87 -83.59
C LEU D 342 14.14 52.87 -84.70
N THR D 343 14.31 52.49 -85.96
CA THR D 343 14.08 53.41 -87.06
C THR D 343 12.65 53.35 -87.57
N ASP D 344 12.03 52.17 -87.53
CA ASP D 344 10.65 52.00 -87.97
C ASP D 344 9.97 50.99 -87.04
N LYS D 345 9.16 51.48 -86.11
CA LYS D 345 8.47 50.57 -85.20
C LYS D 345 7.45 49.72 -85.93
N SER D 346 7.18 50.04 -87.20
CA SER D 346 6.23 49.29 -88.01
C SER D 346 6.66 47.84 -88.20
N LYS D 347 7.95 47.55 -88.09
CA LYS D 347 8.44 46.18 -88.23
C LYS D 347 8.57 45.56 -86.85
N GLU D 348 7.88 44.44 -86.65
CA GLU D 348 8.08 43.62 -85.46
C GLU D 348 8.96 42.45 -85.89
N LEU D 349 9.99 42.20 -85.11
CA LEU D 349 10.91 41.09 -85.33
C LEU D 349 10.67 40.04 -84.27
N PRO D 350 9.78 39.09 -84.46
CA PRO D 350 9.46 38.15 -83.39
C PRO D 350 10.58 37.15 -83.19
N LEU D 351 11.01 36.98 -81.95
CA LEU D 351 11.99 35.96 -81.64
C LEU D 351 11.28 34.75 -81.06
N TYR D 352 10.31 34.30 -81.84
CA TYR D 352 9.56 33.10 -81.53
C TYR D 352 8.90 32.62 -82.81
N CYS D 353 8.51 31.35 -82.81
CA CYS D 353 7.73 30.76 -83.88
C CYS D 353 6.43 30.12 -83.38
N SER D 354 5.37 30.32 -84.16
CA SER D 354 4.07 29.77 -83.83
C SER D 354 3.97 28.28 -84.10
N GLY D 355 4.98 27.69 -84.74
CA GLY D 355 4.97 26.27 -84.99
C GLY D 355 4.38 25.88 -86.34
N GLY D 356 4.22 24.57 -86.49
CA GLY D 356 3.77 23.99 -87.74
C GLY D 356 4.88 23.99 -88.78
N LEU D 357 4.48 23.97 -90.05
CA LEU D 357 5.46 23.97 -91.12
C LEU D 357 6.00 25.36 -91.41
N ARG D 358 5.56 26.37 -90.66
CA ARG D 358 6.01 27.75 -90.83
C ARG D 358 7.52 27.90 -90.62
N PHE D 359 8.17 26.91 -90.01
CA PHE D 359 9.63 26.90 -89.94
C PHE D 359 10.27 27.05 -91.31
N PHE D 360 9.63 26.56 -92.36
CA PHE D 360 10.13 26.68 -93.73
C PHE D 360 9.44 27.78 -94.52
N TRP D 361 8.57 28.57 -93.90
CA TRP D 361 7.82 29.57 -94.63
C TRP D 361 7.76 30.94 -93.96
N ASP D 362 8.13 31.08 -92.70
CA ASP D 362 8.07 32.36 -92.02
C ASP D 362 9.43 33.04 -92.09
N ASN D 363 9.44 34.27 -92.61
CA ASN D 363 10.66 35.05 -92.80
C ASN D 363 10.91 36.03 -91.68
N LYS D 364 9.86 36.44 -90.96
CA LYS D 364 9.99 37.39 -89.87
C LYS D 364 10.98 36.90 -88.82
N PHE D 365 10.88 35.63 -88.45
CA PHE D 365 11.77 35.08 -87.44
C PHE D 365 13.23 35.08 -87.89
N ASP D 366 13.50 35.12 -89.19
CA ASP D 366 14.88 35.14 -89.65
C ASP D 366 15.48 36.53 -89.52
N HIS D 367 14.71 37.56 -89.85
CA HIS D 367 15.14 38.94 -89.64
C HIS D 367 15.40 39.21 -88.17
N ALA D 368 14.48 38.78 -87.33
CA ALA D 368 14.57 39.00 -85.90
C ALA D 368 15.81 38.39 -85.31
N MET D 369 16.22 37.25 -85.86
CA MET D 369 17.31 36.45 -85.34
C MET D 369 18.66 36.82 -85.93
N VAL D 370 18.68 37.41 -87.11
CA VAL D 370 19.88 38.08 -87.60
C VAL D 370 20.08 39.38 -86.85
N ALA D 371 18.99 40.13 -86.63
CA ALA D 371 19.05 41.37 -85.89
C ALA D 371 19.58 41.14 -84.48
N PHE D 372 19.18 40.05 -83.85
CA PHE D 372 19.71 39.75 -82.53
C PHE D 372 21.20 39.47 -82.62
N LEU D 373 21.63 38.83 -83.70
CA LEU D 373 23.06 38.64 -83.90
C LEU D 373 23.77 39.98 -83.96
N ASP D 374 23.14 40.98 -84.56
CA ASP D 374 23.69 42.33 -84.57
C ASP D 374 23.89 42.83 -83.14
N CYS D 375 22.86 42.65 -82.31
CA CYS D 375 22.96 43.04 -80.91
C CYS D 375 24.09 42.31 -80.19
N VAL D 376 24.31 41.04 -80.53
CA VAL D 376 25.42 40.28 -79.95
C VAL D 376 26.75 40.80 -80.49
N GLN D 377 26.77 41.17 -81.77
CA GLN D 377 27.94 41.83 -82.34
C GLN D 377 28.25 43.15 -81.63
N GLN D 378 27.27 44.05 -81.52
CA GLN D 378 27.49 45.30 -80.80
C GLN D 378 27.93 45.03 -79.38
N PHE D 379 27.41 43.99 -78.77
CA PHE D 379 27.87 43.57 -77.46
C PHE D 379 29.34 43.18 -77.55
N LYS D 380 29.69 42.35 -78.53
CA LYS D 380 31.08 41.95 -78.74
C LYS D 380 32.00 43.14 -78.99
N GLU D 381 31.58 44.06 -79.84
CA GLU D 381 32.36 45.27 -80.08
C GLU D 381 32.54 46.04 -78.79
N GLU D 382 31.46 46.26 -78.06
CA GLU D 382 31.49 47.00 -76.81
C GLU D 382 32.41 46.36 -75.78
N VAL D 383 32.46 45.03 -75.77
CA VAL D 383 33.30 44.33 -74.82
C VAL D 383 34.77 44.38 -75.21
N GLU D 384 35.06 44.26 -76.50
CA GLU D 384 36.42 44.50 -76.99
C GLU D 384 36.86 45.93 -76.75
N LYS D 385 35.97 46.89 -76.99
CA LYS D 385 36.31 48.29 -76.75
C LYS D 385 36.75 48.53 -75.31
N GLY D 386 36.09 47.88 -74.36
CA GLY D 386 36.50 48.05 -72.97
C GLY D 386 37.85 47.41 -72.69
N GLU D 387 38.04 46.18 -73.13
CA GLU D 387 39.28 45.45 -72.89
C GLU D 387 39.72 44.75 -74.16
N THR D 388 40.99 44.94 -74.51
CA THR D 388 41.54 44.28 -75.69
C THR D 388 41.76 42.80 -75.45
N ARG D 389 42.18 42.43 -74.23
CA ARG D 389 42.48 41.05 -73.92
C ARG D 389 41.26 40.15 -74.07
N PHE D 390 40.07 40.72 -73.98
CA PHE D 390 38.83 39.99 -74.15
C PHE D 390 38.59 39.66 -75.62
N CYS D 391 38.13 38.44 -75.88
CA CYS D 391 37.77 38.02 -77.23
C CYS D 391 36.69 36.97 -77.14
N LEU D 392 35.60 37.15 -77.88
CA LEU D 392 34.62 36.08 -77.92
C LEU D 392 35.13 34.96 -78.81
N PRO D 393 34.68 33.72 -78.58
CA PRO D 393 35.17 32.61 -79.39
C PRO D 393 34.73 32.59 -80.83
N TYR D 394 33.70 33.33 -81.22
CA TYR D 394 33.28 33.24 -82.61
C TYR D 394 32.99 34.61 -83.21
N ARG D 395 33.09 34.67 -84.53
CA ARG D 395 32.87 35.86 -85.32
C ARG D 395 31.43 35.87 -85.81
N MET D 396 30.92 37.08 -86.06
CA MET D 396 29.57 37.23 -86.56
C MET D 396 29.54 38.14 -87.77
N ASP D 397 28.80 37.74 -88.79
CA ASP D 397 28.62 38.52 -90.01
C ASP D 397 27.14 38.89 -90.03
N VAL D 398 26.84 40.09 -89.55
CA VAL D 398 25.45 40.52 -89.39
C VAL D 398 24.74 40.58 -90.73
N GLU D 399 25.36 41.21 -91.73
CA GLU D 399 24.72 41.31 -93.04
C GLU D 399 24.42 39.94 -93.63
N LYS D 400 25.28 38.95 -93.40
CA LYS D 400 25.02 37.61 -93.91
C LYS D 400 24.22 36.74 -92.97
N GLY D 401 24.17 37.09 -91.69
CA GLY D 401 23.55 36.25 -90.67
C GLY D 401 24.30 34.97 -90.41
N LYS D 402 25.61 35.05 -90.26
CA LYS D 402 26.46 33.87 -90.09
C LYS D 402 27.24 33.94 -88.78
N ILE D 403 27.39 32.80 -88.13
CA ILE D 403 28.28 32.69 -86.98
C ILE D 403 29.37 31.70 -87.35
N GLU D 404 30.62 32.15 -87.31
CA GLU D 404 31.74 31.30 -87.66
C GLU D 404 32.14 30.40 -86.50
N ASP D 405 32.91 29.38 -86.83
CA ASP D 405 33.50 28.47 -85.87
C ASP D 405 35.02 28.62 -85.95
N THR D 406 35.62 29.23 -84.93
CA THR D 406 37.08 29.31 -84.90
C THR D 406 37.70 27.93 -84.68
N GLY D 407 37.00 27.06 -83.96
CA GLY D 407 37.48 25.70 -83.77
C GLY D 407 37.50 24.91 -85.06
N GLY D 408 36.54 25.17 -85.95
CA GLY D 408 36.50 24.51 -87.24
C GLY D 408 37.33 25.22 -88.28
N SER D 409 37.26 24.70 -89.50
CA SER D 409 38.06 25.24 -90.60
C SER D 409 37.40 26.46 -91.23
N GLY D 410 37.08 27.46 -90.41
CA GLY D 410 36.45 28.65 -90.93
C GLY D 410 35.00 28.46 -91.34
N GLY D 411 34.36 27.38 -90.90
CA GLY D 411 32.97 27.17 -91.24
C GLY D 411 32.07 28.21 -90.61
N SER D 412 30.98 28.51 -91.29
CA SER D 412 29.97 29.44 -90.79
C SER D 412 28.60 28.82 -90.99
N TYR D 413 27.74 28.96 -89.98
CA TYR D 413 26.41 28.37 -89.99
C TYR D 413 25.40 29.51 -89.95
N SER D 414 24.45 29.47 -90.88
CA SER D 414 23.46 30.54 -90.99
C SER D 414 22.55 30.55 -89.77
N ILE D 415 22.44 31.70 -89.09
CA ILE D 415 21.47 31.80 -88.01
C ILE D 415 20.05 31.72 -88.54
N LYS D 416 19.81 32.20 -89.76
CA LYS D 416 18.47 32.11 -90.35
C LYS D 416 18.02 30.66 -90.49
N THR D 417 16.71 30.46 -90.43
CA THR D 417 16.11 29.14 -90.54
C THR D 417 16.01 28.69 -91.99
N GLN D 418 15.31 29.49 -92.80
CA GLN D 418 15.13 29.16 -94.21
C GLN D 418 16.46 29.06 -94.93
N PHE D 419 16.49 28.20 -95.95
CA PHE D 419 17.68 27.96 -96.75
C PHE D 419 18.82 27.45 -95.87
N ASN D 420 18.44 26.67 -94.86
CA ASN D 420 19.37 26.18 -93.86
C ASN D 420 18.88 24.85 -93.34
N SER D 421 19.79 24.10 -92.75
CA SER D 421 19.52 22.78 -92.21
C SER D 421 19.53 22.85 -90.69
N GLU D 422 18.78 21.94 -90.07
CA GLU D 422 18.62 21.96 -88.63
C GLU D 422 19.97 21.86 -87.91
N GLU D 423 20.85 20.98 -88.38
CA GLU D 423 22.15 20.81 -87.72
C GLU D 423 22.97 22.10 -87.75
N GLN D 424 22.99 22.78 -88.89
CA GLN D 424 23.72 24.04 -88.97
C GLN D 424 23.07 25.12 -88.11
N TRP D 425 21.75 25.25 -88.18
CA TRP D 425 21.03 26.22 -87.36
C TRP D 425 21.34 26.02 -85.89
N THR D 426 21.11 24.81 -85.39
CA THR D 426 21.38 24.48 -84.00
C THR D 426 22.82 24.73 -83.62
N LYS D 427 23.74 24.57 -84.55
CA LYS D 427 25.13 24.84 -84.25
C LYS D 427 25.41 26.32 -84.25
N ALA D 428 24.72 27.08 -85.09
CA ALA D 428 24.84 28.53 -85.04
C ALA D 428 24.35 29.06 -83.70
N LEU D 429 23.13 28.70 -83.33
CA LEU D 429 22.60 29.04 -82.02
C LEU D 429 23.50 28.54 -80.90
N LYS D 430 24.26 27.47 -81.12
CA LYS D 430 25.14 26.99 -80.07
C LYS D 430 26.36 27.89 -79.91
N PHE D 431 26.85 28.48 -81.00
CA PHE D 431 28.00 29.37 -80.89
C PHE D 431 27.57 30.70 -80.33
N MET D 432 26.40 31.20 -80.76
CA MET D 432 25.88 32.44 -80.22
C MET D 432 25.77 32.32 -78.71
N LEU D 433 25.14 31.25 -78.23
CA LEU D 433 25.01 31.08 -76.80
C LEU D 433 26.38 31.01 -76.15
N THR D 434 27.35 30.40 -76.84
CA THR D 434 28.70 30.34 -76.29
C THR D 434 29.31 31.73 -76.17
N ASN D 435 29.11 32.58 -77.17
CA ASN D 435 29.54 33.96 -77.05
C ASN D 435 28.85 34.64 -75.88
N LEU D 436 27.53 34.47 -75.77
CA LEU D 436 26.79 35.00 -74.64
C LEU D 436 27.27 34.41 -73.33
N LYS D 437 27.63 33.12 -73.33
CA LYS D 437 28.23 32.53 -72.15
C LYS D 437 29.56 33.18 -71.81
N TRP D 438 30.34 33.53 -72.82
CA TRP D 438 31.60 34.22 -72.56
C TRP D 438 31.38 35.67 -72.19
N GLY D 439 30.46 36.35 -72.88
CA GLY D 439 30.09 37.70 -72.51
C GLY D 439 29.54 37.77 -71.11
N LEU D 440 28.88 36.71 -70.67
CA LEU D 440 28.42 36.60 -69.30
C LEU D 440 29.60 36.43 -68.36
N ALA D 441 30.59 35.64 -68.76
CA ALA D 441 31.81 35.47 -67.98
C ALA D 441 32.62 36.76 -67.92
N TRP D 442 32.55 37.58 -68.97
CA TRP D 442 33.22 38.86 -68.96
C TRP D 442 32.53 39.85 -68.04
N VAL D 443 31.20 39.96 -68.15
CA VAL D 443 30.47 40.86 -67.27
C VAL D 443 30.65 40.46 -65.82
N SER D 444 30.56 39.16 -65.53
CA SER D 444 30.85 38.71 -64.17
C SER D 444 32.27 39.06 -63.76
N SER D 445 33.23 38.97 -64.67
CA SER D 445 34.60 39.31 -64.34
C SER D 445 34.80 40.81 -64.15
N GLN D 446 34.14 41.62 -64.96
CA GLN D 446 34.26 43.07 -64.84
C GLN D 446 33.52 43.66 -63.64
N PHE D 447 32.35 43.11 -63.29
CA PHE D 447 31.56 43.69 -62.24
C PHE D 447 31.45 42.88 -60.94
N TYR D 448 32.05 41.70 -60.84
CA TYR D 448 31.92 40.95 -59.59
C TYR D 448 32.64 41.61 -58.42
N ASN D 449 33.72 42.34 -58.67
CA ASN D 449 34.37 43.09 -57.61
C ASN D 449 33.77 44.46 -57.36
N LYS D 450 32.83 44.89 -58.21
CA LYS D 450 32.30 46.24 -58.14
C LYS D 450 30.82 46.25 -57.76
N ASN E 26 14.00 -29.02 -33.43
CA ASN E 26 14.82 -27.85 -33.17
C ASN E 26 16.29 -28.29 -33.06
N PRO E 27 17.19 -27.56 -33.73
CA PRO E 27 18.60 -27.95 -33.72
C PRO E 27 19.33 -27.66 -32.42
N GLU E 28 18.77 -26.83 -31.54
CA GLU E 28 19.46 -26.55 -30.27
C GLU E 28 19.24 -27.66 -29.26
N TYR E 29 18.01 -28.15 -29.13
CA TYR E 29 17.72 -29.22 -28.20
C TYR E 29 16.50 -30.00 -28.67
N ASP E 30 16.38 -31.22 -28.14
CA ASP E 30 15.24 -32.07 -28.41
C ASP E 30 14.10 -31.83 -27.42
N TYR E 31 14.38 -31.86 -26.12
CA TYR E 31 13.36 -31.57 -25.13
C TYR E 31 13.85 -30.57 -24.09
N LEU E 32 12.91 -29.80 -23.55
CA LEU E 32 13.13 -28.83 -22.48
C LEU E 32 12.30 -29.24 -21.28
N PHE E 33 12.94 -29.78 -20.26
CA PHE E 33 12.25 -30.18 -19.04
C PHE E 33 12.47 -29.16 -17.94
N LYS E 34 11.38 -28.71 -17.33
CA LYS E 34 11.44 -27.82 -16.17
C LYS E 34 11.48 -28.65 -14.90
N LEU E 35 12.61 -28.63 -14.21
CA LEU E 35 12.77 -29.34 -12.95
C LEU E 35 12.62 -28.35 -11.81
N LEU E 36 11.96 -28.78 -10.74
CA LEU E 36 11.81 -27.94 -9.58
C LEU E 36 12.39 -28.62 -8.35
N LEU E 37 13.10 -27.87 -7.53
CA LEU E 37 13.67 -28.36 -6.29
C LEU E 37 12.92 -27.77 -5.12
N ILE E 38 12.27 -28.63 -4.33
CA ILE E 38 11.45 -28.20 -3.21
C ILE E 38 11.92 -28.93 -1.96
N GLY E 39 11.69 -28.33 -0.81
CA GLY E 39 12.16 -28.90 0.43
C GLY E 39 12.30 -27.82 1.48
N ASP E 40 12.62 -28.27 2.68
CA ASP E 40 12.80 -27.35 3.78
C ASP E 40 14.06 -26.51 3.61
N SER E 41 14.09 -25.39 4.30
CA SER E 41 15.26 -24.54 4.27
C SER E 41 16.45 -25.24 4.89
N GLY E 42 17.59 -25.11 4.22
CA GLY E 42 18.85 -25.67 4.67
C GLY E 42 19.09 -27.11 4.31
N VAL E 43 18.28 -27.68 3.41
CA VAL E 43 18.47 -29.07 3.03
C VAL E 43 19.51 -29.21 1.94
N GLY E 44 19.83 -28.13 1.24
CA GLY E 44 20.77 -28.16 0.16
C GLY E 44 20.20 -28.06 -1.24
N LYS E 45 18.98 -27.50 -1.40
CA LYS E 45 18.41 -27.30 -2.73
C LYS E 45 19.25 -26.37 -3.58
N SER E 46 19.76 -25.27 -3.00
CA SER E 46 20.67 -24.39 -3.73
C SER E 46 21.98 -25.07 -4.03
N CYS E 47 22.55 -25.78 -3.05
CA CYS E 47 23.84 -26.40 -3.24
C CYS E 47 23.79 -27.51 -4.28
N LEU E 48 22.70 -28.27 -4.30
CA LEU E 48 22.51 -29.26 -5.36
C LEU E 48 22.41 -28.61 -6.72
N LEU E 49 21.69 -27.50 -6.82
CA LEU E 49 21.62 -26.78 -8.09
C LEU E 49 22.98 -26.29 -8.53
N LEU E 50 23.72 -25.67 -7.63
CA LEU E 50 25.05 -25.19 -7.99
C LEU E 50 26.01 -26.32 -8.30
N ARG E 51 25.93 -27.42 -7.57
CA ARG E 51 26.78 -28.57 -7.86
C ARG E 51 26.47 -29.19 -9.21
N PHE E 52 25.24 -29.06 -9.68
CA PHE E 52 24.88 -29.63 -10.96
C PHE E 52 25.15 -28.68 -12.12
N ALA E 53 24.70 -27.43 -12.01
CA ALA E 53 24.87 -26.47 -13.09
C ALA E 53 26.27 -25.89 -13.14
N ASP E 54 26.88 -25.59 -11.99
CA ASP E 54 28.19 -24.96 -11.97
C ASP E 54 29.30 -25.87 -11.47
N ASP E 55 28.97 -27.00 -10.85
CA ASP E 55 29.96 -27.91 -10.27
C ASP E 55 30.76 -27.23 -9.17
N THR E 56 30.06 -26.53 -8.30
CA THR E 56 30.70 -25.79 -7.24
C THR E 56 29.96 -26.05 -5.94
N TYR E 57 30.66 -25.83 -4.83
CA TYR E 57 30.04 -25.94 -3.53
C TYR E 57 30.56 -24.82 -2.65
N THR E 58 29.72 -24.34 -1.74
CA THR E 58 30.10 -23.33 -0.77
C THR E 58 29.29 -23.52 0.49
N GLU E 59 29.94 -23.28 1.63
CA GLU E 59 29.28 -23.34 2.93
C GLU E 59 28.52 -22.07 3.26
N SER E 60 28.73 -20.98 2.50
CA SER E 60 28.04 -19.73 2.76
C SER E 60 26.56 -19.90 2.44
N TYR E 61 25.75 -19.95 3.48
CA TYR E 61 24.31 -20.06 3.33
C TYR E 61 23.69 -18.69 3.05
N ILE E 62 22.94 -18.59 1.95
CA ILE E 62 22.18 -17.39 1.60
C ILE E 62 20.77 -17.85 1.26
N SER E 63 19.87 -17.85 2.24
CA SER E 63 18.53 -18.39 2.07
C SER E 63 17.93 -17.95 0.75
N THR E 64 17.48 -18.91 -0.04
CA THR E 64 16.81 -18.57 -1.29
C THR E 64 15.50 -17.89 -0.98
N ILE E 65 15.27 -16.74 -1.59
CA ILE E 65 13.98 -16.08 -1.60
C ILE E 65 13.44 -16.18 -3.01
N GLY E 66 12.15 -16.37 -3.11
CA GLY E 66 11.52 -16.35 -4.41
C GLY E 66 11.95 -17.51 -5.25
N VAL E 67 12.43 -17.24 -6.44
CA VAL E 67 12.70 -18.31 -7.38
C VAL E 67 14.02 -18.05 -8.09
N ASP E 68 14.77 -19.11 -8.33
CA ASP E 68 16.02 -19.05 -9.08
C ASP E 68 16.03 -20.22 -10.06
N PHE E 69 16.75 -20.07 -11.15
CA PHE E 69 16.90 -21.18 -12.06
C PHE E 69 18.23 -21.12 -12.79
N LYS E 70 18.73 -22.29 -13.12
CA LYS E 70 19.97 -22.47 -13.86
C LYS E 70 19.68 -23.47 -14.97
N ILE E 71 20.44 -23.38 -16.04
CA ILE E 71 20.19 -24.21 -17.20
C ILE E 71 21.41 -25.06 -17.51
N ARG E 72 21.20 -26.35 -17.63
CA ARG E 72 22.21 -27.30 -18.02
C ARG E 72 21.63 -28.19 -19.10
N THR E 73 22.35 -28.35 -20.20
CA THR E 73 21.94 -29.23 -21.27
C THR E 73 22.71 -30.54 -21.10
N ILE E 74 22.00 -31.65 -21.24
CA ILE E 74 22.59 -32.96 -21.02
C ILE E 74 22.29 -33.87 -22.20
N GLU E 75 23.12 -34.91 -22.30
CA GLU E 75 22.97 -35.95 -23.29
C GLU E 75 22.29 -37.11 -22.60
N LEU E 76 21.25 -37.64 -23.20
CA LEU E 76 20.58 -38.77 -22.56
C LEU E 76 19.86 -39.56 -23.64
N ASP E 77 20.28 -40.82 -23.81
CA ASP E 77 19.70 -41.74 -24.79
C ASP E 77 19.78 -41.15 -26.21
N GLY E 78 20.90 -40.51 -26.51
CA GLY E 78 21.10 -39.91 -27.81
C GLY E 78 20.39 -38.60 -28.03
N LYS E 79 19.56 -38.17 -27.10
CA LYS E 79 18.81 -36.92 -27.25
C LYS E 79 19.46 -35.80 -26.44
N THR E 80 19.26 -34.58 -26.93
CA THR E 80 19.75 -33.36 -26.32
C THR E 80 18.61 -32.81 -25.48
N ILE E 81 18.80 -32.76 -24.17
CA ILE E 81 17.77 -32.31 -23.25
C ILE E 81 18.27 -31.07 -22.54
N LYS E 82 17.55 -29.97 -22.68
CA LYS E 82 17.89 -28.77 -21.94
C LYS E 82 17.11 -28.80 -20.65
N LEU E 83 17.81 -28.86 -19.53
CA LEU E 83 17.19 -28.85 -18.22
C LEU E 83 17.24 -27.45 -17.64
N GLN E 84 16.07 -26.89 -17.36
CA GLN E 84 15.95 -25.64 -16.62
C GLN E 84 15.54 -26.00 -15.19
N ILE E 85 16.52 -26.10 -14.30
CA ILE E 85 16.30 -26.51 -12.93
C ILE E 85 16.02 -25.28 -12.07
N TRP E 86 14.90 -25.29 -11.36
CA TRP E 86 14.43 -24.18 -10.57
C TRP E 86 14.64 -24.45 -9.09
N ASP E 87 15.10 -23.45 -8.38
CA ASP E 87 15.41 -23.51 -6.96
C ASP E 87 14.45 -22.56 -6.27
N THR E 88 13.87 -23.00 -5.16
CA THR E 88 12.81 -22.24 -4.51
C THR E 88 13.12 -21.98 -3.05
N ALA E 89 12.37 -21.04 -2.49
CA ALA E 89 12.52 -20.69 -1.09
C ALA E 89 11.94 -21.79 -0.23
N GLY E 90 12.74 -22.27 0.71
CA GLY E 90 12.28 -23.30 1.61
C GLY E 90 11.80 -22.72 2.90
N LEU E 91 12.20 -21.50 3.22
CA LEU E 91 11.74 -20.85 4.44
C LEU E 91 10.27 -20.48 4.37
N GLU E 92 9.55 -20.87 5.42
CA GLU E 92 8.14 -20.55 5.59
C GLU E 92 7.86 -19.06 5.45
N ARG E 93 8.80 -18.21 5.87
CA ARG E 93 8.61 -16.77 5.77
C ARG E 93 8.39 -16.31 4.34
N PHE E 94 8.98 -17.00 3.36
CA PHE E 94 8.87 -16.64 1.96
C PHE E 94 7.98 -17.59 1.19
N ARG E 95 7.24 -18.43 1.88
CA ARG E 95 6.32 -19.38 1.27
C ARG E 95 4.88 -18.95 1.54
N THR E 96 3.98 -19.52 0.75
CA THR E 96 2.56 -19.19 0.77
C THR E 96 1.79 -20.48 0.61
N ILE E 97 0.47 -20.40 0.69
CA ILE E 97 -0.33 -21.60 0.50
C ILE E 97 -0.39 -21.94 -0.96
N THR E 98 -0.79 -20.98 -1.78
CA THR E 98 -0.79 -21.16 -3.21
C THR E 98 0.65 -21.13 -3.68
N SER E 99 0.93 -21.85 -4.76
CA SER E 99 2.29 -21.88 -5.29
C SER E 99 2.23 -22.01 -6.79
N SER E 100 2.71 -20.97 -7.48
CA SER E 100 2.73 -20.92 -8.93
C SER E 100 3.91 -21.65 -9.53
N TYR E 101 4.95 -21.85 -8.75
CA TYR E 101 6.19 -22.42 -9.27
C TYR E 101 6.03 -23.85 -9.76
N TYR E 102 5.14 -24.64 -9.14
CA TYR E 102 4.94 -26.00 -9.61
C TYR E 102 4.34 -26.05 -11.00
N ARG E 103 3.74 -24.97 -11.47
CA ARG E 103 3.11 -24.95 -12.78
C ARG E 103 4.14 -25.10 -13.88
N GLY E 104 3.86 -25.99 -14.83
CA GLY E 104 4.78 -26.21 -15.92
C GLY E 104 6.01 -26.99 -15.61
N ALA E 105 6.15 -27.52 -14.40
CA ALA E 105 7.29 -28.34 -14.07
C ALA E 105 7.04 -29.77 -14.50
N HIS E 106 8.00 -30.35 -15.22
CA HIS E 106 7.94 -31.73 -15.63
C HIS E 106 8.38 -32.68 -14.54
N GLY E 107 9.16 -32.20 -13.59
CA GLY E 107 9.65 -33.06 -12.53
C GLY E 107 10.00 -32.24 -11.32
N ILE E 108 9.82 -32.82 -10.15
CA ILE E 108 10.05 -32.12 -8.90
C ILE E 108 10.90 -33.00 -8.01
N ILE E 109 11.97 -32.43 -7.50
CA ILE E 109 12.86 -33.06 -6.55
C ILE E 109 12.49 -32.56 -5.17
N VAL E 110 12.16 -33.49 -4.29
CA VAL E 110 11.83 -33.18 -2.92
C VAL E 110 13.08 -33.50 -2.13
N VAL E 111 13.76 -32.47 -1.70
CA VAL E 111 15.04 -32.60 -1.01
C VAL E 111 14.79 -32.53 0.48
N TYR E 112 15.37 -33.45 1.21
CA TYR E 112 15.38 -33.45 2.66
C TYR E 112 16.83 -33.60 3.08
N ASP E 113 17.12 -33.13 4.28
CA ASP E 113 18.43 -33.28 4.86
C ASP E 113 18.47 -34.57 5.68
N VAL E 114 19.35 -35.50 5.29
CA VAL E 114 19.40 -36.81 5.97
C VAL E 114 19.78 -36.69 7.43
N THR E 115 20.39 -35.57 7.82
CA THR E 115 20.71 -35.28 9.21
C THR E 115 19.57 -34.60 9.96
N ASP E 116 18.50 -34.22 9.27
CA ASP E 116 17.38 -33.48 9.82
C ASP E 116 16.10 -34.27 9.65
N GLN E 117 15.61 -34.87 10.74
CA GLN E 117 14.39 -35.67 10.69
C GLN E 117 13.18 -34.83 10.29
N GLU E 118 13.06 -33.63 10.83
CA GLU E 118 11.92 -32.76 10.48
C GLU E 118 11.82 -32.51 8.99
N SER E 119 12.96 -32.37 8.31
CA SER E 119 12.94 -32.18 6.86
C SER E 119 12.32 -33.39 6.17
N PHE E 120 12.67 -34.59 6.61
CA PHE E 120 12.10 -35.81 6.03
C PHE E 120 10.63 -35.93 6.35
N ASN E 121 10.24 -35.62 7.58
CA ASN E 121 8.82 -35.67 7.93
C ASN E 121 7.99 -34.75 7.04
N ASN E 122 8.49 -33.54 6.79
CA ASN E 122 7.80 -32.58 5.95
C ASN E 122 7.72 -33.00 4.49
N VAL E 123 8.44 -34.03 4.05
CA VAL E 123 8.30 -34.51 2.68
C VAL E 123 6.86 -34.82 2.37
N LYS E 124 6.13 -35.39 3.33
CA LYS E 124 4.70 -35.62 3.14
C LYS E 124 4.00 -34.31 2.81
N GLN E 125 4.24 -33.28 3.61
CA GLN E 125 3.68 -31.96 3.33
C GLN E 125 4.05 -31.48 1.94
N TRP E 126 5.33 -31.60 1.57
CA TRP E 126 5.78 -31.20 0.24
C TRP E 126 5.13 -32.00 -0.87
N LEU E 127 4.85 -33.28 -0.64
CA LEU E 127 4.19 -34.07 -1.66
C LEU E 127 2.73 -33.65 -1.85
N GLN E 128 2.06 -33.24 -0.78
CA GLN E 128 0.72 -32.69 -0.90
C GLN E 128 0.70 -31.41 -1.71
N GLU E 129 1.69 -30.54 -1.53
CA GLU E 129 1.79 -29.36 -2.38
C GLU E 129 2.03 -29.75 -3.84
N ILE E 130 2.83 -30.78 -4.06
CA ILE E 130 3.04 -31.27 -5.41
C ILE E 130 1.73 -31.77 -5.99
N ASP E 131 1.03 -32.60 -5.24
CA ASP E 131 -0.23 -33.18 -5.72
C ASP E 131 -1.27 -32.12 -6.06
N ARG E 132 -1.43 -31.11 -5.23
CA ARG E 132 -2.46 -30.13 -5.54
C ARG E 132 -2.02 -29.02 -6.49
N TYR E 133 -0.73 -28.72 -6.60
CA TYR E 133 -0.28 -27.60 -7.43
C TYR E 133 0.49 -27.98 -8.67
N ALA E 134 1.23 -29.09 -8.66
CA ALA E 134 1.94 -29.53 -9.84
C ALA E 134 0.98 -30.22 -10.82
N SER E 135 1.52 -30.62 -11.96
CA SER E 135 0.78 -31.42 -12.92
C SER E 135 0.37 -32.76 -12.32
N GLU E 136 -0.73 -33.31 -12.85
CA GLU E 136 -1.19 -34.61 -12.39
C GLU E 136 -0.15 -35.69 -12.58
N ASN E 137 0.65 -35.62 -13.65
CA ASN E 137 1.60 -36.67 -13.97
C ASN E 137 3.03 -36.20 -13.84
N VAL E 138 3.26 -35.15 -13.05
CA VAL E 138 4.60 -34.66 -12.82
C VAL E 138 5.46 -35.79 -12.27
N ASN E 139 6.74 -35.78 -12.62
CA ASN E 139 7.66 -36.75 -12.09
C ASN E 139 8.22 -36.27 -10.76
N LYS E 140 8.57 -37.22 -9.92
CA LYS E 140 9.00 -36.96 -8.56
C LYS E 140 10.29 -37.70 -8.26
N LEU E 141 10.97 -37.21 -7.24
CA LEU E 141 12.25 -37.78 -6.84
C LEU E 141 12.55 -37.32 -5.43
N LEU E 142 12.73 -38.25 -4.53
CA LEU E 142 13.05 -37.92 -3.16
C LEU E 142 14.56 -37.95 -3.05
N VAL E 143 15.13 -36.85 -2.63
CA VAL E 143 16.57 -36.72 -2.49
C VAL E 143 16.92 -36.46 -1.04
N GLY E 144 17.74 -37.33 -0.46
CA GLY E 144 18.28 -37.09 0.85
C GLY E 144 19.67 -36.51 0.74
N ASN E 145 19.78 -35.19 0.84
CA ASN E 145 21.07 -34.55 0.72
C ASN E 145 21.83 -34.61 2.04
N LYS E 146 23.13 -34.31 1.96
CA LYS E 146 24.07 -34.31 3.07
C LYS E 146 24.40 -35.71 3.56
N CYS E 147 24.36 -36.68 2.65
CA CYS E 147 24.72 -38.04 3.01
C CYS E 147 26.17 -38.16 3.44
N ASP E 148 27.00 -37.17 3.11
CA ASP E 148 28.38 -37.13 3.57
C ASP E 148 28.49 -36.92 5.08
N LEU E 149 27.43 -36.45 5.73
CA LEU E 149 27.40 -36.30 7.17
C LEU E 149 26.92 -37.62 7.79
N THR E 150 27.80 -38.62 7.73
CA THR E 150 27.45 -39.95 8.21
C THR E 150 27.32 -40.03 9.72
N THR E 151 28.08 -39.22 10.46
CA THR E 151 27.96 -39.25 11.90
C THR E 151 26.68 -38.60 12.39
N LYS E 152 26.20 -37.57 11.69
CA LYS E 152 24.99 -36.86 12.06
C LYS E 152 23.74 -37.40 11.38
N LYS E 153 23.84 -38.43 10.55
CA LYS E 153 22.68 -38.95 9.85
C LYS E 153 21.67 -39.52 10.84
N VAL E 154 20.41 -39.17 10.64
CA VAL E 154 19.33 -39.64 11.51
C VAL E 154 18.28 -40.38 10.71
N VAL E 155 18.17 -40.07 9.42
CA VAL E 155 17.20 -40.73 8.54
C VAL E 155 17.93 -41.81 7.78
N ASP E 156 17.62 -43.06 8.07
CA ASP E 156 18.30 -44.18 7.44
C ASP E 156 17.82 -44.40 6.02
N TYR E 157 18.72 -44.91 5.17
CA TYR E 157 18.37 -45.17 3.78
C TYR E 157 17.15 -46.07 3.66
N THR E 158 17.05 -47.08 4.53
CA THR E 158 15.92 -47.98 4.50
C THR E 158 14.62 -47.27 4.84
N THR E 159 14.64 -46.41 5.86
CA THR E 159 13.45 -45.66 6.23
C THR E 159 12.93 -44.81 5.08
N ALA E 160 13.83 -44.14 4.36
CA ALA E 160 13.44 -43.31 3.23
C ALA E 160 13.13 -44.12 1.98
N LYS E 161 13.87 -45.19 1.74
CA LYS E 161 13.61 -46.02 0.57
C LYS E 161 12.26 -46.70 0.67
N GLU E 162 11.90 -47.19 1.85
CA GLU E 162 10.57 -47.78 2.04
C GLU E 162 9.48 -46.74 1.87
N PHE E 163 9.70 -45.53 2.41
CA PHE E 163 8.75 -44.44 2.21
C PHE E 163 8.61 -44.07 0.74
N ALA E 164 9.73 -43.88 0.05
CA ALA E 164 9.68 -43.55 -1.37
C ALA E 164 9.06 -44.66 -2.20
N ASP E 165 9.42 -45.91 -1.93
CA ASP E 165 8.86 -47.03 -2.67
C ASP E 165 7.37 -47.20 -2.42
N SER E 166 6.87 -46.84 -1.25
CA SER E 166 5.44 -46.92 -1.03
C SER E 166 4.70 -45.98 -1.97
N LEU E 167 5.29 -44.81 -2.24
CA LEU E 167 4.74 -43.84 -3.16
C LEU E 167 5.20 -44.04 -4.60
N GLY E 168 6.21 -44.86 -4.82
CA GLY E 168 6.69 -45.15 -6.16
C GLY E 168 7.68 -44.15 -6.71
N ILE E 169 7.96 -43.07 -5.99
CA ILE E 169 8.91 -42.05 -6.43
C ILE E 169 10.34 -42.57 -6.30
N PRO E 170 11.22 -42.30 -7.25
CA PRO E 170 12.63 -42.68 -7.10
C PRO E 170 13.28 -41.95 -5.93
N PHE E 171 14.30 -42.57 -5.37
CA PHE E 171 14.95 -42.02 -4.20
C PHE E 171 16.45 -42.14 -4.37
N LEU E 172 17.16 -41.05 -4.06
CA LEU E 172 18.61 -41.07 -4.02
C LEU E 172 19.07 -40.32 -2.80
N GLU E 173 20.26 -40.65 -2.36
CA GLU E 173 20.92 -39.93 -1.30
C GLU E 173 22.09 -39.24 -1.98
N THR E 174 22.04 -37.93 -2.01
CA THR E 174 23.01 -37.14 -2.75
C THR E 174 23.85 -36.37 -1.76
N SER E 175 24.88 -35.72 -2.29
CA SER E 175 25.66 -34.80 -1.47
C SER E 175 26.24 -33.73 -2.37
N ALA E 176 25.79 -32.50 -2.18
CA ALA E 176 26.35 -31.40 -2.92
C ALA E 176 27.77 -31.07 -2.48
N LYS E 177 28.14 -31.40 -1.24
CA LYS E 177 29.46 -31.08 -0.73
C LYS E 177 30.56 -31.83 -1.46
N ASN E 178 30.40 -33.14 -1.64
CA ASN E 178 31.38 -33.97 -2.33
C ASN E 178 30.84 -34.57 -3.62
N ALA E 179 29.86 -33.90 -4.21
CA ALA E 179 29.29 -34.23 -5.52
C ALA E 179 28.69 -35.63 -5.59
N THR E 180 28.46 -36.28 -4.45
CA THR E 180 28.03 -37.67 -4.45
C THR E 180 26.63 -37.80 -5.03
N ASN E 181 26.53 -38.45 -6.18
CA ASN E 181 25.26 -38.88 -6.75
C ASN E 181 24.36 -37.74 -7.18
N VAL E 182 24.88 -36.52 -7.25
CA VAL E 182 24.09 -35.36 -7.65
C VAL E 182 23.75 -35.41 -9.13
N GLU E 183 24.73 -35.75 -9.96
CA GLU E 183 24.49 -35.87 -11.39
C GLU E 183 23.43 -36.92 -11.69
N GLN E 184 23.59 -38.11 -11.11
CA GLN E 184 22.65 -39.18 -11.37
C GLN E 184 21.24 -38.86 -10.91
N SER E 185 21.08 -38.02 -9.89
CA SER E 185 19.73 -37.69 -9.46
C SER E 185 19.00 -36.88 -10.53
N PHE E 186 19.70 -35.93 -11.17
CA PHE E 186 19.10 -35.20 -12.28
C PHE E 186 19.00 -36.06 -13.53
N MET E 187 20.02 -36.89 -13.79
CA MET E 187 19.95 -37.77 -14.94
C MET E 187 18.77 -38.71 -14.82
N THR E 188 18.48 -39.18 -13.60
CA THR E 188 17.32 -40.02 -13.36
C THR E 188 16.03 -39.28 -13.69
N MET E 189 15.84 -38.10 -13.11
CA MET E 189 14.67 -37.29 -13.42
C MET E 189 14.52 -37.04 -14.91
N ALA E 190 15.57 -36.53 -15.56
CA ALA E 190 15.51 -36.31 -16.99
C ALA E 190 15.15 -37.56 -17.77
N ALA E 191 15.69 -38.70 -17.36
CA ALA E 191 15.38 -39.96 -18.02
C ALA E 191 13.94 -40.38 -17.77
N GLU E 192 13.44 -40.16 -16.56
CA GLU E 192 12.08 -40.57 -16.26
C GLU E 192 11.08 -39.68 -16.98
N ILE E 193 11.32 -38.36 -17.00
CA ILE E 193 10.47 -37.48 -17.78
C ILE E 193 10.51 -37.85 -19.25
N LYS E 194 11.70 -38.13 -19.79
CA LYS E 194 11.80 -38.54 -21.18
C LYS E 194 11.01 -39.82 -21.44
N LYS E 195 11.06 -40.76 -20.50
CA LYS E 195 10.24 -41.96 -20.61
C LYS E 195 8.75 -41.63 -20.59
N ARG E 196 8.39 -40.49 -20.00
CA ARG E 196 6.99 -40.08 -19.90
C ARG E 196 6.53 -39.41 -21.18
N MET E 197 7.40 -38.65 -21.82
CA MET E 197 7.02 -37.90 -23.02
C MET E 197 6.69 -38.85 -24.15
PG GTP F . -58.02 18.57 30.99
O1G GTP F . -59.00 18.84 32.07
O2G GTP F . -58.52 19.01 29.67
O3G GTP F . -56.77 19.33 31.22
O3B GTP F . -57.57 17.05 30.94
PB GTP F . -56.88 16.24 32.12
O1B GTP F . -55.43 16.55 32.18
O2B GTP F . -57.59 16.30 33.42
O3A GTP F . -57.18 14.81 31.50
PA GTP F . -57.18 14.61 29.93
O1A GTP F . -58.51 14.95 29.33
O2A GTP F . -56.09 15.36 29.27
O5' GTP F . -56.95 13.05 29.86
C5' GTP F . -57.33 12.13 30.86
C4' GTP F . -56.11 11.67 31.63
O4' GTP F . -55.46 10.74 30.81
C3' GTP F . -55.12 12.74 32.00
O3' GTP F . -55.35 13.22 33.29
C2' GTP F . -53.84 12.00 32.02
O2' GTP F . -53.72 11.43 33.29
C1' GTP F . -54.08 10.94 30.97
N9 GTP F . -53.44 11.42 29.74
C8 GTP F . -53.87 12.33 28.84
N7 GTP F . -52.90 12.51 27.96
C5 GTP F . -51.83 11.77 28.31
C6 GTP F . -50.56 11.59 27.77
O6 GTP F . -50.21 12.16 26.75
N1 GTP F . -49.69 10.76 28.39
C2 GTP F . -50.05 10.10 29.51
N2 GTP F . -49.21 9.29 30.11
N3 GTP F . -51.29 10.28 30.04
C4 GTP F . -52.16 11.11 29.44
MG MG G . -56.01 17.37 29.48
C1 MYR H . -71.05 24.70 26.83
O1 MYR H . -71.95 23.86 27.02
O2 MYR H . -70.71 25.62 27.60
C2 MYR H . -70.30 24.62 25.48
C3 MYR H . -68.79 24.77 25.56
C4 MYR H . -68.13 24.65 24.21
C5 MYR H . -66.63 24.39 24.27
C6 MYR H . -66.05 24.19 22.88
C7 MYR H . -64.69 23.52 22.85
C8 MYR H . -64.16 23.32 21.45
C9 MYR H . -62.79 22.67 21.45
C10 MYR H . -62.39 22.05 20.13
C11 MYR H . -62.10 23.08 19.04
C12 MYR H . -62.10 22.47 17.65
C13 MYR H . -61.66 23.46 16.61
C14 MYR H . -61.93 22.96 15.19
PG GTP I . 16.98 -22.43 1.16
O1G GTP I . 16.69 -21.46 2.25
O2G GTP I . 15.69 -23.05 0.72
O3G GTP I . 17.69 -21.80 -0.02
O3B GTP I . 17.94 -23.56 1.72
PB GTP I . 18.64 -24.49 0.64
O1B GTP I . 17.80 -25.70 0.43
O2B GTP I . 18.91 -23.74 -0.64
O3A GTP I . 19.96 -24.97 1.34
PA GTP I . 21.39 -24.50 0.82
O1A GTP I . 21.62 -25.10 -0.51
O2A GTP I . 21.62 -23.03 0.87
O5' GTP I . 22.25 -25.29 1.89
C5' GTP I . 22.20 -24.88 3.23
C4' GTP I . 23.57 -25.15 3.81
O4' GTP I . 23.72 -26.50 4.14
C3' GTP I . 24.71 -24.75 2.91
O3' GTP I . 25.17 -23.45 3.17
C2' GTP I . 25.78 -25.73 3.27
O2' GTP I . 26.54 -25.18 4.31
C1' GTP I . 25.03 -26.93 3.81
N9 GTP I . 24.95 -27.99 2.82
C8 GTP I . 24.28 -27.98 1.63
N7 GTP I . 24.50 -29.15 1.02
C5 GTP I . 25.30 -29.91 1.79
C6 GTP I . 25.83 -31.18 1.66
O6 GTP I . 25.60 -31.86 0.69
N1 GTP I . 26.62 -31.70 2.65
C2 GTP I . 26.89 -30.95 3.76
N2 GTP I . 27.66 -31.46 4.71
N3 GTP I . 26.36 -29.69 3.90
C4 GTP I . 25.59 -29.19 2.92
MG MG J . 18.01 -22.29 -2.50
#